data_2XLU
#
_entry.id   2XLU
#
_cell.length_a   220.679
_cell.length_b   220.679
_cell.length_c   130.531
_cell.angle_alpha   90.00
_cell.angle_beta   90.00
_cell.angle_gamma   120.00
#
_symmetry.space_group_name_H-M   'P 61'
#
loop_
_entity.id
_entity.type
_entity.pdbx_description
1 polymer 'FLAVIN-CONTAINING MONOOXYGENASE'
2 non-polymer 'FLAVIN-ADENINE DINUCLEOTIDE'
3 non-polymer '[(2R,3R,4R,5R)-5-(6-AMINO-9H-PURIN-9-YL)-3-HYDROXY-4-(PHOSPHONOOXY)TETRAHYDROFURAN-2-YL]METHYL [(2R,3S,4S)-3,4-DIHYDROXYTETRAHYDROFURAN-2-YL]METHYL DIHYDROGEN DIPHOSPHATE'
4 non-polymer '4-(2-HYDROXYETHYL)-1-PIPERAZINE ETHANESULFONIC ACID'
5 non-polymer DI(HYDROXYETHYL)ETHER
6 water water
#
_entity_poly.entity_id   1
_entity_poly.type   'polypeptide(L)'
_entity_poly.pdbx_seq_one_letter_code
;GAMGSMATRIAILGAGPSGMAQLRAFQSAQEKGAEIPELVCFEKQADWGGQWNYTWRTGLDENGEPVHSSMYRYLWSNGP
KECLEFADYTFDEHFGKPIASYPPREVLWDYIKGRVEKAGVRKYIRFNTAVRHVEFNEDSQTFTVTVQDHTTDTIYSAAF
DYVVCCTGHFSTPYVPEFEGFEKFGGRILHAHDFRDALEFKDKTVLLVGSSYSAEDIGSQCYKYGAKKLISCYRTAPMGY
KWPENWDERPNLVRVDTENAYFADGSSEKVDAIILCTGYIHHFPFLNDDLRLVTNNRLWPLNLYKGVVWEDNPKFFYIGM
QDQWYSFNMFDAQAWYARDVIMGRLPLPSKEEMKADSMAWREKELTLVTAEEMYTYQGDYIQNLIDMTDYPSFDIPATNK
TFLEWKHHKKENIMTFRDHSYRSLMTGTMAPKHHTPWIDALDDSLEAYLSDKSEIPVAKEA
;
_entity_poly.pdbx_strand_id   A,B,C,D
#
# COMPACT_ATOMS: atom_id res chain seq x y z
N MET A 6 26.15 5.91 -6.63
CA MET A 6 27.13 6.28 -5.50
C MET A 6 27.17 5.17 -4.40
N ALA A 7 28.36 4.89 -3.87
CA ALA A 7 28.62 3.74 -2.96
C ALA A 7 27.84 3.71 -1.59
N THR A 8 27.56 4.91 -1.06
CA THR A 8 26.94 5.04 0.24
C THR A 8 25.39 4.80 0.29
N ARG A 9 24.87 4.58 1.49
CA ARG A 9 23.45 4.31 1.67
C ARG A 9 22.89 5.16 2.84
N ILE A 10 21.77 5.86 2.61
CA ILE A 10 21.20 6.82 3.59
C ILE A 10 19.81 6.44 4.11
N ALA A 11 19.61 6.50 5.42
CA ALA A 11 18.25 6.38 6.01
C ALA A 11 17.71 7.74 6.36
N ILE A 12 16.45 7.94 6.00
CA ILE A 12 15.64 9.10 6.36
C ILE A 12 14.52 8.63 7.26
N LEU A 13 14.48 9.17 8.48
CA LEU A 13 13.50 8.74 9.49
C LEU A 13 12.35 9.74 9.48
N GLY A 14 11.23 9.35 8.86
CA GLY A 14 10.03 10.18 8.76
C GLY A 14 9.79 10.84 7.41
N ALA A 15 8.53 10.93 6.98
CA ALA A 15 8.17 11.56 5.68
C ALA A 15 7.19 12.68 5.89
N GLY A 16 7.41 13.54 6.90
CA GLY A 16 6.69 14.79 6.97
C GLY A 16 7.41 15.80 6.10
N PRO A 17 7.12 17.11 6.28
CA PRO A 17 7.79 18.13 5.42
C PRO A 17 9.31 18.00 5.41
N SER A 18 9.90 17.61 6.55
CA SER A 18 11.35 17.48 6.62
C SER A 18 11.88 16.27 5.84
N GLY A 19 11.37 15.07 6.13
CA GLY A 19 11.64 13.92 5.31
C GLY A 19 11.43 14.18 3.83
N MET A 20 10.29 14.75 3.50
CA MET A 20 10.02 15.13 2.11
C MET A 20 11.11 16.07 1.55
N ALA A 21 11.53 17.11 2.30
CA ALA A 21 12.53 18.02 1.81
C ALA A 21 13.90 17.27 1.65
N GLN A 22 14.23 16.38 2.59
CA GLN A 22 15.43 15.61 2.42
C GLN A 22 15.42 14.81 1.08
N LEU A 23 14.36 14.06 0.79
CA LEU A 23 14.26 13.38 -0.50
C LEU A 23 14.40 14.38 -1.66
N ARG A 24 13.56 15.42 -1.62
CA ARG A 24 13.59 16.45 -2.62
C ARG A 24 14.98 17.02 -2.81
N ALA A 25 15.74 17.27 -1.76
CA ALA A 25 17.11 17.78 -2.01
C ALA A 25 17.98 16.83 -2.86
N PHE A 26 17.87 15.52 -2.65
CA PHE A 26 18.76 14.59 -3.33
C PHE A 26 18.22 14.48 -4.75
N GLN A 27 16.92 14.29 -4.91
CA GLN A 27 16.33 14.29 -6.23
C GLN A 27 16.76 15.52 -7.07
N SER A 28 16.75 16.71 -6.48
CA SER A 28 17.27 17.88 -7.20
C SER A 28 18.70 17.82 -7.65
N ALA A 29 19.62 17.32 -6.83
CA ALA A 29 21.02 17.16 -7.22
C ALA A 29 21.15 16.21 -8.38
N GLN A 30 20.52 15.03 -8.31
CA GLN A 30 20.51 14.04 -9.38
C GLN A 30 19.92 14.58 -10.68
N GLU A 31 18.90 15.42 -10.58
CA GLU A 31 18.31 16.02 -11.75
C GLU A 31 19.33 16.96 -12.41
N LYS A 32 20.16 17.62 -11.62
CA LYS A 32 21.13 18.50 -12.24
C LYS A 32 22.35 17.74 -12.66
N GLY A 33 22.28 16.42 -12.47
CA GLY A 33 23.21 15.47 -13.09
C GLY A 33 24.21 14.75 -12.18
N ALA A 34 24.11 14.97 -10.87
CA ALA A 34 24.97 14.30 -9.86
C ALA A 34 24.62 12.83 -9.59
N GLU A 35 25.63 12.05 -9.26
CA GLU A 35 25.43 10.73 -8.72
C GLU A 35 25.05 10.87 -7.22
N ILE A 36 23.91 10.31 -6.80
CA ILE A 36 23.49 10.41 -5.40
C ILE A 36 23.60 9.08 -4.67
N PRO A 37 23.58 9.10 -3.32
CA PRO A 37 23.61 7.86 -2.50
C PRO A 37 22.34 7.02 -2.69
N GLU A 38 22.29 5.80 -2.21
CA GLU A 38 21.00 5.10 -2.23
C GLU A 38 20.17 5.74 -1.12
N LEU A 39 18.83 5.76 -1.25
CA LEU A 39 17.99 6.35 -0.20
C LEU A 39 16.90 5.38 0.28
N VAL A 40 16.80 5.20 1.60
CA VAL A 40 15.61 4.58 2.16
C VAL A 40 15.01 5.46 3.28
N CYS A 41 13.75 5.84 3.09
CA CYS A 41 12.99 6.58 4.07
C CYS A 41 11.92 5.69 4.69
N PHE A 42 11.85 5.74 6.02
CA PHE A 42 10.85 5.02 6.79
C PHE A 42 9.73 5.93 7.36
N GLU A 43 8.48 5.47 7.29
CA GLU A 43 7.36 6.27 7.80
C GLU A 43 6.30 5.35 8.40
N LYS A 44 5.89 5.67 9.62
CA LYS A 44 5.02 4.81 10.38
C LYS A 44 3.56 4.91 9.95
N GLN A 45 3.22 6.10 9.41
CA GLN A 45 1.89 6.37 8.85
C GLN A 45 1.72 5.75 7.47
N ALA A 46 0.49 5.79 6.95
CA ALA A 46 0.19 5.18 5.65
C ALA A 46 0.41 6.15 4.51
N ASP A 47 0.72 7.42 4.81
CA ASP A 47 0.91 8.39 3.73
C ASP A 47 1.78 9.51 4.23
N TRP A 48 2.31 10.32 3.33
CA TRP A 48 3.23 11.37 3.75
C TRP A 48 2.58 12.67 4.20
N GLY A 49 3.40 13.58 4.74
CA GLY A 49 2.95 14.92 5.05
C GLY A 49 3.00 15.24 6.52
N GLY A 50 3.21 14.22 7.37
CA GLY A 50 3.50 14.47 8.80
C GLY A 50 2.35 15.00 9.62
N GLN A 51 2.57 16.09 10.33
CA GLN A 51 1.48 16.81 11.00
C GLN A 51 0.27 17.09 10.05
N TRP A 52 0.54 17.48 8.80
CA TRP A 52 -0.50 17.82 7.84
C TRP A 52 -1.39 16.67 7.35
N ASN A 53 -0.97 15.42 7.57
CA ASN A 53 -1.84 14.27 7.35
C ASN A 53 -2.80 14.06 8.51
N TYR A 54 -4.06 14.41 8.28
CA TYR A 54 -5.07 14.40 9.32
C TYR A 54 -5.47 12.94 9.65
N THR A 55 -5.83 12.69 10.90
CA THR A 55 -6.41 11.42 11.29
C THR A 55 -7.33 11.73 12.42
N TRP A 56 -8.35 10.88 12.53
CA TRP A 56 -9.35 11.04 13.53
C TRP A 56 -8.84 10.31 14.75
N ARG A 57 -7.77 9.55 14.56
CA ARG A 57 -7.25 8.71 15.63
C ARG A 57 -6.57 9.48 16.75
N THR A 58 -6.40 8.80 17.87
CA THR A 58 -6.04 9.46 19.10
C THR A 58 -5.27 8.47 19.98
N GLY A 59 -4.23 8.97 20.67
CA GLY A 59 -3.45 8.12 21.58
C GLY A 59 -2.54 7.19 20.83
N LEU A 60 -3.07 6.02 20.51
CA LEU A 60 -2.37 4.98 19.77
C LEU A 60 -3.09 4.63 18.45
N ASP A 61 -2.32 4.52 17.36
CA ASP A 61 -2.88 4.25 16.01
C ASP A 61 -3.26 2.78 15.78
N GLU A 62 -3.66 2.42 14.56
CA GLU A 62 -4.16 1.06 14.35
C GLU A 62 -3.13 -0.04 14.55
N ASN A 63 -1.85 0.30 14.59
CA ASN A 63 -0.83 -0.72 14.81
C ASN A 63 -0.25 -0.66 16.20
N GLY A 64 -0.77 0.25 17.03
CA GLY A 64 -0.22 0.46 18.35
C GLY A 64 0.88 1.51 18.41
N GLU A 65 1.22 2.15 17.33
CA GLU A 65 2.22 3.23 17.48
C GLU A 65 1.59 4.51 18.00
N PRO A 66 2.34 5.29 18.75
CA PRO A 66 1.80 6.59 19.15
C PRO A 66 1.27 7.34 17.95
N VAL A 67 0.10 7.93 18.06
CA VAL A 67 -0.53 8.65 16.96
C VAL A 67 0.32 9.89 16.77
N HIS A 68 0.52 10.29 15.53
CA HIS A 68 1.55 11.28 15.40
C HIS A 68 1.03 12.69 15.34
N SER A 69 0.01 12.90 14.50
CA SER A 69 -0.45 14.22 14.20
C SER A 69 -1.23 14.89 15.34
N SER A 70 -0.96 16.19 15.51
CA SER A 70 -1.57 17.00 16.53
C SER A 70 -2.66 17.91 15.96
N MET A 71 -3.01 17.67 14.70
CA MET A 71 -3.86 18.59 13.94
C MET A 71 -5.32 18.20 14.01
N TYR A 72 -6.14 19.23 13.92
CA TYR A 72 -7.60 19.12 14.17
C TYR A 72 -8.44 19.65 13.03
N ARG A 73 -9.73 19.29 12.99
CA ARG A 73 -10.62 19.85 11.95
C ARG A 73 -10.58 21.34 12.04
N TYR A 74 -10.71 21.97 10.89
CA TYR A 74 -10.84 23.43 10.83
C TYR A 74 -9.54 24.16 11.07
N LEU A 75 -8.42 23.42 11.11
CA LEU A 75 -7.11 24.05 11.28
C LEU A 75 -6.75 24.73 10.01
N TRP A 76 -6.22 25.93 10.12
CA TRP A 76 -5.73 26.72 8.99
C TRP A 76 -4.39 27.27 9.42
N SER A 77 -3.56 27.57 8.44
CA SER A 77 -2.28 28.18 8.63
C SER A 77 -2.32 29.29 9.66
N ASN A 78 -1.35 29.33 10.58
CA ASN A 78 -1.31 30.50 11.49
C ASN A 78 -0.35 31.60 11.18
N GLY A 79 0.44 31.41 10.14
CA GLY A 79 1.30 32.43 9.64
C GLY A 79 1.02 32.61 8.17
N PRO A 80 1.52 33.70 7.62
CA PRO A 80 1.30 33.91 6.20
C PRO A 80 1.84 32.73 5.34
N LYS A 81 1.01 32.11 4.50
CA LYS A 81 1.54 31.13 3.54
C LYS A 81 2.79 31.70 2.79
N GLU A 82 2.83 33.00 2.61
CA GLU A 82 3.95 33.62 1.95
C GLU A 82 5.29 33.51 2.68
N CYS A 83 5.29 33.31 4.00
CA CYS A 83 6.52 33.02 4.78
C CYS A 83 6.95 31.55 4.80
N LEU A 84 6.16 30.67 4.18
CA LEU A 84 6.53 29.27 4.19
C LEU A 84 6.62 28.59 2.80
N GLU A 85 6.59 29.41 1.74
CA GLU A 85 6.57 28.98 0.33
C GLU A 85 7.92 28.40 -0.05
N PHE A 86 7.93 27.27 -0.74
CA PHE A 86 9.16 26.73 -1.24
C PHE A 86 9.75 27.69 -2.26
N ALA A 87 11.05 27.97 -2.15
CA ALA A 87 11.79 28.70 -3.19
C ALA A 87 11.85 27.93 -4.52
N ASP A 88 11.52 26.64 -4.53
CA ASP A 88 11.72 25.87 -5.77
C ASP A 88 10.42 25.27 -6.32
N TYR A 89 9.31 25.66 -5.74
CA TYR A 89 8.01 25.10 -6.07
C TYR A 89 6.97 26.06 -5.50
N THR A 90 6.50 27.00 -6.34
CA THR A 90 5.71 28.14 -5.85
C THR A 90 4.23 27.80 -5.69
N PHE A 91 3.52 28.66 -4.96
CA PHE A 91 2.07 28.54 -4.89
C PHE A 91 1.44 28.75 -6.24
N ASP A 92 2.02 29.66 -7.02
CA ASP A 92 1.50 29.88 -8.39
C ASP A 92 1.56 28.58 -9.20
N GLU A 93 2.72 27.90 -9.15
CA GLU A 93 2.93 26.68 -9.87
C GLU A 93 2.02 25.60 -9.37
N HIS A 94 1.78 25.50 -8.07
CA HIS A 94 1.05 24.34 -7.61
C HIS A 94 -0.40 24.44 -7.95
N PHE A 95 -0.97 25.60 -7.72
CA PHE A 95 -2.45 25.79 -7.83
C PHE A 95 -2.89 26.38 -9.17
N GLY A 96 -1.90 26.88 -9.93
CA GLY A 96 -2.12 27.68 -11.17
C GLY A 96 -2.89 29.01 -11.06
N LYS A 97 -3.11 29.51 -9.86
CA LYS A 97 -3.87 30.75 -9.64
C LYS A 97 -3.60 31.33 -8.23
N PRO A 98 -3.79 32.63 -8.02
CA PRO A 98 -3.52 33.11 -6.63
C PRO A 98 -4.62 32.64 -5.65
N ILE A 99 -4.27 32.43 -4.38
CA ILE A 99 -5.24 32.05 -3.35
C ILE A 99 -5.00 32.92 -2.09
N ALA A 100 -5.92 32.90 -1.13
CA ALA A 100 -5.75 33.74 0.06
C ALA A 100 -4.53 33.35 0.92
N SER A 101 -4.25 34.10 1.99
CA SER A 101 -2.92 33.97 2.67
C SER A 101 -2.82 32.89 3.77
N TYR A 102 -3.96 32.44 4.30
CA TYR A 102 -3.96 31.47 5.39
C TYR A 102 -4.84 30.31 5.01
N PRO A 103 -4.31 29.37 4.25
CA PRO A 103 -5.09 28.22 3.75
C PRO A 103 -5.38 27.15 4.80
N PRO A 104 -6.50 26.43 4.67
CA PRO A 104 -6.77 25.23 5.52
C PRO A 104 -5.72 24.09 5.36
N ARG A 105 -5.55 23.32 6.42
CA ARG A 105 -4.78 22.11 6.42
C ARG A 105 -4.80 21.30 5.09
N GLU A 106 -5.98 20.94 4.60
CA GLU A 106 -6.04 20.11 3.43
C GLU A 106 -5.28 20.80 2.30
N VAL A 107 -5.30 22.12 2.32
CA VAL A 107 -4.80 22.88 1.19
C VAL A 107 -3.29 22.95 1.18
N LEU A 108 -2.66 23.19 2.34
CA LEU A 108 -1.19 23.08 2.39
C LEU A 108 -0.69 21.61 2.27
N TRP A 109 -1.42 20.67 2.87
CA TRP A 109 -1.19 19.24 2.60
C TRP A 109 -1.06 18.99 1.10
N ASP A 110 -2.06 19.39 0.32
CA ASP A 110 -2.02 19.23 -1.14
C ASP A 110 -0.74 19.84 -1.70
N TYR A 111 -0.42 21.04 -1.18
CA TYR A 111 0.75 21.76 -1.65
C TYR A 111 2.03 21.05 -1.31
N ILE A 112 2.29 20.70 -0.07
CA ILE A 112 3.56 20.00 0.14
C ILE A 112 3.66 18.63 -0.60
N LYS A 113 2.56 17.89 -0.77
CA LYS A 113 2.65 16.64 -1.51
C LYS A 113 2.93 16.87 -3.02
N GLY A 114 2.44 18.01 -3.54
CA GLY A 114 2.58 18.32 -4.96
C GLY A 114 4.03 18.32 -5.33
N ARG A 115 4.88 18.89 -4.49
CA ARG A 115 6.31 19.02 -4.83
C ARG A 115 6.97 17.62 -4.94
N VAL A 116 6.66 16.76 -3.98
CA VAL A 116 7.27 15.43 -3.99
C VAL A 116 6.58 14.50 -4.94
N GLU A 117 5.33 14.80 -5.31
CA GLU A 117 4.70 14.08 -6.40
C GLU A 117 5.45 14.37 -7.72
N LYS A 118 5.61 15.69 -8.02
CA LYS A 118 6.44 16.13 -9.13
C LYS A 118 7.80 15.48 -9.14
N ALA A 119 8.45 15.38 -8.00
CA ALA A 119 9.85 14.98 -7.93
C ALA A 119 10.06 13.46 -8.08
N GLY A 120 8.96 12.68 -8.01
CA GLY A 120 9.01 11.21 -8.09
C GLY A 120 9.67 10.49 -6.93
N VAL A 121 9.80 11.15 -5.81
CA VAL A 121 10.46 10.56 -4.66
C VAL A 121 9.69 9.57 -3.78
N ARG A 122 8.40 9.35 -4.06
CA ARG A 122 7.64 8.42 -3.24
C ARG A 122 8.28 7.05 -3.25
N LYS A 123 8.92 6.67 -4.35
CA LYS A 123 9.40 5.30 -4.53
C LYS A 123 10.45 4.95 -3.56
N TYR A 124 11.09 5.95 -2.96
CA TYR A 124 12.05 5.74 -1.84
C TYR A 124 11.46 5.36 -0.47
N ILE A 125 10.16 5.50 -0.27
CA ILE A 125 9.56 5.43 1.05
C ILE A 125 8.90 4.10 1.37
N ARG A 126 9.22 3.52 2.51
CA ARG A 126 8.52 2.35 3.01
C ARG A 126 7.54 2.87 4.08
N PHE A 127 6.28 3.00 3.69
CA PHE A 127 5.19 3.40 4.58
C PHE A 127 4.76 2.28 5.48
N ASN A 128 4.05 2.65 6.54
CA ASN A 128 3.53 1.70 7.52
C ASN A 128 4.64 0.95 8.26
N THR A 129 5.72 1.69 8.50
CA THR A 129 6.90 1.13 9.09
C THR A 129 7.39 1.98 10.27
N ALA A 130 7.49 1.39 11.44
CA ALA A 130 7.93 2.18 12.56
C ALA A 130 9.38 1.90 12.83
N VAL A 131 10.18 2.94 12.92
CA VAL A 131 11.54 2.86 13.37
C VAL A 131 11.59 2.56 14.90
N ARG A 132 12.25 1.45 15.27
CA ARG A 132 12.37 1.04 16.67
C ARG A 132 13.67 1.40 17.28
N HIS A 133 14.78 1.22 16.53
CA HIS A 133 16.14 1.35 17.07
C HIS A 133 17.17 1.82 16.03
N VAL A 134 18.04 2.74 16.41
CA VAL A 134 19.21 3.11 15.60
C VAL A 134 20.51 2.92 16.44
N GLU A 135 21.43 2.09 15.91
CA GLU A 135 22.65 1.77 16.63
C GLU A 135 23.86 2.07 15.75
N PHE A 136 24.92 2.59 16.33
CA PHE A 136 26.05 2.83 15.49
C PHE A 136 27.12 1.80 15.86
N ASN A 137 27.60 1.03 14.87
CA ASN A 137 28.61 0.01 15.16
C ASN A 137 29.98 0.56 14.85
N GLU A 138 30.82 0.61 15.89
CA GLU A 138 32.15 1.25 15.83
C GLU A 138 33.12 0.61 14.80
N ASP A 139 32.95 -0.70 14.62
CA ASP A 139 33.77 -1.52 13.76
C ASP A 139 33.56 -1.24 12.32
N SER A 140 32.29 -1.13 11.92
CA SER A 140 31.98 -0.89 10.53
C SER A 140 31.83 0.61 10.20
N GLN A 141 31.77 1.44 11.23
CA GLN A 141 31.39 2.85 11.03
C GLN A 141 30.06 2.98 10.23
N THR A 142 29.11 2.09 10.52
CA THR A 142 27.79 2.15 9.94
C THR A 142 26.72 2.16 11.01
N PHE A 143 25.49 2.50 10.65
CA PHE A 143 24.35 2.43 11.58
C PHE A 143 23.50 1.20 11.34
N THR A 144 22.99 0.58 12.39
CA THR A 144 21.98 -0.44 12.13
C THR A 144 20.62 0.13 12.50
N VAL A 145 19.70 0.14 11.52
CA VAL A 145 18.38 0.63 11.75
C VAL A 145 17.43 -0.55 11.77
N THR A 146 16.80 -0.78 12.93
CA THR A 146 15.73 -1.80 13.09
C THR A 146 14.33 -1.17 13.08
N VAL A 147 13.45 -1.81 12.33
CA VAL A 147 12.13 -1.31 12.13
C VAL A 147 11.11 -2.43 12.16
N GLN A 148 9.85 -2.05 12.37
CA GLN A 148 8.76 -2.99 12.32
C GLN A 148 7.87 -2.60 11.15
N ASP A 149 7.72 -3.50 10.17
CA ASP A 149 6.82 -3.29 9.05
C ASP A 149 5.45 -3.85 9.39
N HIS A 150 4.50 -2.96 9.61
CA HIS A 150 3.16 -3.34 10.00
C HIS A 150 2.26 -3.84 8.86
N THR A 151 2.71 -3.76 7.62
CA THR A 151 2.01 -4.46 6.58
C THR A 151 2.27 -5.99 6.68
N THR A 152 3.53 -6.36 6.81
CA THR A 152 3.88 -7.76 6.84
C THR A 152 3.99 -8.22 8.28
N ASP A 153 3.93 -7.29 9.23
CA ASP A 153 4.14 -7.63 10.66
C ASP A 153 5.44 -8.34 10.81
N THR A 154 6.51 -7.72 10.34
CA THR A 154 7.87 -8.24 10.38
C THR A 154 8.81 -7.21 11.01
N ILE A 155 9.76 -7.64 11.85
CA ILE A 155 10.83 -6.78 12.31
C ILE A 155 12.18 -7.19 11.65
N TYR A 156 12.92 -6.20 11.20
CA TYR A 156 14.08 -6.47 10.40
C TYR A 156 14.99 -5.27 10.50
N SER A 157 16.24 -5.51 10.12
CA SER A 157 17.18 -4.42 10.18
C SER A 157 18.03 -4.30 8.95
N ALA A 158 18.73 -3.16 8.86
CA ALA A 158 19.42 -2.84 7.60
C ALA A 158 20.50 -1.87 7.92
N ALA A 159 21.56 -1.85 7.11
CA ALA A 159 22.75 -1.10 7.52
C ALA A 159 22.78 0.20 6.73
N PHE A 160 23.27 1.30 7.31
CA PHE A 160 23.33 2.57 6.55
C PHE A 160 24.57 3.31 6.89
N ASP A 161 25.10 4.11 5.95
CA ASP A 161 26.27 4.97 6.24
C ASP A 161 25.96 6.26 6.96
N TYR A 162 24.80 6.84 6.69
CA TYR A 162 24.40 8.08 7.33
C TYR A 162 22.93 7.98 7.66
N VAL A 163 22.50 8.77 8.66
CA VAL A 163 21.10 8.78 9.08
C VAL A 163 20.64 10.19 9.28
N VAL A 164 19.54 10.53 8.63
CA VAL A 164 18.86 11.84 8.77
C VAL A 164 17.54 11.66 9.54
N CYS A 165 17.46 12.19 10.76
CA CYS A 165 16.25 12.11 11.62
C CYS A 165 15.25 13.27 11.37
N CYS A 166 14.07 12.91 10.91
CA CYS A 166 13.06 13.92 10.59
C CYS A 166 11.73 13.58 11.27
N THR A 167 11.77 13.24 12.57
CA THR A 167 10.59 12.64 13.18
C THR A 167 9.80 13.64 13.97
N GLY A 168 10.23 14.91 13.89
CA GLY A 168 9.51 16.01 14.54
C GLY A 168 9.61 16.08 16.06
N HIS A 169 9.09 17.18 16.60
CA HIS A 169 9.13 17.41 18.01
C HIS A 169 7.87 18.10 18.56
N PHE A 170 6.74 17.97 17.84
CA PHE A 170 5.44 18.45 18.32
C PHE A 170 4.46 17.29 18.30
N SER A 171 4.93 16.12 18.73
CA SER A 171 4.06 14.93 18.75
C SER A 171 3.89 14.21 20.07
N THR A 172 4.89 14.33 20.93
CA THR A 172 4.87 13.73 22.22
C THR A 172 4.59 14.81 23.27
N PRO A 173 3.40 14.78 23.85
CA PRO A 173 2.85 15.86 24.70
C PRO A 173 3.52 16.05 26.05
N TYR A 174 3.83 17.28 26.39
CA TYR A 174 4.12 17.63 27.75
C TYR A 174 2.76 17.76 28.48
N VAL A 175 2.54 17.02 29.56
CA VAL A 175 1.19 16.91 30.12
C VAL A 175 1.27 16.97 31.65
N PRO A 176 1.31 18.20 32.22
CA PRO A 176 1.47 18.34 33.68
C PRO A 176 0.19 17.93 34.34
N GLU A 177 0.27 17.45 35.59
CA GLU A 177 -0.88 17.10 36.41
C GLU A 177 -1.28 18.28 37.30
N PHE A 178 -2.56 18.40 37.58
CA PHE A 178 -3.03 19.29 38.65
C PHE A 178 -3.88 18.54 39.67
N GLU A 179 -3.89 19.08 40.88
CA GLU A 179 -4.53 18.43 41.99
C GLU A 179 -6.00 18.32 41.67
N GLY A 180 -6.59 17.14 41.86
CA GLY A 180 -8.01 16.90 41.54
C GLY A 180 -8.35 16.21 40.23
N PHE A 181 -7.39 16.11 39.30
CA PHE A 181 -7.68 15.49 38.02
C PHE A 181 -8.31 14.08 38.10
N GLU A 182 -8.05 13.32 39.13
CA GLU A 182 -8.59 11.97 39.25
C GLU A 182 -10.01 12.00 39.77
N LYS A 183 -10.54 13.20 40.08
CA LYS A 183 -11.91 13.41 40.62
C LYS A 183 -12.85 14.18 39.68
N PHE A 184 -12.27 15.08 38.90
CA PHE A 184 -13.01 15.77 37.81
C PHE A 184 -13.78 14.85 36.85
N GLY A 185 -14.98 15.23 36.50
CA GLY A 185 -15.87 14.25 35.89
C GLY A 185 -16.03 14.49 34.43
N GLY A 186 -15.48 15.62 33.96
CA GLY A 186 -15.50 15.95 32.55
C GLY A 186 -14.25 15.41 31.88
N ARG A 187 -14.11 15.66 30.58
CA ARG A 187 -12.98 15.16 29.86
C ARG A 187 -11.77 16.02 30.12
N ILE A 188 -10.66 15.32 30.35
CA ILE A 188 -9.32 15.91 30.30
C ILE A 188 -8.50 15.31 29.15
N LEU A 189 -7.87 16.22 28.41
CA LEU A 189 -7.15 15.89 27.19
C LEU A 189 -6.09 16.95 26.99
N HIS A 190 -5.08 16.63 26.16
CA HIS A 190 -4.01 17.52 25.80
C HIS A 190 -4.36 18.01 24.38
N ALA A 191 -3.94 19.24 24.03
CA ALA A 191 -3.97 19.79 22.66
C ALA A 191 -3.77 18.74 21.59
N HIS A 192 -2.79 17.87 21.80
CA HIS A 192 -2.50 16.76 20.89
C HIS A 192 -3.77 15.91 20.59
N ASP A 193 -4.72 15.80 21.52
CA ASP A 193 -5.80 14.81 21.38
C ASP A 193 -7.05 15.48 20.85
N PHE A 194 -6.95 16.81 20.65
CA PHE A 194 -8.04 17.65 20.17
C PHE A 194 -8.47 17.35 18.73
N ARG A 195 -9.70 16.92 18.52
CA ARG A 195 -10.08 16.66 17.14
C ARG A 195 -11.14 17.57 16.57
N ASP A 196 -12.43 17.33 16.84
CA ASP A 196 -13.51 18.20 16.28
C ASP A 196 -14.06 19.19 17.28
N ALA A 197 -13.89 20.49 17.05
CA ALA A 197 -14.44 21.50 18.00
C ALA A 197 -15.93 21.36 18.40
N LEU A 198 -16.74 20.77 17.51
CA LEU A 198 -18.15 20.52 17.77
C LEU A 198 -18.41 19.60 18.98
N GLU A 199 -17.41 18.85 19.42
CA GLU A 199 -17.60 17.98 20.55
C GLU A 199 -17.96 18.88 21.75
N PHE A 200 -17.53 20.13 21.64
CA PHE A 200 -17.57 21.10 22.70
C PHE A 200 -18.60 22.22 22.42
N LYS A 201 -19.56 21.95 21.54
CA LYS A 201 -20.66 22.89 21.32
C LYS A 201 -21.46 23.00 22.60
N ASP A 202 -21.75 24.21 23.02
CA ASP A 202 -22.61 24.41 24.19
C ASP A 202 -21.99 24.08 25.55
N LYS A 203 -20.65 24.00 25.59
CA LYS A 203 -19.91 23.67 26.77
C LYS A 203 -18.92 24.74 27.23
N THR A 204 -18.55 24.68 28.50
CA THR A 204 -17.47 25.51 29.01
C THR A 204 -16.17 24.71 29.08
N VAL A 205 -15.15 25.28 28.46
CA VAL A 205 -13.89 24.62 28.18
C VAL A 205 -12.75 25.40 28.78
N LEU A 206 -11.96 24.75 29.65
CA LEU A 206 -10.79 25.36 30.23
C LEU A 206 -9.61 24.94 29.37
N LEU A 207 -8.84 25.93 28.91
CA LEU A 207 -7.67 25.74 28.15
C LEU A 207 -6.56 26.19 29.06
N VAL A 208 -5.64 25.27 29.38
CA VAL A 208 -4.51 25.53 30.25
C VAL A 208 -3.22 25.80 29.42
N GLY A 209 -2.66 26.98 29.52
CA GLY A 209 -1.51 27.34 28.73
C GLY A 209 -1.78 28.61 27.98
N SER A 210 -0.75 29.24 27.43
CA SER A 210 -0.97 30.57 26.84
C SER A 210 -0.18 30.90 25.54
N SER A 211 -0.02 29.91 24.67
CA SER A 211 0.71 30.08 23.42
C SER A 211 -0.20 29.77 22.19
N TYR A 212 0.41 29.34 21.08
CA TYR A 212 -0.30 29.11 19.82
C TYR A 212 -1.38 28.06 19.99
N SER A 213 -1.14 27.04 20.78
CA SER A 213 -2.18 26.04 20.95
C SER A 213 -3.43 26.56 21.60
N ALA A 214 -3.24 27.39 22.64
CA ALA A 214 -4.36 27.94 23.41
C ALA A 214 -5.16 28.93 22.57
N GLU A 215 -4.45 29.89 21.97
CA GLU A 215 -5.05 30.83 21.04
C GLU A 215 -5.88 30.10 20.02
N ASP A 216 -5.29 29.17 19.30
CA ASP A 216 -6.06 28.60 18.22
C ASP A 216 -7.12 27.59 18.63
N ILE A 217 -6.91 26.81 19.69
CA ILE A 217 -7.93 25.79 20.00
C ILE A 217 -9.13 26.49 20.66
N GLY A 218 -8.84 27.56 21.39
CA GLY A 218 -9.89 28.47 21.88
C GLY A 218 -10.71 29.03 20.71
N SER A 219 -10.02 29.55 19.69
CA SER A 219 -10.73 30.17 18.57
C SER A 219 -11.60 29.18 17.88
N GLN A 220 -11.11 27.95 17.71
CA GLN A 220 -11.94 26.92 17.10
C GLN A 220 -13.14 26.62 17.93
N CYS A 221 -12.96 26.41 19.23
CA CYS A 221 -14.13 26.17 20.08
C CYS A 221 -15.15 27.33 19.98
N TYR A 222 -14.65 28.56 20.08
CA TYR A 222 -15.44 29.73 19.96
C TYR A 222 -16.22 29.73 18.67
N LYS A 223 -15.50 29.68 17.55
CA LYS A 223 -16.12 29.61 16.23
C LYS A 223 -17.14 28.52 16.04
N TYR A 224 -17.07 27.40 16.74
CA TYR A 224 -18.05 26.33 16.47
C TYR A 224 -19.08 26.14 17.55
N GLY A 225 -19.23 27.16 18.41
CA GLY A 225 -20.36 27.25 19.36
C GLY A 225 -20.19 26.71 20.76
N ALA A 226 -19.01 26.91 21.32
CA ALA A 226 -18.81 26.60 22.73
C ALA A 226 -19.56 27.65 23.56
N LYS A 227 -20.21 27.22 24.64
CA LYS A 227 -20.79 28.20 25.57
C LYS A 227 -19.75 29.26 26.06
N LYS A 228 -18.61 28.83 26.59
CA LYS A 228 -17.68 29.75 27.23
C LYS A 228 -16.28 29.18 27.11
N LEU A 229 -15.30 30.07 27.18
CA LEU A 229 -13.90 29.68 27.20
C LEU A 229 -13.17 30.30 28.36
N ILE A 230 -12.27 29.55 28.96
CA ILE A 230 -11.37 30.09 29.95
C ILE A 230 -9.92 29.65 29.66
N SER A 231 -9.03 30.61 29.55
CA SER A 231 -7.61 30.39 29.39
C SER A 231 -6.97 30.82 30.67
N CYS A 232 -6.03 30.02 31.15
CA CYS A 232 -5.27 30.39 32.32
C CYS A 232 -3.80 30.33 32.02
N TYR A 233 -3.10 31.35 32.48
CA TYR A 233 -1.70 31.50 32.18
C TYR A 233 -0.89 31.28 33.44
N ARG A 234 0.32 30.76 33.22
CA ARG A 234 1.30 30.57 34.26
C ARG A 234 2.01 31.91 34.49
N THR A 235 2.63 32.45 33.46
CA THR A 235 3.58 33.57 33.65
C THR A 235 2.87 34.91 33.39
N ALA A 236 2.42 35.10 32.15
CA ALA A 236 1.75 36.35 31.72
C ALA A 236 0.51 36.11 30.82
N PRO A 237 -0.50 37.01 30.88
CA PRO A 237 -1.63 36.99 29.90
C PRO A 237 -1.21 37.10 28.43
N MET A 238 -1.86 36.30 27.58
CA MET A 238 -1.76 36.40 26.11
C MET A 238 -2.03 37.87 25.70
N GLY A 239 -3.15 38.44 26.19
CA GLY A 239 -3.31 39.89 26.20
C GLY A 239 -4.10 40.42 25.01
N TYR A 240 -4.50 39.51 24.11
CA TYR A 240 -5.41 39.86 23.03
C TYR A 240 -6.79 40.24 23.62
N LYS A 241 -7.60 40.92 22.82
CA LYS A 241 -8.95 41.24 23.20
C LYS A 241 -9.85 40.09 22.75
N TRP A 242 -10.30 39.27 23.70
CA TRP A 242 -11.16 38.12 23.38
C TRP A 242 -12.65 38.49 23.24
N PRO A 243 -13.45 37.65 22.53
CA PRO A 243 -14.90 37.79 22.55
C PRO A 243 -15.49 37.75 23.97
N GLU A 244 -16.77 38.11 24.05
CA GLU A 244 -17.59 38.18 25.25
C GLU A 244 -17.48 36.94 26.10
N ASN A 245 -17.67 35.76 25.50
CA ASN A 245 -17.63 34.47 26.26
C ASN A 245 -16.24 33.78 26.39
N TRP A 246 -15.17 34.56 26.29
CA TRP A 246 -13.86 34.05 26.55
C TRP A 246 -13.26 34.89 27.62
N ASP A 247 -12.90 34.30 28.75
CA ASP A 247 -12.07 35.12 29.62
C ASP A 247 -10.73 34.50 30.07
N GLU A 248 -9.75 35.36 30.35
CA GLU A 248 -8.41 34.95 30.74
C GLU A 248 -8.21 35.01 32.24
N ARG A 249 -7.61 34.00 32.86
CA ARG A 249 -7.07 34.22 34.24
C ARG A 249 -5.78 33.51 34.69
N PRO A 250 -5.28 33.79 35.91
CA PRO A 250 -3.99 33.25 36.31
C PRO A 250 -4.10 31.77 36.68
N ASN A 251 -3.00 31.10 37.07
CA ASN A 251 -2.98 29.65 36.88
C ASN A 251 -4.03 28.86 37.58
N LEU A 252 -4.45 27.78 36.96
CA LEU A 252 -5.24 26.77 37.62
C LEU A 252 -4.54 26.37 38.91
N VAL A 253 -5.27 26.15 40.00
CA VAL A 253 -4.62 25.58 41.15
C VAL A 253 -5.21 24.26 41.60
N ARG A 254 -6.44 23.96 41.20
CA ARG A 254 -6.92 22.62 41.45
C ARG A 254 -8.30 22.54 40.87
N VAL A 255 -8.87 21.35 40.91
CA VAL A 255 -10.10 21.05 40.28
C VAL A 255 -10.82 20.12 41.24
N ASP A 256 -12.15 20.07 41.23
CA ASP A 256 -12.83 19.03 42.00
C ASP A 256 -13.72 18.22 41.12
N THR A 257 -14.81 17.71 41.67
CA THR A 257 -15.86 17.02 40.90
C THR A 257 -16.31 17.75 39.62
N GLU A 258 -16.45 19.06 39.72
CA GLU A 258 -17.10 19.85 38.67
C GLU A 258 -16.42 21.22 38.34
N ASN A 259 -15.47 21.64 39.18
CA ASN A 259 -15.07 23.04 39.16
C ASN A 259 -13.58 23.23 39.15
N ALA A 260 -13.13 24.35 38.62
CA ALA A 260 -11.72 24.68 38.60
C ALA A 260 -11.50 25.86 39.49
N TYR A 261 -10.33 25.95 40.13
CA TYR A 261 -10.02 27.01 41.05
C TYR A 261 -8.74 27.62 40.64
N PHE A 262 -8.69 28.96 40.62
CA PHE A 262 -7.56 29.75 40.09
C PHE A 262 -6.85 30.58 41.16
N ALA A 263 -5.62 31.03 40.88
CA ALA A 263 -4.80 31.81 41.82
C ALA A 263 -5.43 33.15 42.15
N ASP A 264 -6.35 33.55 41.30
CA ASP A 264 -7.41 34.52 41.51
C ASP A 264 -8.09 34.51 42.88
N GLY A 265 -8.39 33.30 43.36
CA GLY A 265 -9.43 33.13 44.35
C GLY A 265 -10.78 32.73 43.72
N SER A 266 -10.99 33.04 42.45
CA SER A 266 -12.25 32.68 41.76
C SER A 266 -12.33 31.19 41.49
N SER A 267 -13.48 30.77 40.99
CA SER A 267 -13.68 29.38 40.66
C SER A 267 -15.03 29.19 40.01
N GLU A 268 -15.17 28.18 39.14
CA GLU A 268 -16.39 28.03 38.38
C GLU A 268 -16.59 26.67 37.74
N LYS A 269 -17.81 26.41 37.27
CA LYS A 269 -18.14 25.16 36.58
C LYS A 269 -17.39 25.11 35.25
N VAL A 270 -16.89 23.91 34.93
CA VAL A 270 -16.10 23.61 33.73
C VAL A 270 -16.43 22.20 33.20
N ASP A 271 -16.61 22.05 31.87
CA ASP A 271 -17.11 20.76 31.28
C ASP A 271 -16.00 19.82 30.80
N ALA A 272 -14.90 20.45 30.44
CA ALA A 272 -13.81 19.83 29.74
C ALA A 272 -12.55 20.69 29.92
N ILE A 273 -11.40 20.00 30.12
CA ILE A 273 -10.15 20.70 30.29
C ILE A 273 -9.16 20.27 29.21
N ILE A 274 -8.54 21.24 28.53
CA ILE A 274 -7.62 20.93 27.47
C ILE A 274 -6.23 21.43 27.79
N LEU A 275 -5.29 20.51 27.89
CA LEU A 275 -3.95 20.91 28.24
C LEU A 275 -3.19 21.44 27.02
N CYS A 276 -2.94 22.75 27.00
CA CYS A 276 -2.21 23.31 25.84
C CYS A 276 -0.85 23.67 26.30
N THR A 277 -0.14 22.65 26.73
CA THR A 277 1.07 22.88 27.47
C THR A 277 2.32 22.45 26.69
N GLY A 278 2.21 22.23 25.39
CA GLY A 278 3.43 22.02 24.59
C GLY A 278 3.86 20.56 24.51
N TYR A 279 5.05 20.32 23.95
CA TYR A 279 5.56 19.00 23.65
C TYR A 279 7.01 18.82 24.10
N ILE A 280 7.42 17.55 24.19
CA ILE A 280 8.83 17.17 24.43
C ILE A 280 9.49 16.54 23.22
N HIS A 281 10.80 16.79 23.08
CA HIS A 281 11.67 16.00 22.16
C HIS A 281 11.77 14.63 22.72
N HIS A 282 11.34 13.65 21.97
CA HIS A 282 11.34 12.29 22.48
C HIS A 282 11.77 11.38 21.36
N PHE A 283 12.84 10.61 21.58
CA PHE A 283 13.27 9.72 20.53
C PHE A 283 13.38 8.32 21.06
N PRO A 284 12.29 7.58 21.13
CA PRO A 284 12.39 6.21 21.69
C PRO A 284 13.39 5.25 20.96
N PHE A 285 13.66 5.46 19.67
CA PHE A 285 14.56 4.59 18.93
C PHE A 285 16.05 4.98 19.05
N LEU A 286 16.43 5.91 19.93
CA LEU A 286 17.85 6.33 20.01
C LEU A 286 18.44 6.16 21.42
N ASN A 287 19.62 5.55 21.56
CA ASN A 287 20.34 5.60 22.83
C ASN A 287 21.06 6.93 22.98
N ASP A 288 21.64 7.17 24.17
CA ASP A 288 22.20 8.47 24.57
C ASP A 288 23.34 8.99 23.68
N ASP A 289 24.08 8.08 23.04
CA ASP A 289 25.17 8.42 22.08
C ASP A 289 24.66 9.27 20.91
N LEU A 290 23.38 9.09 20.55
CA LEU A 290 22.78 9.68 19.37
C LEU A 290 21.58 10.59 19.68
N ARG A 291 21.07 10.56 20.93
CA ARG A 291 19.78 11.16 21.26
C ARG A 291 19.82 12.64 21.66
N LEU A 292 19.20 13.49 20.85
CA LEU A 292 19.06 14.92 21.20
C LEU A 292 18.19 15.20 22.44
N VAL A 293 18.71 16.00 23.35
CA VAL A 293 18.01 16.34 24.59
C VAL A 293 17.92 17.88 24.69
N THR A 294 16.69 18.41 24.68
CA THR A 294 16.51 19.83 24.68
C THR A 294 15.07 20.26 25.00
N ASN A 295 14.99 21.49 25.50
CA ASN A 295 13.70 22.13 25.58
C ASN A 295 13.43 22.75 24.20
N ASN A 296 12.17 23.07 23.92
CA ASN A 296 11.83 23.70 22.66
C ASN A 296 12.39 25.16 22.49
N ARG A 297 13.32 25.37 21.56
CA ARG A 297 13.98 26.66 21.45
C ARG A 297 14.52 26.91 20.04
N LEU A 298 14.98 28.15 19.80
CA LEU A 298 15.55 28.60 18.53
C LEU A 298 16.93 28.00 18.26
N TRP A 299 17.69 27.69 19.30
CA TRP A 299 18.99 27.09 19.09
C TRP A 299 19.30 25.91 20.04
N PRO A 300 18.83 24.70 19.72
CA PRO A 300 19.31 23.55 20.49
C PRO A 300 20.83 23.41 20.40
N LEU A 301 21.44 22.98 21.49
CA LEU A 301 22.88 22.72 21.54
C LEU A 301 23.26 21.35 20.97
N ASN A 302 24.51 21.23 20.57
CA ASN A 302 25.01 19.95 20.09
C ASN A 302 24.67 19.65 18.63
N LEU A 303 24.29 20.68 17.92
CA LEU A 303 24.03 20.50 16.50
C LEU A 303 24.79 21.60 15.74
N TYR A 304 25.83 21.19 15.00
CA TYR A 304 26.55 22.06 14.13
C TYR A 304 25.65 22.57 13.00
N LYS A 305 25.54 23.90 12.84
CA LYS A 305 24.61 24.57 11.91
C LYS A 305 23.17 24.13 12.20
N GLY A 306 22.93 23.74 13.43
CA GLY A 306 21.58 23.36 13.82
C GLY A 306 21.13 22.01 13.26
N VAL A 307 22.08 21.27 12.72
CA VAL A 307 21.76 20.11 11.91
C VAL A 307 22.66 18.86 12.16
N VAL A 308 23.96 19.07 12.24
CA VAL A 308 24.89 17.93 12.39
C VAL A 308 25.08 17.53 13.87
N TRP A 309 24.84 16.27 14.22
CA TRP A 309 24.98 15.84 15.58
C TRP A 309 26.45 15.86 16.04
N GLU A 310 26.81 16.71 16.99
CA GLU A 310 28.24 16.86 17.22
C GLU A 310 28.99 15.60 17.75
N ASP A 311 28.30 14.70 18.44
CA ASP A 311 28.98 13.48 18.95
C ASP A 311 29.20 12.42 17.90
N ASN A 312 28.39 12.43 16.83
CA ASN A 312 28.58 11.50 15.72
C ASN A 312 28.12 12.14 14.45
N PRO A 313 29.00 12.87 13.78
CA PRO A 313 28.56 13.71 12.69
C PRO A 313 28.23 12.98 11.41
N LYS A 314 27.93 11.68 11.47
CA LYS A 314 27.31 11.01 10.35
C LYS A 314 25.79 10.83 10.62
N PHE A 315 25.30 11.43 11.71
CA PHE A 315 23.87 11.48 12.06
C PHE A 315 23.42 12.95 12.08
N PHE A 316 22.25 13.21 11.49
CA PHE A 316 21.72 14.58 11.30
C PHE A 316 20.26 14.70 11.71
N TYR A 317 19.89 15.89 12.19
CA TYR A 317 18.53 16.19 12.58
C TYR A 317 18.02 17.31 11.76
N ILE A 318 16.80 17.14 11.25
CA ILE A 318 16.14 18.23 10.50
C ILE A 318 14.98 18.84 11.31
N GLY A 319 14.96 20.17 11.42
CA GLY A 319 13.76 20.83 11.96
C GLY A 319 13.46 20.61 13.44
N MET A 320 14.52 20.49 14.21
CA MET A 320 14.35 20.28 15.63
C MET A 320 14.26 21.56 16.41
N GLN A 321 14.60 22.69 15.76
CA GLN A 321 14.41 24.03 16.34
C GLN A 321 12.93 24.39 16.48
N ASP A 322 12.64 25.40 17.27
CA ASP A 322 11.30 26.00 17.35
C ASP A 322 11.03 26.72 16.03
N GLN A 323 9.75 26.82 15.67
CA GLN A 323 9.43 27.18 14.27
C GLN A 323 8.74 28.51 14.10
N TRP A 324 9.48 29.46 13.52
CA TRP A 324 8.88 30.71 13.06
C TRP A 324 8.74 30.53 11.56
N TYR A 325 9.88 30.55 10.88
CA TYR A 325 9.97 29.94 9.56
C TYR A 325 9.80 28.43 9.76
N SER A 326 9.39 27.75 8.71
CA SER A 326 9.13 26.34 8.83
C SER A 326 9.58 25.62 7.55
N PHE A 327 8.72 25.58 6.53
CA PHE A 327 8.98 24.79 5.34
C PHE A 327 10.28 25.15 4.66
N ASN A 328 10.55 26.45 4.47
CA ASN A 328 11.76 26.79 3.79
C ASN A 328 13.00 26.72 4.69
N MET A 329 12.84 26.76 6.01
CA MET A 329 13.90 26.33 6.90
C MET A 329 14.27 24.88 6.66
N PHE A 330 13.33 23.95 6.73
CA PHE A 330 13.70 22.53 6.54
C PHE A 330 14.45 22.31 5.20
N ASP A 331 13.97 22.91 4.10
CA ASP A 331 14.73 22.87 2.83
C ASP A 331 16.18 23.33 3.08
N ALA A 332 16.39 24.50 3.69
CA ALA A 332 17.77 25.00 3.83
C ALA A 332 18.56 23.99 4.63
N GLN A 333 17.90 23.41 5.64
CA GLN A 333 18.53 22.36 6.38
C GLN A 333 18.81 21.12 5.54
N ALA A 334 17.84 20.63 4.77
CA ALA A 334 18.03 19.36 4.06
C ALA A 334 19.07 19.51 2.93
N TRP A 335 19.01 20.66 2.22
CA TRP A 335 20.11 21.00 1.30
C TRP A 335 21.49 20.97 1.96
N TYR A 336 21.64 21.49 3.17
CA TYR A 336 22.96 21.50 3.79
C TYR A 336 23.32 20.06 4.11
N ALA A 337 22.38 19.28 4.66
CA ALA A 337 22.68 17.89 5.05
C ALA A 337 23.11 17.09 3.88
N ARG A 338 22.40 17.26 2.77
CA ARG A 338 22.74 16.58 1.51
C ARG A 338 24.18 16.84 1.18
N ASP A 339 24.60 18.12 1.13
CA ASP A 339 25.92 18.50 0.66
C ASP A 339 27.01 17.97 1.59
N VAL A 340 26.80 18.01 2.88
CA VAL A 340 27.79 17.32 3.68
C VAL A 340 27.79 15.83 3.41
N ILE A 341 26.63 15.18 3.32
CA ILE A 341 26.67 13.76 2.98
C ILE A 341 27.40 13.53 1.62
N MET A 342 27.09 14.36 0.63
CA MET A 342 27.74 14.19 -0.67
C MET A 342 29.24 14.56 -0.74
N GLY A 343 29.81 15.10 0.37
CA GLY A 343 31.20 15.49 0.39
C GLY A 343 31.40 16.86 -0.25
N ARG A 344 30.36 17.67 -0.41
CA ARG A 344 30.57 18.98 -1.03
C ARG A 344 30.96 20.07 -0.03
N LEU A 345 30.75 19.79 1.25
CA LEU A 345 30.94 20.77 2.33
C LEU A 345 31.53 19.98 3.43
N PRO A 346 32.84 19.86 3.45
CA PRO A 346 33.43 18.97 4.46
C PRO A 346 33.38 19.67 5.80
N LEU A 347 33.31 18.88 6.86
CA LEU A 347 33.08 19.35 8.21
C LEU A 347 34.35 19.89 8.86
N PRO A 348 34.23 20.87 9.75
CA PRO A 348 35.42 21.17 10.50
C PRO A 348 35.58 20.22 11.70
N SER A 349 36.60 20.47 12.53
CA SER A 349 36.94 19.58 13.65
C SER A 349 35.94 19.70 14.78
N LYS A 350 35.92 18.73 15.70
CA LYS A 350 34.92 18.77 16.77
C LYS A 350 35.03 20.08 17.54
N GLU A 351 36.25 20.56 17.74
CA GLU A 351 36.47 21.83 18.45
C GLU A 351 35.86 23.04 17.82
N GLU A 352 35.98 23.14 16.50
CA GLU A 352 35.49 24.27 15.73
C GLU A 352 33.95 24.24 15.66
N MET A 353 33.37 23.03 15.63
CA MET A 353 31.88 22.84 15.67
C MET A 353 31.30 23.39 16.94
N LYS A 354 31.93 23.04 18.05
CA LYS A 354 31.57 23.48 19.40
C LYS A 354 31.67 25.00 19.54
N ALA A 355 32.79 25.58 19.10
CA ALA A 355 32.93 27.03 19.21
C ALA A 355 31.87 27.81 18.39
N ASP A 356 31.46 27.23 17.25
CA ASP A 356 30.46 27.85 16.40
C ASP A 356 29.13 27.75 17.15
N SER A 357 28.74 26.55 17.58
CA SER A 357 27.45 26.38 18.21
C SER A 357 27.41 27.22 19.46
N MET A 358 28.55 27.37 20.12
CA MET A 358 28.53 28.21 21.30
C MET A 358 28.20 29.65 20.94
N ALA A 359 28.74 30.16 19.82
CA ALA A 359 28.44 31.55 19.44
C ALA A 359 27.00 31.72 18.97
N TRP A 360 26.41 30.71 18.35
CA TRP A 360 24.96 30.78 18.11
C TRP A 360 24.10 30.80 19.38
N ARG A 361 24.55 30.12 20.42
CA ARG A 361 23.78 30.03 21.66
C ARG A 361 23.84 31.32 22.46
N GLU A 362 25.04 31.90 22.52
CA GLU A 362 25.29 33.27 23.07
C GLU A 362 24.34 34.29 22.51
N LYS A 363 24.26 34.36 21.17
CA LYS A 363 23.27 35.22 20.51
C LYS A 363 21.83 34.82 20.82
N GLU A 364 21.48 33.52 20.85
CA GLU A 364 20.13 33.13 21.20
C GLU A 364 19.69 33.70 22.53
N LEU A 365 20.51 33.53 23.56
CA LEU A 365 20.23 34.13 24.88
C LEU A 365 20.01 35.65 24.90
N THR A 366 20.58 36.36 23.93
CA THR A 366 20.41 37.82 23.74
C THR A 366 18.99 38.32 23.42
N LEU A 367 18.15 37.41 22.96
CA LEU A 367 16.88 37.74 22.27
C LEU A 367 15.73 38.08 23.21
N VAL A 368 15.05 39.22 22.97
CA VAL A 368 13.95 39.61 23.84
C VAL A 368 12.63 39.56 23.11
N THR A 369 12.51 40.35 22.05
CA THR A 369 11.25 40.55 21.31
C THR A 369 10.98 39.48 20.27
N ALA A 370 9.70 39.25 20.00
CA ALA A 370 9.37 38.36 18.89
C ALA A 370 10.09 38.76 17.62
N GLU A 371 10.26 40.05 17.37
CA GLU A 371 10.94 40.47 16.17
C GLU A 371 12.42 40.09 16.16
N GLU A 372 13.09 40.16 17.29
CA GLU A 372 14.49 39.69 17.30
C GLU A 372 14.58 38.21 16.97
N MET A 373 13.59 37.44 17.46
CA MET A 373 13.56 35.98 17.31
C MET A 373 13.38 35.48 15.90
N TYR A 374 12.31 35.90 15.21
CA TYR A 374 12.25 35.50 13.81
C TYR A 374 13.36 36.06 12.97
N THR A 375 13.86 37.24 13.28
CA THR A 375 15.02 37.71 12.56
C THR A 375 16.22 36.81 12.79
N TYR A 376 16.48 36.44 14.04
CA TYR A 376 17.56 35.46 14.30
C TYR A 376 17.32 34.19 13.46
N GLN A 377 16.12 33.62 13.48
CA GLN A 377 15.94 32.40 12.71
C GLN A 377 16.25 32.67 11.23
N GLY A 378 15.94 33.88 10.74
CA GLY A 378 16.29 34.26 9.36
C GLY A 378 17.79 34.38 9.11
N ASP A 379 18.55 34.87 10.10
CA ASP A 379 19.97 34.98 9.89
C ASP A 379 20.51 33.54 9.82
N TYR A 380 19.90 32.67 10.63
CA TYR A 380 20.24 31.25 10.61
C TYR A 380 20.00 30.71 9.23
N ILE A 381 18.78 30.92 8.70
CA ILE A 381 18.46 30.39 7.36
C ILE A 381 19.30 30.99 6.21
N GLN A 382 19.58 32.30 6.27
CA GLN A 382 20.47 32.93 5.32
C GLN A 382 21.81 32.21 5.27
N ASN A 383 22.44 32.07 6.43
CA ASN A 383 23.70 31.34 6.54
C ASN A 383 23.63 29.94 5.89
N LEU A 384 22.58 29.15 6.16
CA LEU A 384 22.42 27.84 5.50
C LEU A 384 22.25 27.90 3.96
N ILE A 385 21.35 28.73 3.44
CA ILE A 385 21.15 28.81 2.00
C ILE A 385 22.34 29.38 1.22
N ASP A 386 23.13 30.27 1.84
CA ASP A 386 24.36 30.78 1.22
C ASP A 386 25.43 29.70 0.89
N MET A 387 25.41 28.56 1.59
CA MET A 387 26.42 27.52 1.41
C MET A 387 26.01 26.50 0.33
N THR A 388 24.87 26.77 -0.27
CA THR A 388 24.17 25.78 -1.05
C THR A 388 23.48 26.37 -2.30
N ASP A 389 23.29 25.47 -3.27
CA ASP A 389 22.58 25.78 -4.50
C ASP A 389 21.08 25.94 -4.27
N TYR A 390 20.58 25.75 -3.04
CA TYR A 390 19.24 26.25 -2.72
C TYR A 390 19.21 27.77 -3.01
N PRO A 391 18.15 28.16 -3.71
CA PRO A 391 17.87 29.48 -4.24
C PRO A 391 17.70 30.48 -3.14
N SER A 392 18.46 31.55 -3.20
CA SER A 392 18.25 32.57 -2.20
C SER A 392 16.95 33.33 -2.48
N PHE A 393 16.35 33.88 -1.43
CA PHE A 393 15.02 34.53 -1.51
C PHE A 393 15.06 35.57 -0.45
N ASP A 394 14.19 36.57 -0.53
CA ASP A 394 14.39 37.78 0.23
C ASP A 394 14.05 37.56 1.68
N ILE A 395 15.06 37.26 2.49
CA ILE A 395 14.78 37.03 3.91
C ILE A 395 14.30 38.28 4.66
N PRO A 396 15.04 39.42 4.56
CA PRO A 396 14.53 40.66 5.20
C PRO A 396 13.04 40.92 4.90
N ALA A 397 12.64 40.73 3.64
CA ALA A 397 11.28 40.93 3.25
C ALA A 397 10.37 39.83 3.84
N THR A 398 10.88 38.62 4.05
CA THR A 398 10.07 37.64 4.76
C THR A 398 9.87 38.12 6.20
N ASN A 399 10.92 38.62 6.84
CA ASN A 399 10.75 39.14 8.22
C ASN A 399 9.68 40.25 8.28
N LYS A 400 9.70 41.18 7.30
CA LYS A 400 8.73 42.24 7.30
C LYS A 400 7.36 41.62 7.25
N THR A 401 7.20 40.53 6.49
CA THR A 401 5.89 39.84 6.42
C THR A 401 5.51 39.22 7.76
N PHE A 402 6.48 38.65 8.48
CA PHE A 402 6.17 38.23 9.85
C PHE A 402 5.68 39.42 10.72
N LEU A 403 6.36 40.57 10.59
CA LEU A 403 6.06 41.78 11.36
C LEU A 403 4.63 42.26 11.11
N GLU A 404 4.25 42.41 9.82
CA GLU A 404 2.89 42.72 9.45
C GLU A 404 1.91 41.81 10.17
N TRP A 405 2.21 40.50 10.16
CA TRP A 405 1.39 39.47 10.78
C TRP A 405 1.25 39.63 12.28
N LYS A 406 2.34 39.92 12.98
CA LYS A 406 2.20 40.29 14.38
C LYS A 406 1.14 41.39 14.48
N HIS A 407 1.29 42.49 13.74
CA HIS A 407 0.39 43.63 13.92
C HIS A 407 -1.06 43.22 13.72
N HIS A 408 -1.34 42.40 12.70
CA HIS A 408 -2.71 41.91 12.45
C HIS A 408 -3.32 41.10 13.61
N LYS A 409 -2.52 40.25 14.22
CA LYS A 409 -3.00 39.54 15.38
C LYS A 409 -3.34 40.47 16.55
N LYS A 410 -2.40 41.38 16.87
CA LYS A 410 -2.60 42.44 17.87
C LYS A 410 -3.84 43.30 17.57
N GLU A 411 -4.00 43.71 16.32
CA GLU A 411 -5.16 44.47 15.95
C GLU A 411 -6.43 43.74 16.30
N ASN A 412 -6.56 42.47 15.91
CA ASN A 412 -7.74 41.71 16.29
C ASN A 412 -7.50 40.23 16.05
N ILE A 413 -7.37 39.49 17.15
CA ILE A 413 -6.99 38.11 17.11
C ILE A 413 -8.00 37.27 16.36
N MET A 414 -9.21 37.75 16.18
CA MET A 414 -10.13 36.85 15.52
C MET A 414 -10.23 37.08 14.00
N THR A 415 -9.56 38.13 13.54
CA THR A 415 -9.63 38.47 12.12
C THR A 415 -8.26 38.56 11.43
N PHE A 416 -7.17 38.14 12.08
CA PHE A 416 -5.86 38.20 11.41
C PHE A 416 -5.82 37.34 10.17
N ARG A 417 -6.56 36.23 10.18
CA ARG A 417 -6.59 35.37 9.00
C ARG A 417 -7.30 35.98 7.77
N ASP A 418 -7.89 37.16 7.94
CA ASP A 418 -8.65 37.77 6.86
C ASP A 418 -7.77 38.72 6.04
N HIS A 419 -6.48 38.77 6.35
CA HIS A 419 -5.57 39.67 5.65
C HIS A 419 -4.84 38.94 4.52
N SER A 420 -4.03 39.68 3.74
CA SER A 420 -3.28 39.10 2.63
C SER A 420 -1.87 39.69 2.46
N TYR A 421 -0.96 38.89 1.89
CA TYR A 421 0.43 39.34 1.74
C TYR A 421 0.96 39.01 0.33
N ARG A 422 2.01 39.68 -0.09
CA ARG A 422 2.66 39.26 -1.33
C ARG A 422 3.74 38.19 -1.15
N SER A 423 3.74 37.21 -2.06
CA SER A 423 4.82 36.20 -2.21
C SER A 423 6.20 36.84 -2.42
N LEU A 424 7.17 36.36 -1.66
CA LEU A 424 8.55 36.81 -1.87
C LEU A 424 9.21 36.05 -2.98
N MET A 425 8.53 35.02 -3.49
CA MET A 425 9.05 34.25 -4.65
C MET A 425 8.62 34.83 -6.00
N THR A 426 7.36 35.28 -6.09
CA THR A 426 6.71 35.64 -7.33
C THR A 426 6.36 37.13 -7.50
N GLY A 427 6.04 37.84 -6.43
CA GLY A 427 5.71 39.27 -6.51
C GLY A 427 4.21 39.47 -6.37
N THR A 428 3.46 38.40 -6.69
CA THR A 428 1.99 38.42 -6.70
C THR A 428 1.38 38.70 -5.30
N MET A 429 0.54 39.74 -5.17
CA MET A 429 -0.32 39.94 -3.98
C MET A 429 -1.42 38.89 -3.88
N ALA A 430 -1.54 38.23 -2.73
CA ALA A 430 -2.62 37.27 -2.55
C ALA A 430 -3.98 38.00 -2.56
N PRO A 431 -5.00 37.35 -3.12
CA PRO A 431 -6.31 37.99 -3.05
C PRO A 431 -7.02 37.68 -1.73
N LYS A 432 -7.87 38.57 -1.28
CA LYS A 432 -8.76 38.31 -0.17
C LYS A 432 -9.56 36.99 -0.39
N HIS A 433 -9.74 36.19 0.63
CA HIS A 433 -10.48 34.96 0.41
C HIS A 433 -11.95 35.29 0.20
N HIS A 434 -12.71 34.35 -0.33
CA HIS A 434 -14.11 34.58 -0.60
C HIS A 434 -15.07 34.67 0.63
N THR A 435 -14.65 34.17 1.80
CA THR A 435 -15.51 34.23 2.98
C THR A 435 -14.64 34.63 4.16
N PRO A 436 -15.13 35.56 5.02
CA PRO A 436 -14.39 35.87 6.28
C PRO A 436 -14.13 34.62 7.12
N TRP A 437 -13.02 34.62 7.85
CA TRP A 437 -12.68 33.46 8.69
C TRP A 437 -13.86 32.96 9.52
N ILE A 438 -14.48 33.83 10.30
CA ILE A 438 -15.46 33.43 11.32
C ILE A 438 -16.65 32.70 10.70
N ASP A 439 -16.84 32.93 9.40
CA ASP A 439 -18.01 32.39 8.69
C ASP A 439 -17.68 31.18 7.82
N ALA A 440 -16.40 31.02 7.47
CA ALA A 440 -15.94 29.91 6.69
C ALA A 440 -15.89 28.63 7.49
N LEU A 441 -17.02 27.96 7.62
CA LEU A 441 -17.19 26.81 8.50
C LEU A 441 -16.71 25.50 7.90
N ASP A 442 -16.79 25.41 6.58
CA ASP A 442 -16.31 24.27 5.80
C ASP A 442 -14.78 24.37 5.70
N ASP A 443 -14.10 23.31 6.13
CA ASP A 443 -12.62 23.33 6.07
C ASP A 443 -12.04 22.67 4.81
N SER A 444 -12.92 22.24 3.90
CA SER A 444 -12.46 21.47 2.73
C SER A 444 -11.68 22.26 1.66
N LEU A 445 -10.67 21.61 1.10
CA LEU A 445 -9.90 22.07 -0.06
C LEU A 445 -10.83 22.51 -1.21
N GLU A 446 -11.83 21.69 -1.51
CA GLU A 446 -12.80 21.96 -2.53
C GLU A 446 -13.50 23.30 -2.30
N ALA A 447 -14.01 23.49 -1.08
CA ALA A 447 -14.68 24.74 -0.70
C ALA A 447 -13.71 25.91 -0.58
N TYR A 448 -12.45 25.67 -0.37
CA TYR A 448 -11.59 26.83 -0.32
C TYR A 448 -11.21 27.31 -1.73
N LEU A 449 -11.31 26.44 -2.72
CA LEU A 449 -10.72 26.71 -4.01
C LEU A 449 -11.79 27.05 -5.05
N SER A 450 -13.06 27.04 -4.63
CA SER A 450 -14.11 27.50 -5.52
C SER A 450 -14.53 28.93 -5.16
N ASP A 451 -15.78 29.34 -5.45
CA ASP A 451 -16.34 30.69 -5.02
C ASP A 451 -17.84 30.74 -4.59
N MET B 6 9.59 -23.06 11.34
CA MET B 6 10.17 -24.22 10.52
C MET B 6 11.27 -23.78 9.54
N ALA B 7 12.20 -24.70 9.22
CA ALA B 7 13.48 -24.38 8.47
C ALA B 7 13.32 -23.75 7.06
N THR B 8 12.40 -24.32 6.28
CA THR B 8 12.16 -23.97 4.91
C THR B 8 11.41 -22.63 4.63
N ARG B 9 11.56 -22.13 3.41
CA ARG B 9 10.94 -20.90 2.96
C ARG B 9 10.19 -21.16 1.63
N ILE B 10 8.95 -20.66 1.45
CA ILE B 10 8.11 -20.95 0.27
C ILE B 10 7.69 -19.67 -0.48
N ALA B 11 7.75 -19.71 -1.81
CA ALA B 11 7.27 -18.63 -2.65
C ALA B 11 5.99 -19.02 -3.31
N ILE B 12 4.97 -18.16 -3.17
CA ILE B 12 3.66 -18.36 -3.78
C ILE B 12 3.46 -17.26 -4.86
N LEU B 13 3.25 -17.71 -6.08
CA LEU B 13 3.19 -16.81 -7.20
C LEU B 13 1.75 -16.46 -7.53
N GLY B 14 1.31 -15.26 -7.18
CA GLY B 14 -0.08 -14.94 -7.47
C GLY B 14 -1.03 -15.04 -6.29
N ALA B 15 -1.86 -14.02 -6.12
CA ALA B 15 -2.83 -13.97 -5.02
C ALA B 15 -4.25 -13.97 -5.51
N GLY B 16 -4.59 -14.72 -6.54
CA GLY B 16 -6.02 -14.99 -6.77
C GLY B 16 -6.56 -16.16 -5.92
N PRO B 17 -7.71 -16.73 -6.32
CA PRO B 17 -8.29 -17.88 -5.60
C PRO B 17 -7.28 -18.91 -5.19
N SER B 18 -6.44 -19.34 -6.13
CA SER B 18 -5.41 -20.33 -5.85
C SER B 18 -4.32 -19.93 -4.86
N GLY B 19 -3.61 -18.81 -5.10
CA GLY B 19 -2.72 -18.23 -4.11
C GLY B 19 -3.36 -17.98 -2.74
N MET B 20 -4.53 -17.36 -2.74
CA MET B 20 -5.30 -17.25 -1.50
C MET B 20 -5.50 -18.66 -0.82
N ALA B 21 -5.92 -19.66 -1.59
CA ALA B 21 -6.09 -21.03 -1.07
C ALA B 21 -4.79 -21.58 -0.45
N GLN B 22 -3.67 -21.37 -1.16
CA GLN B 22 -2.41 -21.83 -0.69
C GLN B 22 -2.03 -21.18 0.62
N LEU B 23 -2.28 -19.87 0.78
CA LEU B 23 -2.01 -19.20 2.09
C LEU B 23 -2.95 -19.76 3.14
N ARG B 24 -4.22 -19.86 2.80
CA ARG B 24 -5.23 -20.37 3.71
C ARG B 24 -4.89 -21.75 4.20
N ALA B 25 -4.42 -22.64 3.33
CA ALA B 25 -4.05 -23.96 3.83
C ALA B 25 -2.96 -23.91 4.90
N PHE B 26 -1.98 -23.05 4.73
CA PHE B 26 -0.89 -23.08 5.69
C PHE B 26 -1.37 -22.49 7.00
N GLN B 27 -2.21 -21.47 6.89
CA GLN B 27 -2.72 -20.81 8.06
C GLN B 27 -3.57 -21.80 8.84
N SER B 28 -4.34 -22.65 8.16
CA SER B 28 -5.13 -23.67 8.87
C SER B 28 -4.31 -24.71 9.58
N ALA B 29 -3.21 -25.14 8.95
CA ALA B 29 -2.29 -26.03 9.65
C ALA B 29 -1.76 -25.40 10.97
N GLN B 30 -1.35 -24.14 10.89
CA GLN B 30 -0.78 -23.46 12.01
C GLN B 30 -1.84 -23.26 13.11
N GLU B 31 -3.05 -22.94 12.69
CA GLU B 31 -4.13 -22.81 13.64
C GLU B 31 -4.31 -24.14 14.39
N LYS B 32 -4.31 -25.26 13.69
CA LYS B 32 -4.39 -26.53 14.36
C LYS B 32 -3.16 -26.90 15.12
N GLY B 33 -2.17 -25.99 15.14
CA GLY B 33 -1.02 -26.09 15.99
C GLY B 33 0.31 -26.59 15.47
N ALA B 34 0.46 -26.72 14.16
CA ALA B 34 1.69 -27.20 13.56
C ALA B 34 2.66 -26.05 13.26
N GLU B 35 3.94 -26.37 13.08
CA GLU B 35 4.94 -25.36 12.73
C GLU B 35 4.95 -25.30 11.22
N ILE B 36 4.76 -24.12 10.66
CA ILE B 36 4.74 -24.00 9.18
C ILE B 36 6.02 -23.28 8.68
N PRO B 37 6.30 -23.41 7.36
CA PRO B 37 7.39 -22.78 6.65
C PRO B 37 7.23 -21.27 6.58
N GLU B 38 8.29 -20.49 6.44
CA GLU B 38 8.14 -19.07 6.08
C GLU B 38 7.38 -18.99 4.74
N LEU B 39 6.55 -17.97 4.55
CA LEU B 39 5.75 -17.88 3.32
C LEU B 39 5.90 -16.51 2.74
N VAL B 40 6.21 -16.43 1.44
CA VAL B 40 6.20 -15.15 0.71
C VAL B 40 5.34 -15.30 -0.52
N CYS B 41 4.30 -14.48 -0.64
CA CYS B 41 3.44 -14.46 -1.82
C CYS B 41 3.65 -13.16 -2.59
N PHE B 42 3.90 -13.28 -3.89
CA PHE B 42 4.03 -12.17 -4.80
C PHE B 42 2.81 -11.90 -5.71
N GLU B 43 2.34 -10.66 -5.77
CA GLU B 43 1.18 -10.35 -6.59
C GLU B 43 1.41 -9.02 -7.37
N LYS B 44 1.16 -9.03 -8.70
CA LYS B 44 1.44 -7.90 -9.54
C LYS B 44 0.41 -6.80 -9.46
N GLN B 45 -0.83 -7.19 -9.10
CA GLN B 45 -1.95 -6.23 -8.94
C GLN B 45 -1.81 -5.56 -7.59
N ALA B 46 -2.63 -4.53 -7.34
CA ALA B 46 -2.60 -3.83 -6.03
C ALA B 46 -3.52 -4.49 -4.97
N ASP B 47 -4.23 -5.54 -5.33
CA ASP B 47 -5.11 -6.23 -4.38
C ASP B 47 -5.34 -7.66 -4.77
N TRP B 48 -5.80 -8.45 -3.82
CA TRP B 48 -6.09 -9.88 -4.14
C TRP B 48 -7.39 -10.18 -4.83
N GLY B 49 -7.47 -11.38 -5.37
CA GLY B 49 -8.70 -11.89 -5.97
C GLY B 49 -8.56 -12.23 -7.43
N GLY B 50 -7.44 -11.91 -8.04
CA GLY B 50 -7.18 -12.46 -9.38
C GLY B 50 -8.15 -12.03 -10.45
N GLN B 51 -8.74 -12.97 -11.15
CA GLN B 51 -9.78 -12.61 -12.13
C GLN B 51 -10.81 -11.69 -11.41
N TRP B 52 -11.30 -12.15 -10.26
CA TRP B 52 -12.36 -11.46 -9.60
C TRP B 52 -12.07 -10.03 -9.20
N ASN B 53 -10.84 -9.55 -9.28
CA ASN B 53 -10.59 -8.14 -9.01
C ASN B 53 -10.79 -7.42 -10.33
N TYR B 54 -11.87 -6.66 -10.45
CA TYR B 54 -12.18 -6.03 -11.73
C TYR B 54 -11.25 -4.82 -12.01
N THR B 55 -11.01 -4.56 -13.31
CA THR B 55 -10.28 -3.37 -13.72
C THR B 55 -10.84 -2.83 -15.01
N TRP B 56 -10.83 -1.51 -15.16
CA TRP B 56 -11.22 -0.91 -16.44
C TRP B 56 -10.10 -1.02 -17.43
N ARG B 57 -8.90 -1.38 -16.96
CA ARG B 57 -7.74 -1.32 -17.82
C ARG B 57 -7.68 -2.47 -18.80
N THR B 58 -6.82 -2.32 -19.79
CA THR B 58 -6.86 -3.14 -20.99
C THR B 58 -5.48 -3.28 -21.59
N GLY B 59 -5.17 -4.47 -22.12
CA GLY B 59 -3.78 -4.71 -22.61
C GLY B 59 -2.70 -4.75 -21.51
N LEU B 60 -2.11 -3.57 -21.23
CA LEU B 60 -1.05 -3.37 -20.27
C LEU B 60 -1.49 -2.46 -19.13
N ASP B 61 -1.22 -2.88 -17.89
CA ASP B 61 -1.61 -2.15 -16.65
C ASP B 61 -0.78 -0.89 -16.33
N GLU B 62 -1.03 -0.19 -15.22
CA GLU B 62 -0.31 1.08 -15.02
C GLU B 62 1.22 0.95 -14.87
N ASN B 63 1.73 -0.28 -14.81
CA ASN B 63 3.20 -0.44 -14.63
C ASN B 63 3.81 -1.04 -15.86
N GLY B 64 2.97 -1.31 -16.86
CA GLY B 64 3.41 -2.00 -18.05
C GLY B 64 3.27 -3.52 -18.02
N GLU B 65 2.89 -4.13 -16.90
CA GLU B 65 2.64 -5.58 -16.91
C GLU B 65 1.37 -5.88 -17.73
N PRO B 66 1.34 -7.02 -18.40
CA PRO B 66 0.06 -7.40 -19.01
C PRO B 66 -1.10 -7.37 -18.00
N VAL B 67 -2.21 -6.73 -18.37
CA VAL B 67 -3.40 -6.66 -17.52
C VAL B 67 -3.91 -8.08 -17.29
N HIS B 68 -4.23 -8.40 -16.06
CA HIS B 68 -4.47 -9.77 -15.84
C HIS B 68 -5.93 -10.19 -16.02
N SER B 69 -6.86 -9.45 -15.43
CA SER B 69 -8.25 -9.89 -15.38
C SER B 69 -9.01 -9.80 -16.71
N SER B 70 -9.83 -10.81 -16.94
CA SER B 70 -10.57 -10.95 -18.19
C SER B 70 -12.06 -10.66 -17.95
N MET B 71 -12.36 -10.12 -16.76
CA MET B 71 -13.73 -9.93 -16.31
C MET B 71 -14.30 -8.56 -16.64
N TYR B 72 -15.61 -8.54 -16.79
CA TYR B 72 -16.31 -7.41 -17.37
C TYR B 72 -17.45 -6.96 -16.46
N ARG B 73 -17.93 -5.74 -16.72
CA ARG B 73 -19.16 -5.26 -16.08
C ARG B 73 -20.28 -6.28 -16.25
N TYR B 74 -21.05 -6.45 -15.18
CA TYR B 74 -22.27 -7.23 -15.26
C TYR B 74 -21.99 -8.74 -15.40
N LEU B 75 -20.75 -9.14 -15.11
CA LEU B 75 -20.46 -10.55 -15.04
C LEU B 75 -21.07 -11.08 -13.75
N TRP B 76 -21.69 -12.25 -13.88
CA TRP B 76 -22.18 -12.98 -12.74
C TRP B 76 -21.71 -14.36 -12.95
N SER B 77 -21.55 -15.06 -11.84
CA SER B 77 -21.32 -16.48 -11.83
C SER B 77 -22.03 -17.28 -12.93
N ASN B 78 -21.31 -18.16 -13.64
CA ASN B 78 -22.05 -19.01 -14.52
C ASN B 78 -22.36 -20.39 -14.09
N GLY B 79 -22.10 -20.69 -12.84
CA GLY B 79 -22.47 -21.99 -12.37
C GLY B 79 -23.06 -21.77 -11.01
N PRO B 80 -23.70 -22.78 -10.47
CA PRO B 80 -24.20 -22.64 -9.13
C PRO B 80 -23.11 -22.20 -8.12
N LYS B 81 -23.31 -21.10 -7.40
CA LYS B 81 -22.43 -20.84 -6.26
C LYS B 81 -22.33 -22.01 -5.31
N GLU B 82 -23.32 -22.89 -5.34
CA GLU B 82 -23.31 -24.03 -4.42
C GLU B 82 -22.17 -25.02 -4.74
N CYS B 83 -21.78 -25.03 -6.01
CA CYS B 83 -20.72 -25.85 -6.57
C CYS B 83 -19.31 -25.32 -6.33
N LEU B 84 -19.17 -24.16 -5.67
CA LEU B 84 -17.86 -23.57 -5.51
C LEU B 84 -17.66 -23.00 -4.15
N GLU B 85 -18.55 -23.34 -3.23
CA GLU B 85 -18.46 -23.00 -1.82
C GLU B 85 -17.25 -23.66 -1.13
N PHE B 86 -16.52 -22.88 -0.33
CA PHE B 86 -15.51 -23.38 0.51
C PHE B 86 -16.11 -24.34 1.48
N ALA B 87 -15.53 -25.52 1.60
CA ALA B 87 -15.94 -26.42 2.67
C ALA B 87 -15.54 -25.96 4.11
N ASP B 88 -14.80 -24.86 4.22
CA ASP B 88 -14.29 -24.35 5.52
C ASP B 88 -14.68 -22.89 5.83
N TYR B 89 -15.49 -22.29 4.95
CA TYR B 89 -15.97 -20.94 5.12
C TYR B 89 -17.21 -20.76 4.23
N THR B 90 -18.37 -21.01 4.82
CA THR B 90 -19.63 -21.13 4.05
C THR B 90 -20.21 -19.77 3.63
N PHE B 91 -20.99 -19.78 2.56
CA PHE B 91 -21.80 -18.62 2.23
C PHE B 91 -22.65 -18.16 3.43
N ASP B 92 -23.26 -19.08 4.19
CA ASP B 92 -24.01 -18.64 5.38
C ASP B 92 -23.17 -17.77 6.32
N GLU B 93 -21.94 -18.20 6.55
CA GLU B 93 -21.05 -17.53 7.49
C GLU B 93 -20.65 -16.19 6.92
N HIS B 94 -20.37 -16.11 5.64
CA HIS B 94 -19.74 -14.89 5.23
C HIS B 94 -20.76 -13.78 5.23
N PHE B 95 -21.88 -14.03 4.56
CA PHE B 95 -22.96 -13.03 4.41
C PHE B 95 -23.96 -12.91 5.59
N GLY B 96 -23.94 -13.91 6.47
CA GLY B 96 -24.90 -14.02 7.55
C GLY B 96 -26.36 -14.20 7.14
N LYS B 97 -26.66 -14.51 5.87
CA LYS B 97 -28.06 -14.80 5.42
C LYS B 97 -28.08 -15.51 4.09
N PRO B 98 -29.18 -16.20 3.74
CA PRO B 98 -29.18 -16.84 2.40
C PRO B 98 -29.15 -15.83 1.24
N ILE B 99 -28.67 -16.18 0.05
CA ILE B 99 -28.71 -15.25 -1.10
C ILE B 99 -28.93 -16.15 -2.29
N ALA B 100 -29.12 -15.60 -3.48
CA ALA B 100 -29.48 -16.51 -4.57
C ALA B 100 -28.28 -17.33 -5.11
N SER B 101 -28.46 -17.99 -6.24
CA SER B 101 -27.49 -18.99 -6.70
C SER B 101 -26.37 -18.50 -7.61
N TYR B 102 -26.53 -17.35 -8.28
CA TYR B 102 -25.56 -16.90 -9.25
C TYR B 102 -25.13 -15.46 -9.04
N PRO B 103 -24.36 -15.18 -8.00
CA PRO B 103 -24.00 -13.84 -7.62
C PRO B 103 -23.13 -13.08 -8.65
N PRO B 104 -23.29 -11.75 -8.71
CA PRO B 104 -22.36 -10.97 -9.57
C PRO B 104 -20.94 -11.04 -8.98
N ARG B 105 -19.96 -10.76 -9.86
CA ARG B 105 -18.56 -10.54 -9.56
C ARG B 105 -18.22 -9.92 -8.22
N GLU B 106 -18.81 -8.77 -7.92
CA GLU B 106 -18.41 -8.06 -6.73
C GLU B 106 -18.73 -8.92 -5.55
N VAL B 107 -19.75 -9.76 -5.76
CA VAL B 107 -20.28 -10.48 -4.61
C VAL B 107 -19.39 -11.65 -4.27
N LEU B 108 -19.00 -12.40 -5.28
CA LEU B 108 -18.11 -13.53 -5.07
C LEU B 108 -16.68 -13.07 -4.67
N TRP B 109 -16.21 -11.96 -5.25
CA TRP B 109 -15.03 -11.27 -4.77
C TRP B 109 -15.12 -10.97 -3.28
N ASP B 110 -16.21 -10.38 -2.81
CA ASP B 110 -16.26 -10.07 -1.38
C ASP B 110 -16.06 -11.37 -0.58
N TYR B 111 -16.65 -12.47 -1.05
CA TYR B 111 -16.70 -13.74 -0.33
C TYR B 111 -15.34 -14.42 -0.35
N ILE B 112 -14.68 -14.49 -1.49
CA ILE B 112 -13.33 -15.05 -1.43
C ILE B 112 -12.42 -14.21 -0.54
N LYS B 113 -12.55 -12.88 -0.55
CA LYS B 113 -11.68 -12.11 0.31
C LYS B 113 -11.98 -12.36 1.76
N GLY B 114 -13.26 -12.61 2.07
CA GLY B 114 -13.67 -12.81 3.47
C GLY B 114 -12.89 -13.89 4.18
N ARG B 115 -12.68 -15.02 3.50
CA ARG B 115 -11.94 -16.13 4.08
C ARG B 115 -10.49 -15.76 4.41
N VAL B 116 -9.85 -14.97 3.54
CA VAL B 116 -8.42 -14.61 3.74
C VAL B 116 -8.22 -13.43 4.67
N GLU B 117 -9.26 -12.59 4.80
CA GLU B 117 -9.28 -11.52 5.78
C GLU B 117 -9.46 -12.11 7.18
N LYS B 118 -10.42 -13.05 7.33
CA LYS B 118 -10.57 -13.81 8.57
C LYS B 118 -9.27 -14.44 8.97
N ALA B 119 -8.57 -15.08 8.02
CA ALA B 119 -7.37 -15.91 8.24
C ALA B 119 -6.10 -15.12 8.55
N GLY B 120 -6.15 -13.82 8.31
CA GLY B 120 -5.02 -12.94 8.61
C GLY B 120 -3.81 -13.07 7.69
N VAL B 121 -3.96 -13.76 6.55
CA VAL B 121 -2.80 -14.06 5.71
C VAL B 121 -2.36 -12.97 4.76
N ARG B 122 -3.06 -11.84 4.75
CA ARG B 122 -2.65 -10.70 3.93
C ARG B 122 -1.21 -10.34 4.26
N LYS B 123 -0.81 -10.47 5.49
CA LYS B 123 0.50 -10.00 5.84
C LYS B 123 1.64 -10.70 5.02
N TYR B 124 1.34 -11.82 4.39
CA TYR B 124 2.39 -12.58 3.68
C TYR B 124 2.61 -12.05 2.26
N ILE B 125 1.72 -11.21 1.77
CA ILE B 125 1.71 -10.86 0.37
C ILE B 125 2.44 -9.57 0.08
N ARG B 126 3.29 -9.62 -0.94
CA ARG B 126 3.90 -8.43 -1.52
C ARG B 126 3.17 -8.07 -2.83
N PHE B 127 2.27 -7.07 -2.75
CA PHE B 127 1.52 -6.54 -3.88
C PHE B 127 2.37 -5.65 -4.78
N ASN B 128 1.84 -5.35 -5.97
CA ASN B 128 2.43 -4.43 -6.90
C ASN B 128 3.81 -4.90 -7.26
N THR B 129 4.01 -6.24 -7.20
CA THR B 129 5.28 -6.90 -7.48
C THR B 129 5.11 -7.95 -8.57
N ALA B 130 5.79 -7.79 -9.69
CA ALA B 130 5.68 -8.76 -10.79
C ALA B 130 6.86 -9.76 -10.70
N VAL B 131 6.53 -11.04 -10.83
CA VAL B 131 7.48 -12.12 -10.89
C VAL B 131 8.04 -12.13 -12.32
N ARG B 132 9.37 -12.08 -12.41
CA ARG B 132 10.13 -11.99 -13.67
C ARG B 132 10.84 -13.23 -14.04
N HIS B 133 11.40 -13.96 -13.08
CA HIS B 133 12.19 -15.17 -13.36
C HIS B 133 12.19 -16.13 -12.14
N VAL B 134 12.17 -17.43 -12.40
CA VAL B 134 12.34 -18.44 -11.38
C VAL B 134 13.40 -19.42 -11.91
N GLU B 135 14.45 -19.63 -11.14
CA GLU B 135 15.56 -20.47 -11.59
C GLU B 135 15.83 -21.46 -10.48
N PHE B 136 16.11 -22.70 -10.83
CA PHE B 136 16.48 -23.63 -9.78
C PHE B 136 17.99 -23.83 -9.82
N ASN B 137 18.67 -23.62 -8.68
CA ASN B 137 20.12 -23.78 -8.63
C ASN B 137 20.48 -25.17 -8.13
N GLU B 138 21.12 -25.97 -8.99
CA GLU B 138 21.43 -27.39 -8.67
C GLU B 138 22.25 -27.60 -7.38
N ASP B 139 23.14 -26.63 -7.11
CA ASP B 139 24.16 -26.76 -6.07
C ASP B 139 23.55 -26.58 -4.73
N SER B 140 22.67 -25.58 -4.61
CA SER B 140 22.06 -25.32 -3.34
C SER B 140 20.73 -26.07 -3.14
N GLN B 141 20.20 -26.60 -4.24
CA GLN B 141 18.83 -27.16 -4.27
C GLN B 141 17.72 -26.17 -3.85
N THR B 142 17.89 -24.90 -4.20
CA THR B 142 16.95 -23.82 -3.89
C THR B 142 16.51 -23.10 -5.18
N PHE B 143 15.44 -22.30 -5.14
CA PHE B 143 15.01 -21.58 -6.33
C PHE B 143 15.42 -20.13 -6.13
N THR B 144 15.81 -19.42 -7.17
CA THR B 144 16.00 -17.99 -7.07
C THR B 144 14.86 -17.30 -7.80
N VAL B 145 14.13 -16.46 -7.06
CA VAL B 145 12.97 -15.78 -7.57
C VAL B 145 13.31 -14.29 -7.69
N THR B 146 13.32 -13.79 -8.93
CA THR B 146 13.55 -12.38 -9.25
C THR B 146 12.26 -11.64 -9.58
N VAL B 147 12.05 -10.50 -8.92
CA VAL B 147 10.79 -9.80 -9.03
C VAL B 147 11.05 -8.33 -9.20
N GLN B 148 10.06 -7.64 -9.77
CA GLN B 148 10.10 -6.19 -9.89
C GLN B 148 9.09 -5.59 -8.93
N ASP B 149 9.60 -4.90 -7.90
CA ASP B 149 8.68 -4.16 -7.03
C ASP B 149 8.33 -2.79 -7.67
N HIS B 150 7.06 -2.64 -8.06
CA HIS B 150 6.69 -1.39 -8.78
C HIS B 150 6.38 -0.26 -7.83
N THR B 151 6.28 -0.52 -6.54
CA THR B 151 6.16 0.59 -5.61
C THR B 151 7.52 1.30 -5.45
N THR B 152 8.58 0.53 -5.21
CA THR B 152 9.90 1.10 -5.06
C THR B 152 10.62 1.21 -6.37
N ASP B 153 10.09 0.56 -7.41
CA ASP B 153 10.76 0.47 -8.71
C ASP B 153 12.16 -0.15 -8.54
N THR B 154 12.20 -1.35 -8.01
CA THR B 154 13.41 -2.00 -7.74
C THR B 154 13.21 -3.42 -8.15
N ILE B 155 14.27 -4.02 -8.64
CA ILE B 155 14.28 -5.42 -9.03
C ILE B 155 15.24 -6.11 -8.10
N TYR B 156 14.80 -7.24 -7.56
CA TYR B 156 15.55 -7.91 -6.53
C TYR B 156 15.22 -9.40 -6.57
N SER B 157 16.07 -10.20 -5.93
CA SER B 157 15.76 -11.60 -5.81
C SER B 157 15.95 -12.20 -4.42
N ALA B 158 15.47 -13.42 -4.30
CA ALA B 158 15.37 -14.08 -3.03
C ALA B 158 15.30 -15.58 -3.28
N ALA B 159 15.75 -16.35 -2.31
CA ALA B 159 15.92 -17.77 -2.47
C ALA B 159 14.77 -18.49 -1.74
N PHE B 160 14.36 -19.63 -2.25
CA PHE B 160 13.24 -20.35 -1.66
C PHE B 160 13.42 -21.80 -1.79
N ASP B 161 12.90 -22.57 -0.86
CA ASP B 161 13.06 -24.03 -0.90
C ASP B 161 12.01 -24.71 -1.70
N TYR B 162 10.87 -24.06 -1.94
CA TYR B 162 9.82 -24.63 -2.80
C TYR B 162 9.14 -23.46 -3.47
N VAL B 163 8.43 -23.73 -4.56
CA VAL B 163 7.69 -22.68 -5.25
C VAL B 163 6.34 -23.22 -5.68
N VAL B 164 5.28 -22.50 -5.30
CA VAL B 164 3.93 -22.84 -5.73
C VAL B 164 3.42 -21.83 -6.78
N CYS B 165 3.28 -22.28 -8.02
CA CYS B 165 2.76 -21.40 -9.04
C CYS B 165 1.22 -21.28 -9.07
N CYS B 166 0.73 -20.05 -9.00
CA CYS B 166 -0.70 -19.80 -8.97
C CYS B 166 -1.12 -18.64 -9.92
N THR B 167 -0.54 -18.56 -11.12
CA THR B 167 -0.69 -17.32 -11.87
C THR B 167 -1.80 -17.44 -12.95
N GLY B 168 -2.55 -18.53 -12.91
CA GLY B 168 -3.75 -18.63 -13.75
C GLY B 168 -3.45 -19.01 -15.19
N HIS B 169 -4.50 -19.44 -15.91
CA HIS B 169 -4.34 -19.77 -17.29
C HIS B 169 -5.48 -19.27 -18.21
N PHE B 170 -6.20 -18.25 -17.77
CA PHE B 170 -7.18 -17.59 -18.61
C PHE B 170 -6.86 -16.09 -18.63
N SER B 171 -5.61 -15.72 -18.92
CA SER B 171 -5.24 -14.28 -18.96
C SER B 171 -4.48 -13.84 -20.19
N THR B 172 -3.80 -14.80 -20.82
CA THR B 172 -3.01 -14.57 -22.01
C THR B 172 -3.88 -15.10 -23.17
N PRO B 173 -4.28 -14.21 -24.07
CA PRO B 173 -5.33 -14.55 -25.05
C PRO B 173 -4.86 -15.43 -26.20
N TYR B 174 -5.61 -16.47 -26.56
CA TYR B 174 -5.41 -17.03 -27.87
C TYR B 174 -6.19 -16.13 -28.87
N VAL B 175 -5.51 -15.62 -29.90
CA VAL B 175 -6.07 -14.55 -30.74
C VAL B 175 -5.84 -14.82 -32.22
N PRO B 176 -6.65 -15.71 -32.83
CA PRO B 176 -6.29 -16.07 -34.23
C PRO B 176 -6.53 -14.93 -35.17
N GLU B 177 -5.84 -14.95 -36.30
CA GLU B 177 -5.98 -13.92 -37.35
C GLU B 177 -6.93 -14.37 -38.42
N PHE B 178 -7.75 -13.46 -38.95
CA PHE B 178 -8.49 -13.78 -40.18
C PHE B 178 -8.11 -12.84 -41.33
N GLU B 179 -8.27 -13.31 -42.55
CA GLU B 179 -7.96 -12.47 -43.73
C GLU B 179 -8.77 -11.20 -43.67
N GLY B 180 -8.08 -10.07 -43.81
CA GLY B 180 -8.69 -8.75 -43.88
C GLY B 180 -8.76 -7.92 -42.63
N PHE B 181 -8.34 -8.47 -41.49
CA PHE B 181 -8.45 -7.75 -40.23
C PHE B 181 -7.79 -6.38 -40.27
N GLU B 182 -6.79 -6.21 -41.14
CA GLU B 182 -6.04 -4.96 -41.26
C GLU B 182 -6.78 -3.90 -42.10
N LYS B 183 -7.94 -4.27 -42.65
CA LYS B 183 -8.80 -3.38 -43.50
C LYS B 183 -10.15 -3.04 -42.85
N PHE B 184 -10.66 -3.95 -42.04
CA PHE B 184 -11.88 -3.68 -41.27
C PHE B 184 -11.77 -2.38 -40.45
N GLY B 185 -12.82 -1.57 -40.49
CA GLY B 185 -12.79 -0.26 -39.84
C GLY B 185 -13.38 -0.25 -38.46
N GLY B 186 -14.05 -1.33 -38.06
CA GLY B 186 -14.61 -1.38 -36.69
C GLY B 186 -13.57 -1.84 -35.66
N ARG B 187 -13.94 -1.86 -34.38
CA ARG B 187 -13.04 -2.41 -33.37
C ARG B 187 -12.92 -3.96 -33.47
N ILE B 188 -11.68 -4.43 -33.27
CA ILE B 188 -11.38 -5.84 -33.11
C ILE B 188 -10.73 -6.01 -31.77
N LEU B 189 -11.27 -6.93 -30.99
CA LEU B 189 -10.82 -7.14 -29.64
C LEU B 189 -10.96 -8.65 -29.31
N HIS B 190 -10.29 -9.07 -28.23
CA HIS B 190 -10.43 -10.42 -27.73
C HIS B 190 -11.37 -10.31 -26.51
N ALA B 191 -12.07 -11.39 -26.18
CA ALA B 191 -12.89 -11.48 -25.00
C ALA B 191 -12.17 -10.93 -23.79
N HIS B 192 -10.86 -11.16 -23.72
CA HIS B 192 -10.03 -10.65 -22.62
C HIS B 192 -10.08 -9.14 -22.51
N ASP B 193 -10.31 -8.44 -23.62
CA ASP B 193 -10.30 -6.95 -23.65
C ASP B 193 -11.70 -6.33 -23.33
N PHE B 194 -12.73 -7.17 -23.21
CA PHE B 194 -14.14 -6.73 -23.19
C PHE B 194 -14.47 -6.13 -21.86
N ARG B 195 -14.95 -4.91 -21.84
CA ARG B 195 -15.21 -4.33 -20.54
C ARG B 195 -16.69 -4.01 -20.26
N ASP B 196 -17.23 -2.94 -20.87
CA ASP B 196 -18.64 -2.51 -20.62
C ASP B 196 -19.50 -2.79 -21.86
N ALA B 197 -20.50 -3.68 -21.75
CA ALA B 197 -21.39 -4.01 -22.90
C ALA B 197 -22.06 -2.79 -23.56
N LEU B 198 -22.33 -1.77 -22.74
CA LEU B 198 -22.85 -0.52 -23.22
C LEU B 198 -22.04 0.12 -24.33
N GLU B 199 -20.77 -0.22 -24.48
CA GLU B 199 -19.99 0.36 -25.57
C GLU B 199 -20.58 -0.10 -26.90
N PHE B 200 -21.42 -1.14 -26.82
CA PHE B 200 -21.94 -1.77 -28.06
C PHE B 200 -23.46 -1.63 -28.27
N LYS B 201 -24.12 -0.90 -27.37
CA LYS B 201 -25.51 -0.50 -27.55
C LYS B 201 -25.76 -0.03 -28.97
N ASP B 202 -26.76 -0.63 -29.59
CA ASP B 202 -27.20 -0.28 -30.97
C ASP B 202 -26.27 -0.73 -32.09
N LYS B 203 -25.35 -1.65 -31.77
CA LYS B 203 -24.44 -2.13 -32.79
C LYS B 203 -24.57 -3.61 -33.12
N THR B 204 -23.96 -3.96 -34.25
CA THR B 204 -23.86 -5.32 -34.75
C THR B 204 -22.46 -5.87 -34.47
N VAL B 205 -22.46 -6.94 -33.68
CA VAL B 205 -21.30 -7.44 -33.06
C VAL B 205 -21.23 -8.89 -33.45
N LEU B 206 -20.11 -9.25 -34.08
CA LEU B 206 -19.74 -10.64 -34.33
C LEU B 206 -18.90 -11.13 -33.14
N LEU B 207 -19.23 -12.33 -32.69
CA LEU B 207 -18.60 -12.99 -31.58
C LEU B 207 -18.07 -14.23 -32.21
N VAL B 208 -16.76 -14.42 -32.20
CA VAL B 208 -16.12 -15.54 -32.90
C VAL B 208 -15.77 -16.60 -31.87
N GLY B 209 -16.45 -17.74 -32.00
CA GLY B 209 -16.20 -18.93 -31.20
C GLY B 209 -17.44 -19.44 -30.53
N SER B 210 -17.37 -20.62 -29.94
CA SER B 210 -18.59 -21.20 -29.39
C SER B 210 -18.42 -21.84 -28.03
N SER B 211 -17.87 -21.11 -27.07
CA SER B 211 -17.81 -21.61 -25.70
C SER B 211 -18.36 -20.63 -24.69
N TYR B 212 -17.99 -20.82 -23.42
CA TYR B 212 -18.46 -19.98 -22.33
C TYR B 212 -18.26 -18.50 -22.59
N SER B 213 -17.16 -18.13 -23.22
CA SER B 213 -16.95 -16.72 -23.54
C SER B 213 -18.02 -16.15 -24.49
N ALA B 214 -18.21 -16.85 -25.62
CA ALA B 214 -19.18 -16.46 -26.61
C ALA B 214 -20.57 -16.43 -25.95
N GLU B 215 -21.01 -17.54 -25.32
CA GLU B 215 -22.28 -17.54 -24.59
C GLU B 215 -22.48 -16.30 -23.76
N ASP B 216 -21.54 -15.92 -22.91
CA ASP B 216 -21.90 -14.89 -21.91
C ASP B 216 -21.67 -13.50 -22.48
N ILE B 217 -20.66 -13.27 -23.29
CA ILE B 217 -20.43 -11.91 -23.74
C ILE B 217 -21.58 -11.50 -24.68
N GLY B 218 -21.98 -12.45 -25.53
CA GLY B 218 -23.24 -12.35 -26.31
C GLY B 218 -24.41 -11.97 -25.40
N SER B 219 -24.61 -12.70 -24.31
CA SER B 219 -25.74 -12.38 -23.48
C SER B 219 -25.64 -10.96 -23.02
N GLN B 220 -24.44 -10.51 -22.66
CA GLN B 220 -24.33 -9.18 -22.02
C GLN B 220 -24.60 -8.14 -23.10
N CYS B 221 -24.04 -8.30 -24.28
CA CYS B 221 -24.34 -7.37 -25.32
C CYS B 221 -25.87 -7.32 -25.59
N TYR B 222 -26.48 -8.53 -25.68
CA TYR B 222 -27.95 -8.74 -25.78
C TYR B 222 -28.71 -8.01 -24.70
N LYS B 223 -28.43 -8.32 -23.45
CA LYS B 223 -29.04 -7.65 -22.35
C LYS B 223 -28.93 -6.15 -22.40
N TYR B 224 -27.91 -5.54 -23.03
CA TYR B 224 -27.68 -4.06 -22.83
C TYR B 224 -27.85 -3.26 -24.15
N GLY B 225 -28.55 -3.90 -25.10
CA GLY B 225 -29.15 -3.17 -26.23
C GLY B 225 -28.43 -3.26 -27.56
N ALA B 226 -27.66 -4.31 -27.79
CA ALA B 226 -26.89 -4.30 -29.05
C ALA B 226 -27.92 -4.44 -30.15
N LYS B 227 -27.77 -3.69 -31.24
CA LYS B 227 -28.73 -3.93 -32.30
C LYS B 227 -28.83 -5.44 -32.59
N LYS B 228 -27.77 -6.07 -33.10
CA LYS B 228 -27.85 -7.45 -33.65
C LYS B 228 -26.60 -8.23 -33.23
N LEU B 229 -26.74 -9.56 -33.09
CA LEU B 229 -25.63 -10.47 -32.75
C LEU B 229 -25.39 -11.59 -33.75
N ILE B 230 -24.12 -11.92 -33.96
CA ILE B 230 -23.76 -13.07 -34.80
C ILE B 230 -22.59 -13.84 -34.14
N SER B 231 -22.86 -15.12 -33.85
CA SER B 231 -21.89 -16.09 -33.37
C SER B 231 -21.53 -16.96 -34.54
N CYS B 232 -20.23 -17.22 -34.71
CA CYS B 232 -19.79 -18.22 -35.66
C CYS B 232 -18.98 -19.31 -34.97
N TYR B 233 -19.19 -20.57 -35.35
CA TYR B 233 -18.51 -21.68 -34.74
C TYR B 233 -17.52 -22.30 -35.71
N ARG B 234 -16.43 -22.83 -35.16
CA ARG B 234 -15.49 -23.57 -35.98
C ARG B 234 -15.91 -25.06 -36.13
N THR B 235 -16.36 -25.69 -35.03
CA THR B 235 -16.59 -27.16 -35.02
C THR B 235 -18.07 -27.48 -35.09
N ALA B 236 -18.80 -27.09 -34.06
CA ALA B 236 -20.21 -27.33 -33.99
C ALA B 236 -20.82 -26.11 -33.34
N PRO B 237 -22.12 -25.81 -33.64
CA PRO B 237 -22.79 -24.69 -33.00
C PRO B 237 -23.00 -24.91 -31.50
N MET B 238 -23.16 -23.82 -30.78
CA MET B 238 -23.49 -23.91 -29.41
C MET B 238 -24.80 -24.66 -29.30
N GLY B 239 -25.82 -24.23 -30.05
CA GLY B 239 -27.08 -25.02 -30.11
C GLY B 239 -28.27 -24.54 -29.28
N TYR B 240 -28.06 -23.52 -28.44
CA TYR B 240 -29.15 -22.96 -27.67
C TYR B 240 -30.05 -22.15 -28.57
N LYS B 241 -31.29 -21.97 -28.11
CA LYS B 241 -32.25 -21.08 -28.77
C LYS B 241 -31.96 -19.66 -28.33
N TRP B 242 -31.35 -18.89 -29.22
CA TRP B 242 -31.07 -17.49 -28.94
C TRP B 242 -32.29 -16.62 -29.21
N PRO B 243 -32.33 -15.39 -28.64
CA PRO B 243 -33.33 -14.41 -29.00
C PRO B 243 -33.35 -14.09 -30.52
N GLU B 244 -34.29 -13.24 -30.90
CA GLU B 244 -34.55 -12.88 -32.29
C GLU B 244 -33.37 -12.34 -33.07
N ASN B 245 -32.72 -11.28 -32.52
CA ASN B 245 -31.62 -10.54 -33.17
C ASN B 245 -30.21 -11.16 -33.04
N TRP B 246 -30.16 -12.40 -32.52
CA TRP B 246 -28.94 -13.15 -32.32
C TRP B 246 -29.05 -14.42 -33.12
N ASP B 247 -28.15 -14.62 -34.09
CA ASP B 247 -28.11 -15.89 -34.84
C ASP B 247 -26.69 -16.53 -34.96
N GLU B 248 -26.67 -17.84 -35.20
CA GLU B 248 -25.45 -18.65 -35.26
C GLU B 248 -25.17 -19.12 -36.70
N ARG B 249 -23.91 -19.10 -37.10
CA ARG B 249 -23.57 -19.66 -38.41
C ARG B 249 -22.15 -20.19 -38.43
N PRO B 250 -21.80 -20.96 -39.47
CA PRO B 250 -20.47 -21.55 -39.56
C PRO B 250 -19.40 -20.47 -39.70
N ASN B 251 -18.12 -20.88 -39.77
CA ASN B 251 -17.02 -19.97 -39.38
C ASN B 251 -16.91 -18.70 -40.22
N LEU B 252 -16.50 -17.60 -39.58
CA LEU B 252 -15.89 -16.49 -40.31
C LEU B 252 -14.82 -16.99 -41.26
N VAL B 253 -14.68 -16.33 -42.42
CA VAL B 253 -13.64 -16.69 -43.40
C VAL B 253 -12.90 -15.45 -43.93
N ARG B 254 -13.57 -14.30 -43.86
CA ARG B 254 -12.89 -13.06 -44.10
C ARG B 254 -13.77 -11.93 -43.85
N VAL B 255 -13.16 -10.77 -43.94
CA VAL B 255 -13.76 -9.56 -43.56
C VAL B 255 -13.23 -8.53 -44.53
N ASP B 256 -13.96 -7.42 -44.71
CA ASP B 256 -13.44 -6.27 -45.50
C ASP B 256 -13.63 -4.96 -44.77
N THR B 257 -13.67 -3.86 -45.52
CA THR B 257 -13.86 -2.57 -44.87
C THR B 257 -15.04 -2.56 -43.90
N GLU B 258 -16.08 -3.33 -44.16
CA GLU B 258 -17.30 -3.21 -43.36
C GLU B 258 -17.99 -4.54 -43.09
N ASN B 259 -17.59 -5.58 -43.79
CA ASN B 259 -18.40 -6.77 -43.82
C ASN B 259 -17.68 -8.05 -43.45
N ALA B 260 -18.46 -9.06 -43.08
CA ALA B 260 -17.93 -10.33 -42.60
C ALA B 260 -18.39 -11.35 -43.58
N TYR B 261 -17.57 -12.36 -43.87
CA TYR B 261 -18.00 -13.43 -44.80
C TYR B 261 -17.77 -14.78 -44.17
N PHE B 262 -18.78 -15.66 -44.26
CA PHE B 262 -18.75 -16.92 -43.55
C PHE B 262 -18.75 -18.07 -44.50
N ALA B 263 -18.53 -19.30 -44.02
CA ALA B 263 -18.49 -20.48 -44.91
C ALA B 263 -19.87 -20.89 -45.48
N ASP B 264 -20.94 -20.48 -44.79
CA ASP B 264 -22.30 -20.18 -45.33
C ASP B 264 -22.47 -19.77 -46.81
N GLY B 265 -21.56 -18.88 -47.27
CA GLY B 265 -21.76 -18.10 -48.46
C GLY B 265 -22.35 -16.76 -48.04
N SER B 266 -22.85 -16.68 -46.79
CA SER B 266 -23.53 -15.45 -46.34
C SER B 266 -22.53 -14.34 -45.99
N SER B 267 -23.08 -13.27 -45.41
CA SER B 267 -22.33 -12.04 -45.30
C SER B 267 -23.16 -10.85 -44.90
N GLU B 268 -22.64 -10.05 -43.96
CA GLU B 268 -23.24 -8.78 -43.70
C GLU B 268 -22.35 -7.69 -43.05
N LYS B 269 -23.01 -6.62 -42.59
CA LYS B 269 -22.32 -5.45 -42.07
C LYS B 269 -22.17 -5.78 -40.65
N VAL B 270 -21.00 -5.42 -40.11
CA VAL B 270 -20.63 -5.69 -38.73
C VAL B 270 -19.85 -4.47 -38.20
N ASP B 271 -20.09 -4.09 -36.94
CA ASP B 271 -19.49 -2.86 -36.32
C ASP B 271 -18.25 -3.08 -35.41
N ALA B 272 -18.21 -4.27 -34.80
CA ALA B 272 -17.20 -4.73 -33.87
C ALA B 272 -17.03 -6.27 -34.01
N ILE B 273 -15.78 -6.74 -33.94
CA ILE B 273 -15.58 -8.18 -33.78
C ILE B 273 -14.91 -8.54 -32.45
N ILE B 274 -15.54 -9.44 -31.69
CA ILE B 274 -14.97 -9.96 -30.47
C ILE B 274 -14.47 -11.41 -30.63
N LEU B 275 -13.15 -11.60 -30.45
CA LEU B 275 -12.62 -12.94 -30.51
C LEU B 275 -12.79 -13.65 -29.20
N CYS B 276 -13.68 -14.64 -29.21
CA CYS B 276 -13.93 -15.41 -28.00
C CYS B 276 -13.33 -16.77 -28.21
N THR B 277 -12.02 -16.79 -28.40
CA THR B 277 -11.32 -17.94 -28.85
C THR B 277 -10.41 -18.42 -27.75
N GLY B 278 -10.62 -17.95 -26.52
CA GLY B 278 -9.89 -18.55 -25.36
C GLY B 278 -8.43 -18.12 -25.12
N TYR B 279 -7.68 -18.94 -24.40
CA TYR B 279 -6.42 -18.52 -23.86
C TYR B 279 -5.31 -19.57 -23.94
N ILE B 280 -4.09 -19.10 -23.71
CA ILE B 280 -2.89 -19.96 -23.64
C ILE B 280 -2.27 -20.01 -22.25
N HIS B 281 -1.70 -21.15 -21.91
CA HIS B 281 -0.83 -21.25 -20.74
C HIS B 281 0.46 -20.58 -21.07
N HIS B 282 0.78 -19.53 -20.36
CA HIS B 282 1.97 -18.75 -20.66
C HIS B 282 2.63 -18.38 -19.35
N PHE B 283 3.89 -18.79 -19.18
CA PHE B 283 4.65 -18.45 -18.02
C PHE B 283 5.95 -17.72 -18.35
N PRO B 284 5.85 -16.44 -18.70
CA PRO B 284 7.07 -15.71 -19.08
C PRO B 284 8.24 -15.71 -18.07
N PHE B 285 8.00 -15.99 -16.80
CA PHE B 285 9.06 -16.10 -15.76
C PHE B 285 9.72 -17.51 -15.56
N LEU B 286 9.46 -18.49 -16.42
CA LEU B 286 10.02 -19.83 -16.25
C LEU B 286 10.74 -20.28 -17.52
N ASN B 287 11.89 -20.97 -17.35
CA ASN B 287 12.57 -21.70 -18.46
C ASN B 287 11.99 -23.11 -18.69
N ASP B 288 12.49 -23.83 -19.68
CA ASP B 288 11.85 -25.09 -20.07
C ASP B 288 11.90 -26.23 -19.01
N ASP B 289 12.84 -26.15 -18.08
CA ASP B 289 12.99 -27.09 -16.96
C ASP B 289 11.76 -27.05 -16.01
N LEU B 290 11.16 -25.87 -15.84
CA LEU B 290 10.04 -25.66 -14.93
C LEU B 290 8.68 -25.35 -15.59
N ARG B 291 8.67 -25.13 -16.89
CA ARG B 291 7.51 -24.54 -17.59
C ARG B 291 6.49 -25.52 -18.22
N LEU B 292 5.31 -25.53 -17.65
CA LEU B 292 4.19 -26.38 -18.11
C LEU B 292 3.72 -25.93 -19.51
N VAL B 293 3.70 -26.86 -20.43
CA VAL B 293 3.22 -26.58 -21.76
C VAL B 293 2.02 -27.53 -21.97
N THR B 294 0.82 -26.96 -22.15
CA THR B 294 -0.37 -27.74 -22.35
C THR B 294 -1.45 -26.92 -23.09
N ASN B 295 -2.38 -27.63 -23.75
CA ASN B 295 -3.63 -27.00 -24.19
C ASN B 295 -4.57 -27.02 -22.96
N ASN B 296 -5.67 -26.28 -22.99
CA ASN B 296 -6.66 -26.30 -21.90
C ASN B 296 -7.46 -27.64 -21.77
N ARG B 297 -7.39 -28.30 -20.62
CA ARG B 297 -7.95 -29.62 -20.59
C ARG B 297 -8.11 -30.13 -19.17
N LEU B 298 -8.84 -31.24 -19.00
CA LEU B 298 -9.11 -31.72 -17.64
C LEU B 298 -7.87 -32.35 -17.01
N TRP B 299 -6.97 -32.86 -17.86
CA TRP B 299 -5.76 -33.50 -17.36
C TRP B 299 -4.43 -33.09 -18.12
N PRO B 300 -3.84 -31.94 -17.77
CA PRO B 300 -2.49 -31.69 -18.34
C PRO B 300 -1.52 -32.75 -17.90
N LEU B 301 -0.55 -33.04 -18.78
CA LEU B 301 0.50 -34.01 -18.46
C LEU B 301 1.64 -33.41 -17.66
N ASN B 302 2.37 -34.29 -16.97
CA ASN B 302 3.58 -33.86 -16.24
C ASN B 302 3.34 -33.26 -14.84
N LEU B 303 2.17 -33.57 -14.31
CA LEU B 303 1.75 -33.10 -13.00
C LEU B 303 1.21 -34.31 -12.20
N TYR B 304 1.96 -34.72 -11.18
CA TYR B 304 1.54 -35.77 -10.31
C TYR B 304 0.39 -35.23 -9.51
N LYS B 305 -0.68 -36.02 -9.38
CA LYS B 305 -1.95 -35.56 -8.77
C LYS B 305 -2.40 -34.19 -9.31
N GLY B 306 -2.17 -33.94 -10.61
CA GLY B 306 -2.43 -32.67 -11.23
C GLY B 306 -1.73 -31.45 -10.60
N VAL B 307 -0.71 -31.64 -9.78
CA VAL B 307 -0.19 -30.55 -8.97
C VAL B 307 1.31 -30.47 -8.88
N VAL B 308 1.97 -31.61 -8.75
CA VAL B 308 3.42 -31.66 -8.57
C VAL B 308 4.14 -31.77 -9.94
N TRP B 309 5.08 -30.85 -10.20
CA TRP B 309 5.80 -30.85 -11.46
C TRP B 309 6.77 -32.05 -11.48
N GLU B 310 6.58 -32.95 -12.42
CA GLU B 310 7.29 -34.22 -12.38
C GLU B 310 8.83 -34.17 -12.62
N ASP B 311 9.31 -33.15 -13.32
CA ASP B 311 10.74 -32.96 -13.51
C ASP B 311 11.42 -32.27 -12.37
N ASN B 312 10.69 -31.52 -11.56
CA ASN B 312 11.29 -30.92 -10.36
C ASN B 312 10.25 -30.85 -9.24
N PRO B 313 10.19 -31.90 -8.40
CA PRO B 313 9.03 -31.95 -7.53
C PRO B 313 9.09 -31.06 -6.33
N LYS B 314 9.95 -30.05 -6.36
CA LYS B 314 9.90 -28.99 -5.36
C LYS B 314 9.13 -27.76 -5.91
N PHE B 315 8.52 -27.96 -7.09
CA PHE B 315 7.76 -26.94 -7.81
C PHE B 315 6.36 -27.47 -8.01
N PHE B 316 5.35 -26.63 -7.73
CA PHE B 316 3.94 -27.02 -7.77
C PHE B 316 3.09 -26.09 -8.57
N TYR B 317 2.03 -26.62 -9.17
CA TYR B 317 1.08 -25.79 -9.89
C TYR B 317 -0.31 -25.98 -9.32
N ILE B 318 -0.93 -24.87 -8.94
CA ILE B 318 -2.33 -24.86 -8.57
C ILE B 318 -3.31 -24.37 -9.67
N GLY B 319 -4.35 -25.16 -9.95
CA GLY B 319 -5.44 -24.69 -10.78
C GLY B 319 -5.19 -24.53 -12.27
N MET B 320 -4.35 -25.40 -12.84
CA MET B 320 -3.99 -25.26 -14.23
C MET B 320 -4.82 -26.17 -15.13
N GLN B 321 -5.66 -27.02 -14.50
CA GLN B 321 -6.68 -27.79 -15.24
C GLN B 321 -7.79 -26.85 -15.74
N ASP B 322 -8.55 -27.31 -16.73
CA ASP B 322 -9.80 -26.63 -17.13
C ASP B 322 -10.75 -26.73 -15.98
N GLN B 323 -11.70 -25.80 -15.87
CA GLN B 323 -12.49 -25.63 -14.64
C GLN B 323 -14.00 -25.87 -14.78
N TRP B 324 -14.45 -27.04 -14.31
CA TRP B 324 -15.87 -27.29 -14.06
C TRP B 324 -16.08 -26.93 -12.63
N TYR B 325 -15.52 -27.74 -11.72
CA TYR B 325 -15.26 -27.30 -10.37
C TYR B 325 -14.26 -26.14 -10.41
N SER B 326 -14.23 -25.33 -9.36
CA SER B 326 -13.18 -24.32 -9.29
C SER B 326 -12.67 -24.09 -7.87
N PHE B 327 -13.30 -23.21 -7.07
CA PHE B 327 -12.71 -22.81 -5.79
C PHE B 327 -12.41 -23.96 -4.87
N ASN B 328 -13.30 -24.94 -4.82
CA ASN B 328 -12.98 -26.05 -3.96
C ASN B 328 -12.01 -27.05 -4.55
N MET B 329 -11.91 -27.12 -5.87
CA MET B 329 -10.78 -27.79 -6.48
C MET B 329 -9.45 -27.15 -6.08
N PHE B 330 -9.34 -25.81 -6.14
CA PHE B 330 -8.08 -25.14 -5.75
C PHE B 330 -7.72 -25.43 -4.31
N ASP B 331 -8.70 -25.29 -3.39
CA ASP B 331 -8.48 -25.74 -2.01
C ASP B 331 -7.87 -27.17 -1.99
N ALA B 332 -8.48 -28.15 -2.70
CA ALA B 332 -8.06 -29.55 -2.48
C ALA B 332 -6.61 -29.70 -2.95
N GLN B 333 -6.31 -29.11 -4.12
CA GLN B 333 -4.92 -28.92 -4.58
C GLN B 333 -3.99 -28.19 -3.57
N ALA B 334 -4.41 -27.06 -2.99
CA ALA B 334 -3.50 -26.32 -2.04
C ALA B 334 -3.20 -27.13 -0.76
N TRP B 335 -4.20 -27.85 -0.27
CA TRP B 335 -4.06 -28.74 0.91
C TRP B 335 -3.11 -29.87 0.61
N TYR B 336 -3.19 -30.41 -0.59
CA TYR B 336 -2.27 -31.48 -1.01
C TYR B 336 -0.84 -30.94 -1.19
N ALA B 337 -0.68 -29.85 -1.91
CA ALA B 337 0.61 -29.20 -1.97
C ALA B 337 1.18 -28.89 -0.62
N ARG B 338 0.35 -28.37 0.29
CA ARG B 338 0.84 -28.05 1.62
C ARG B 338 1.45 -29.27 2.28
N ASP B 339 0.78 -30.41 2.17
CA ASP B 339 1.11 -31.58 2.94
C ASP B 339 2.38 -32.27 2.42
N VAL B 340 2.55 -32.28 1.09
CA VAL B 340 3.87 -32.63 0.55
C VAL B 340 5.00 -31.66 0.98
N ILE B 341 4.81 -30.34 0.88
CA ILE B 341 5.83 -29.44 1.33
C ILE B 341 6.17 -29.72 2.79
N MET B 342 5.15 -30.07 3.58
CA MET B 342 5.38 -30.18 5.02
C MET B 342 5.92 -31.53 5.44
N GLY B 343 5.93 -32.50 4.55
CA GLY B 343 6.46 -33.78 4.93
C GLY B 343 5.39 -34.79 5.27
N ARG B 344 4.13 -34.40 5.21
CA ARG B 344 3.07 -35.27 5.63
C ARG B 344 2.73 -36.35 4.63
N LEU B 345 2.99 -36.09 3.36
CA LEU B 345 2.72 -37.04 2.27
C LEU B 345 3.95 -37.17 1.38
N PRO B 346 4.83 -38.12 1.69
CA PRO B 346 6.04 -38.17 0.86
C PRO B 346 5.73 -38.70 -0.55
N LEU B 347 6.48 -38.18 -1.51
CA LEU B 347 6.28 -38.41 -2.92
C LEU B 347 6.77 -39.80 -3.32
N PRO B 348 6.14 -40.42 -4.30
CA PRO B 348 6.74 -41.66 -4.74
C PRO B 348 7.84 -41.39 -5.76
N SER B 349 8.35 -42.44 -6.41
CA SER B 349 9.51 -42.31 -7.30
C SER B 349 9.05 -41.75 -8.63
N LYS B 350 9.99 -41.27 -9.43
CA LYS B 350 9.60 -40.54 -10.62
C LYS B 350 8.82 -41.45 -11.56
N GLU B 351 9.25 -42.70 -11.65
CA GLU B 351 8.54 -43.75 -12.43
C GLU B 351 7.12 -43.95 -11.98
N GLU B 352 6.93 -43.99 -10.67
CA GLU B 352 5.60 -44.18 -10.08
C GLU B 352 4.62 -43.03 -10.43
N MET B 353 5.13 -41.79 -10.34
CA MET B 353 4.40 -40.57 -10.67
C MET B 353 3.94 -40.63 -12.14
N LYS B 354 4.85 -41.01 -13.02
CA LYS B 354 4.56 -41.12 -14.43
C LYS B 354 3.47 -42.12 -14.74
N ALA B 355 3.57 -43.31 -14.13
CA ALA B 355 2.57 -44.38 -14.29
C ALA B 355 1.17 -43.91 -13.81
N ASP B 356 1.14 -43.25 -12.65
CA ASP B 356 -0.09 -42.68 -12.16
C ASP B 356 -0.58 -41.65 -13.18
N SER B 357 0.22 -40.64 -13.50
CA SER B 357 -0.22 -39.62 -14.42
C SER B 357 -0.73 -40.17 -15.76
N MET B 358 -0.09 -41.23 -16.21
CA MET B 358 -0.55 -41.85 -17.45
C MET B 358 -1.95 -42.52 -17.34
N ALA B 359 -2.30 -43.02 -16.15
CA ALA B 359 -3.57 -43.68 -15.98
C ALA B 359 -4.69 -42.63 -15.97
N TRP B 360 -4.40 -41.45 -15.43
CA TRP B 360 -5.41 -40.38 -15.41
C TRP B 360 -5.64 -39.84 -16.81
N ARG B 361 -4.60 -39.78 -17.60
CA ARG B 361 -4.71 -39.28 -18.95
C ARG B 361 -5.48 -40.25 -19.82
N GLU B 362 -5.25 -41.56 -19.65
CA GLU B 362 -6.03 -42.61 -20.34
C GLU B 362 -7.53 -42.45 -20.08
N LYS B 363 -7.87 -42.30 -18.80
CA LYS B 363 -9.25 -42.04 -18.48
C LYS B 363 -9.74 -40.72 -19.09
N GLU B 364 -9.00 -39.60 -18.96
CA GLU B 364 -9.42 -38.36 -19.63
C GLU B 364 -9.84 -38.58 -21.07
N LEU B 365 -9.08 -39.34 -21.83
CA LEU B 365 -9.36 -39.51 -23.24
C LEU B 365 -10.58 -40.36 -23.56
N THR B 366 -11.09 -41.07 -22.57
CA THR B 366 -12.32 -41.83 -22.62
C THR B 366 -13.56 -40.92 -22.59
N LEU B 367 -13.37 -39.68 -22.13
CA LEU B 367 -14.47 -38.80 -21.76
C LEU B 367 -15.25 -38.23 -22.95
N VAL B 368 -16.57 -38.42 -22.97
CA VAL B 368 -17.38 -37.98 -24.13
C VAL B 368 -18.35 -36.84 -23.85
N THR B 369 -19.17 -36.97 -22.81
CA THR B 369 -20.30 -36.08 -22.49
C THR B 369 -19.95 -35.10 -21.37
N ALA B 370 -20.55 -33.93 -21.37
CA ALA B 370 -20.34 -33.01 -20.28
C ALA B 370 -20.49 -33.70 -18.92
N GLU B 371 -21.38 -34.68 -18.81
CA GLU B 371 -21.57 -35.27 -17.50
C GLU B 371 -20.35 -36.09 -17.10
N GLU B 372 -19.78 -36.80 -18.08
CA GLU B 372 -18.65 -37.67 -17.81
C GLU B 372 -17.48 -36.81 -17.35
N MET B 373 -17.34 -35.63 -17.96
CA MET B 373 -16.30 -34.64 -17.64
C MET B 373 -16.37 -34.04 -16.23
N TYR B 374 -17.46 -33.40 -15.84
CA TYR B 374 -17.41 -32.91 -14.48
C TYR B 374 -17.33 -33.98 -13.40
N THR B 375 -17.93 -35.13 -13.64
CA THR B 375 -17.76 -36.30 -12.76
C THR B 375 -16.27 -36.73 -12.62
N TYR B 376 -15.56 -36.86 -13.74
CA TYR B 376 -14.10 -37.12 -13.73
C TYR B 376 -13.37 -36.11 -12.85
N GLN B 377 -13.68 -34.81 -13.06
CA GLN B 377 -13.02 -33.79 -12.30
C GLN B 377 -13.34 -34.01 -10.85
N GLY B 378 -14.56 -34.47 -10.54
CA GLY B 378 -14.98 -34.75 -9.19
C GLY B 378 -14.31 -35.96 -8.59
N ASP B 379 -13.97 -36.94 -9.42
CA ASP B 379 -13.27 -38.11 -8.89
C ASP B 379 -11.86 -37.72 -8.51
N TYR B 380 -11.33 -36.73 -9.24
CA TYR B 380 -10.00 -36.16 -9.04
C TYR B 380 -10.01 -35.40 -7.74
N ILE B 381 -11.03 -34.58 -7.55
CA ILE B 381 -11.11 -33.87 -6.32
C ILE B 381 -11.28 -34.77 -5.06
N GLN B 382 -12.06 -35.85 -5.21
CA GLN B 382 -12.30 -36.81 -4.15
C GLN B 382 -10.98 -37.39 -3.69
N ASN B 383 -10.25 -37.95 -4.67
CA ASN B 383 -8.94 -38.52 -4.43
C ASN B 383 -8.04 -37.54 -3.73
N LEU B 384 -7.98 -36.27 -4.14
CA LEU B 384 -7.22 -35.29 -3.38
C LEU B 384 -7.72 -35.02 -1.94
N ILE B 385 -9.02 -34.80 -1.75
CA ILE B 385 -9.46 -34.47 -0.39
C ILE B 385 -9.37 -35.65 0.58
N ASP B 386 -9.42 -36.88 0.05
CA ASP B 386 -9.22 -38.09 0.87
C ASP B 386 -7.82 -38.19 1.46
N MET B 387 -6.87 -37.45 0.90
CA MET B 387 -5.48 -37.53 1.40
C MET B 387 -5.17 -36.50 2.50
N THR B 388 -6.14 -35.63 2.75
CA THR B 388 -5.90 -34.44 3.50
C THR B 388 -7.00 -34.18 4.54
N ASP B 389 -6.62 -33.46 5.60
CA ASP B 389 -7.59 -32.98 6.57
C ASP B 389 -8.55 -31.93 6.00
N TYR B 390 -8.45 -31.62 4.70
CA TYR B 390 -9.52 -30.86 4.04
C TYR B 390 -10.85 -31.64 4.20
N PRO B 391 -11.91 -30.92 4.67
CA PRO B 391 -13.20 -31.46 5.07
C PRO B 391 -13.90 -32.08 3.91
N SER B 392 -14.31 -33.33 4.03
CA SER B 392 -15.00 -33.89 2.87
C SER B 392 -16.44 -33.36 2.78
N PHE B 393 -16.98 -33.34 1.57
CA PHE B 393 -18.30 -32.78 1.29
C PHE B 393 -18.86 -33.65 0.22
N ASP B 394 -20.11 -33.46 -0.15
CA ASP B 394 -20.74 -34.47 -0.98
C ASP B 394 -20.46 -34.19 -2.46
N ILE B 395 -19.44 -34.86 -3.00
CA ILE B 395 -19.12 -34.66 -4.40
C ILE B 395 -20.16 -35.23 -5.36
N PRO B 396 -20.62 -36.50 -5.16
CA PRO B 396 -21.72 -36.96 -6.03
C PRO B 396 -22.96 -36.03 -6.10
N ALA B 397 -23.35 -35.40 -5.00
CA ALA B 397 -24.40 -34.37 -5.04
C ALA B 397 -23.94 -33.06 -5.71
N THR B 398 -22.66 -32.70 -5.59
CA THR B 398 -22.20 -31.54 -6.35
C THR B 398 -22.34 -31.82 -7.84
N ASN B 399 -22.07 -33.04 -8.29
CA ASN B 399 -22.27 -33.37 -9.70
C ASN B 399 -23.74 -33.27 -10.16
N LYS B 400 -24.66 -33.72 -9.29
CA LYS B 400 -26.12 -33.66 -9.57
C LYS B 400 -26.50 -32.19 -9.72
N THR B 401 -26.02 -31.34 -8.82
CA THR B 401 -26.15 -29.89 -9.02
C THR B 401 -25.65 -29.43 -10.40
N PHE B 402 -24.49 -29.89 -10.82
CA PHE B 402 -24.03 -29.57 -12.19
C PHE B 402 -25.04 -30.04 -13.23
N LEU B 403 -25.61 -31.24 -13.02
CA LEU B 403 -26.53 -31.85 -13.96
C LEU B 403 -27.74 -30.95 -14.12
N GLU B 404 -28.33 -30.53 -13.00
CA GLU B 404 -29.46 -29.62 -12.94
C GLU B 404 -29.17 -28.40 -13.80
N TRP B 405 -28.12 -27.67 -13.41
CA TRP B 405 -27.60 -26.52 -14.17
C TRP B 405 -27.50 -26.77 -15.66
N LYS B 406 -26.98 -27.92 -16.06
CA LYS B 406 -26.97 -28.26 -17.50
C LYS B 406 -28.37 -28.23 -18.12
N HIS B 407 -29.36 -28.76 -17.37
CA HIS B 407 -30.73 -28.85 -17.87
C HIS B 407 -31.35 -27.46 -17.97
N HIS B 408 -31.13 -26.62 -16.95
CA HIS B 408 -31.59 -25.23 -16.93
C HIS B 408 -31.06 -24.39 -18.07
N LYS B 409 -29.80 -24.59 -18.41
CA LYS B 409 -29.22 -23.84 -19.49
C LYS B 409 -29.92 -24.24 -20.76
N LYS B 410 -30.10 -25.55 -20.96
CA LYS B 410 -30.73 -26.10 -22.19
C LYS B 410 -32.22 -25.62 -22.34
N GLU B 411 -32.99 -25.71 -21.23
CA GLU B 411 -34.36 -25.24 -21.17
C GLU B 411 -34.37 -23.79 -21.60
N ASN B 412 -33.58 -22.93 -20.97
CA ASN B 412 -33.55 -21.56 -21.46
C ASN B 412 -32.27 -20.77 -21.18
N ILE B 413 -31.45 -20.55 -22.20
CA ILE B 413 -30.11 -19.97 -21.99
C ILE B 413 -30.12 -18.63 -21.28
N MET B 414 -31.12 -17.81 -21.53
CA MET B 414 -31.23 -16.49 -20.92
C MET B 414 -31.79 -16.41 -19.50
N THR B 415 -32.32 -17.53 -19.02
CA THR B 415 -32.91 -17.58 -17.66
C THR B 415 -32.31 -18.66 -16.77
N PHE B 416 -31.22 -19.31 -17.19
CA PHE B 416 -30.66 -20.36 -16.30
C PHE B 416 -30.31 -19.74 -14.97
N ARG B 417 -29.85 -18.47 -14.95
CA ARG B 417 -29.37 -17.80 -13.70
C ARG B 417 -30.47 -17.50 -12.73
N ASP B 418 -31.71 -17.77 -13.16
CA ASP B 418 -32.93 -17.42 -12.39
C ASP B 418 -33.39 -18.52 -11.43
N HIS B 419 -32.74 -19.70 -11.52
CA HIS B 419 -32.94 -20.84 -10.61
C HIS B 419 -32.09 -20.80 -9.31
N SER B 420 -32.25 -21.83 -8.48
CA SER B 420 -31.71 -21.91 -7.13
C SER B 420 -31.40 -23.39 -6.73
N TYR B 421 -30.40 -23.56 -5.87
CA TYR B 421 -29.80 -24.89 -5.55
C TYR B 421 -29.47 -25.01 -4.05
N ARG B 422 -29.32 -26.23 -3.55
CA ARG B 422 -28.97 -26.34 -2.13
C ARG B 422 -27.48 -26.46 -1.87
N SER B 423 -27.03 -25.74 -0.85
CA SER B 423 -25.66 -25.83 -0.40
C SER B 423 -25.37 -27.26 0.05
N LEU B 424 -24.33 -27.84 -0.54
CA LEU B 424 -23.77 -29.08 -0.05
C LEU B 424 -23.02 -28.93 1.28
N MET B 425 -22.80 -27.72 1.76
CA MET B 425 -22.11 -27.58 3.03
C MET B 425 -23.07 -27.44 4.23
N THR B 426 -24.15 -26.66 4.03
CA THR B 426 -25.13 -26.33 5.07
C THR B 426 -26.43 -27.06 4.92
N GLY B 427 -26.90 -27.32 3.71
CA GLY B 427 -28.21 -27.93 3.53
C GLY B 427 -29.32 -26.96 3.10
N THR B 428 -29.22 -25.70 3.50
CA THR B 428 -30.24 -24.72 3.17
C THR B 428 -30.41 -24.66 1.64
N MET B 429 -31.66 -24.45 1.16
CA MET B 429 -31.94 -24.06 -0.24
C MET B 429 -31.72 -22.60 -0.41
N ALA B 430 -31.19 -22.18 -1.54
CA ALA B 430 -30.97 -20.76 -1.74
C ALA B 430 -32.31 -20.15 -2.15
N PRO B 431 -32.65 -18.94 -1.61
CA PRO B 431 -33.89 -18.25 -2.00
C PRO B 431 -33.78 -17.68 -3.38
N LYS B 432 -34.88 -17.58 -4.14
CA LYS B 432 -34.92 -16.91 -5.46
C LYS B 432 -34.36 -15.46 -5.39
N HIS B 433 -33.80 -14.97 -6.50
CA HIS B 433 -33.29 -13.61 -6.41
C HIS B 433 -34.45 -12.57 -6.46
N HIS B 434 -34.24 -11.40 -5.85
CA HIS B 434 -35.22 -10.38 -5.93
C HIS B 434 -35.56 -9.84 -7.29
N THR B 435 -34.75 -10.09 -8.33
CA THR B 435 -35.01 -9.52 -9.69
C THR B 435 -34.65 -10.54 -10.76
N PRO B 436 -35.49 -10.73 -11.79
CA PRO B 436 -35.01 -11.62 -12.86
C PRO B 436 -33.68 -11.13 -13.50
N TRP B 437 -32.94 -12.08 -14.09
CA TRP B 437 -31.61 -11.81 -14.56
C TRP B 437 -31.63 -10.64 -15.55
N ILE B 438 -32.47 -10.79 -16.57
CA ILE B 438 -32.48 -9.93 -17.76
C ILE B 438 -32.80 -8.47 -17.40
N ASP B 439 -33.37 -8.31 -16.21
CA ASP B 439 -33.82 -7.00 -15.73
C ASP B 439 -32.85 -6.41 -14.69
N ALA B 440 -32.08 -7.30 -14.02
CA ALA B 440 -31.09 -6.90 -13.01
C ALA B 440 -29.95 -6.21 -13.75
N LEU B 441 -30.00 -4.87 -13.83
CA LEU B 441 -29.18 -4.12 -14.77
C LEU B 441 -27.99 -3.59 -14.01
N ASP B 442 -28.24 -3.33 -12.73
CA ASP B 442 -27.22 -2.96 -11.77
C ASP B 442 -26.41 -4.22 -11.36
N ASP B 443 -25.08 -4.13 -11.48
CA ASP B 443 -24.22 -5.28 -11.11
C ASP B 443 -23.60 -5.14 -9.72
N SER B 444 -23.95 -4.11 -8.97
CA SER B 444 -23.28 -3.89 -7.70
C SER B 444 -23.73 -4.83 -6.59
N LEU B 445 -22.77 -5.19 -5.76
CA LEU B 445 -22.93 -5.89 -4.49
C LEU B 445 -24.07 -5.30 -3.66
N GLU B 446 -24.06 -3.98 -3.52
CA GLU B 446 -24.98 -3.27 -2.62
C GLU B 446 -26.45 -3.57 -3.06
N ALA B 447 -26.71 -3.39 -4.34
CA ALA B 447 -27.98 -3.70 -4.96
C ALA B 447 -28.33 -5.18 -5.07
N TYR B 448 -27.36 -6.07 -4.95
CA TYR B 448 -27.65 -7.50 -5.02
C TYR B 448 -28.08 -7.93 -3.62
N LEU B 449 -27.57 -7.25 -2.59
CA LEU B 449 -27.84 -7.73 -1.23
C LEU B 449 -29.04 -7.07 -0.46
N SER B 450 -29.77 -6.11 -1.05
CA SER B 450 -30.85 -5.38 -0.27
C SER B 450 -32.27 -5.92 -0.47
N MET C 6 36.14 -11.96 -36.59
CA MET C 6 36.60 -11.43 -35.22
C MET C 6 36.18 -12.37 -34.10
N ALA C 7 37.01 -12.41 -33.04
CA ALA C 7 36.76 -13.33 -31.90
C ALA C 7 35.34 -13.11 -31.23
N THR C 8 34.97 -11.83 -31.07
CA THR C 8 33.82 -11.46 -30.27
C THR C 8 32.42 -11.74 -30.92
N ARG C 9 31.39 -11.72 -30.09
CA ARG C 9 30.03 -12.01 -30.50
C ARG C 9 29.10 -10.96 -29.94
N ILE C 10 28.21 -10.36 -30.75
CA ILE C 10 27.31 -9.26 -30.33
C ILE C 10 25.83 -9.61 -30.43
N ALA C 11 25.02 -9.22 -29.43
CA ALA C 11 23.55 -9.35 -29.49
C ALA C 11 22.93 -7.98 -29.66
N ILE C 12 22.02 -7.89 -30.63
CA ILE C 12 21.23 -6.71 -30.91
C ILE C 12 19.78 -7.06 -30.52
N LEU C 13 19.22 -6.27 -29.62
CA LEU C 13 17.89 -6.54 -29.11
C LEU C 13 16.86 -5.68 -29.81
N GLY C 14 16.14 -6.28 -30.78
CA GLY C 14 15.17 -5.55 -31.61
C GLY C 14 15.66 -5.21 -33.00
N ALA C 15 14.72 -5.15 -33.95
CA ALA C 15 15.02 -4.94 -35.38
C ALA C 15 14.08 -3.89 -35.94
N GLY C 16 13.80 -2.86 -35.20
CA GLY C 16 13.18 -1.69 -35.84
C GLY C 16 14.31 -0.84 -36.44
N PRO C 17 14.01 0.43 -36.75
CA PRO C 17 15.01 1.38 -37.25
C PRO C 17 16.34 1.29 -36.56
N SER C 18 16.35 1.26 -35.23
CA SER C 18 17.59 1.13 -34.46
C SER C 18 18.40 -0.17 -34.68
N GLY C 19 17.85 -1.35 -34.36
CA GLY C 19 18.35 -2.65 -34.77
C GLY C 19 18.80 -2.72 -36.24
N MET C 20 17.98 -2.18 -37.12
CA MET C 20 18.35 -2.14 -38.52
C MET C 20 19.63 -1.31 -38.71
N ALA C 21 19.68 -0.13 -38.04
CA ALA C 21 20.82 0.73 -38.16
C ALA C 21 22.06 0.04 -37.59
N GLN C 22 21.92 -0.66 -36.46
CA GLN C 22 23.09 -1.32 -35.88
C GLN C 22 23.66 -2.37 -36.86
N LEU C 23 22.81 -3.21 -37.45
CA LEU C 23 23.30 -4.21 -38.35
C LEU C 23 23.97 -3.52 -39.53
N ARG C 24 23.27 -2.53 -40.09
CA ARG C 24 23.77 -1.82 -41.25
C ARG C 24 25.11 -1.18 -40.93
N ALA C 25 25.28 -0.65 -39.72
CA ALA C 25 26.59 -0.10 -39.46
C ALA C 25 27.69 -1.16 -39.61
N PHE C 26 27.44 -2.39 -39.19
CA PHE C 26 28.49 -3.40 -39.16
C PHE C 26 28.74 -3.85 -40.56
N GLN C 27 27.64 -4.09 -41.27
CA GLN C 27 27.66 -4.49 -42.68
C GLN C 27 28.54 -3.50 -43.44
N SER C 28 28.34 -2.19 -43.22
CA SER C 28 29.15 -1.19 -43.92
C SER C 28 30.62 -1.32 -43.74
N ALA C 29 31.06 -1.50 -42.49
CA ALA C 29 32.46 -1.68 -42.19
C ALA C 29 33.04 -2.88 -42.92
N GLN C 30 32.27 -3.96 -43.01
CA GLN C 30 32.70 -5.19 -43.65
C GLN C 30 32.86 -5.00 -45.16
N GLU C 31 31.84 -4.37 -45.73
CA GLU C 31 31.88 -3.97 -47.08
C GLU C 31 33.10 -3.12 -47.37
N LYS C 32 33.55 -2.27 -46.46
CA LYS C 32 34.78 -1.54 -46.76
C LYS C 32 36.04 -2.32 -46.41
N GLY C 33 35.85 -3.60 -46.04
CA GLY C 33 36.97 -4.48 -45.88
C GLY C 33 37.41 -4.89 -44.49
N ALA C 34 36.69 -4.47 -43.46
CA ALA C 34 37.11 -4.79 -42.07
C ALA C 34 36.61 -6.17 -41.64
N GLU C 35 37.33 -6.80 -40.71
CA GLU C 35 36.84 -7.97 -40.01
C GLU C 35 35.78 -7.49 -38.98
N ILE C 36 34.59 -8.10 -38.95
CA ILE C 36 33.55 -7.70 -37.95
C ILE C 36 33.23 -8.83 -37.01
N PRO C 37 32.61 -8.54 -35.87
CA PRO C 37 32.20 -9.57 -34.91
C PRO C 37 31.10 -10.48 -35.45
N GLU C 38 30.80 -11.60 -34.78
CA GLU C 38 29.56 -12.31 -35.14
C GLU C 38 28.44 -11.42 -34.61
N LEU C 39 27.31 -11.43 -35.33
CA LEU C 39 26.12 -10.69 -34.88
C LEU C 39 24.92 -11.62 -34.72
N VAL C 40 24.19 -11.51 -33.60
CA VAL C 40 22.88 -12.14 -33.51
C VAL C 40 21.90 -11.06 -33.13
N CYS C 41 20.86 -10.89 -33.94
CA CYS C 41 19.79 -9.97 -33.61
C CYS C 41 18.48 -10.72 -33.34
N PHE C 42 17.83 -10.38 -32.23
CA PHE C 42 16.59 -11.00 -31.83
C PHE C 42 15.38 -10.09 -32.02
N GLU C 43 14.31 -10.58 -32.65
CA GLU C 43 13.12 -9.75 -32.85
C GLU C 43 11.81 -10.51 -32.52
N LYS C 44 11.00 -9.95 -31.63
CA LYS C 44 9.77 -10.61 -31.21
C LYS C 44 8.64 -10.67 -32.28
N GLN C 45 8.66 -9.77 -33.25
CA GLN C 45 7.66 -9.76 -34.32
C GLN C 45 8.11 -10.65 -35.45
N ALA C 46 7.17 -10.98 -36.38
CA ALA C 46 7.52 -11.76 -37.60
C ALA C 46 8.29 -10.99 -38.67
N ASP C 47 8.51 -9.68 -38.51
CA ASP C 47 9.23 -8.94 -39.53
C ASP C 47 9.87 -7.70 -39.01
N TRP C 48 10.84 -7.13 -39.72
CA TRP C 48 11.50 -5.92 -39.22
C TRP C 48 10.75 -4.66 -39.45
N GLY C 49 11.28 -3.57 -38.90
CA GLY C 49 10.63 -2.30 -39.07
C GLY C 49 10.10 -1.65 -37.81
N GLY C 50 9.88 -2.41 -36.73
CA GLY C 50 9.53 -1.77 -35.44
C GLY C 50 8.18 -1.08 -35.39
N GLN C 51 8.13 0.15 -34.92
CA GLN C 51 6.86 0.85 -34.93
C GLN C 51 6.24 0.75 -36.33
N TRP C 52 7.06 1.00 -37.34
CA TRP C 52 6.58 1.05 -38.70
C TRP C 52 5.88 -0.25 -39.25
N ASN C 53 6.12 -1.40 -38.64
CA ASN C 53 5.42 -2.62 -39.05
C ASN C 53 4.04 -2.62 -38.43
N TYR C 54 3.01 -2.38 -39.24
CA TYR C 54 1.66 -2.17 -38.70
C TYR C 54 1.05 -3.50 -38.26
N THR C 55 0.20 -3.44 -37.24
CA THR C 55 -0.59 -4.60 -36.89
C THR C 55 -1.96 -4.18 -36.38
N TRP C 56 -2.96 -5.04 -36.67
CA TRP C 56 -4.30 -4.78 -36.28
C TRP C 56 -4.44 -5.16 -34.84
N ARG C 57 -3.45 -5.93 -34.37
CA ARG C 57 -3.49 -6.47 -33.04
C ARG C 57 -3.27 -5.42 -31.94
N THR C 58 -3.62 -5.82 -30.72
CA THR C 58 -3.84 -4.87 -29.60
C THR C 58 -3.59 -5.51 -28.21
N GLY C 59 -2.94 -4.79 -27.29
CA GLY C 59 -2.52 -5.42 -26.02
C GLY C 59 -1.39 -6.49 -26.11
N LEU C 60 -1.78 -7.75 -26.29
CA LEU C 60 -0.90 -8.87 -26.34
C LEU C 60 -0.97 -9.52 -27.73
N ASP C 61 0.18 -9.86 -28.31
CA ASP C 61 0.18 -10.40 -29.68
C ASP C 61 -0.21 -11.88 -29.73
N GLU C 62 0.08 -12.57 -30.83
CA GLU C 62 -0.35 -13.96 -30.92
C GLU C 62 0.42 -14.97 -30.07
N ASN C 63 1.43 -14.47 -29.39
CA ASN C 63 2.27 -15.35 -28.63
C ASN C 63 2.24 -14.99 -27.19
N GLY C 64 1.48 -13.98 -26.80
CA GLY C 64 1.45 -13.57 -25.40
C GLY C 64 2.33 -12.36 -25.18
N GLU C 65 3.08 -11.95 -26.19
CA GLU C 65 4.00 -10.82 -25.99
C GLU C 65 3.28 -9.50 -26.10
N PRO C 66 3.56 -8.55 -25.21
CA PRO C 66 2.95 -7.23 -25.39
C PRO C 66 3.12 -6.75 -26.83
N VAL C 67 2.03 -6.25 -27.41
CA VAL C 67 2.04 -5.83 -28.81
C VAL C 67 2.90 -4.61 -28.89
N HIS C 68 3.69 -4.48 -29.94
CA HIS C 68 4.72 -3.47 -29.88
C HIS C 68 4.40 -2.12 -30.53
N SER C 69 3.91 -2.21 -31.74
CA SER C 69 3.58 -1.01 -32.49
C SER C 69 2.42 -0.17 -31.94
N SER C 70 2.65 1.16 -31.93
CA SER C 70 1.69 2.20 -31.55
C SER C 70 1.00 2.90 -32.78
N MET C 71 1.33 2.39 -33.96
CA MET C 71 0.89 3.00 -35.22
C MET C 71 -0.47 2.56 -35.70
N TYR C 72 -1.18 3.51 -36.26
CA TYR C 72 -2.57 3.29 -36.70
C TYR C 72 -2.76 3.41 -38.22
N ARG C 73 -3.93 3.00 -38.70
CA ARG C 73 -4.30 3.34 -40.13
C ARG C 73 -4.15 4.82 -40.42
N TYR C 74 -3.69 5.13 -41.61
CA TYR C 74 -3.70 6.50 -42.11
C TYR C 74 -2.61 7.37 -41.43
N LEU C 75 -1.69 6.74 -40.67
CA LEU C 75 -0.62 7.57 -40.08
C LEU C 75 0.29 8.00 -41.19
N TRP C 76 0.64 9.28 -41.19
CA TRP C 76 1.74 9.71 -42.07
C TRP C 76 2.82 10.39 -41.26
N SER C 77 4.04 10.34 -41.76
CA SER C 77 5.14 11.11 -41.24
C SER C 77 4.68 12.42 -40.59
N ASN C 78 5.16 12.80 -39.40
CA ASN C 78 4.76 14.13 -38.96
C ASN C 78 5.74 15.18 -39.14
N GLY C 79 6.88 14.79 -39.70
CA GLY C 79 7.91 15.78 -39.93
C GLY C 79 8.38 15.63 -41.35
N PRO C 80 9.22 16.54 -41.77
CA PRO C 80 9.65 16.39 -43.13
C PRO C 80 10.48 15.11 -43.31
N LYS C 81 10.10 14.26 -44.29
CA LYS C 81 10.96 13.13 -44.63
C LYS C 81 12.38 13.60 -44.84
N GLU C 82 12.55 14.87 -45.23
CA GLU C 82 13.89 15.37 -45.57
C GLU C 82 14.82 15.41 -44.32
N CYS C 83 14.19 15.44 -43.15
CA CYS C 83 14.86 15.46 -41.87
C CYS C 83 15.20 14.09 -41.33
N LEU C 84 14.74 13.04 -42.01
CA LEU C 84 15.01 11.71 -41.53
C LEU C 84 15.64 10.76 -42.55
N GLU C 85 16.22 11.31 -43.62
CA GLU C 85 16.78 10.53 -44.74
C GLU C 85 18.14 9.92 -44.40
N PHE C 86 18.41 8.70 -44.85
CA PHE C 86 19.70 8.12 -44.64
C PHE C 86 20.79 8.86 -45.41
N ALA C 87 21.83 9.29 -44.74
CA ALA C 87 22.94 9.88 -45.47
C ALA C 87 23.62 8.86 -46.34
N ASP C 88 23.26 7.57 -46.22
CA ASP C 88 23.94 6.56 -47.04
C ASP C 88 23.02 5.85 -48.00
N TYR C 89 21.72 6.18 -48.00
CA TYR C 89 20.70 5.49 -48.79
C TYR C 89 19.54 6.43 -49.03
N THR C 90 19.56 7.14 -50.15
CA THR C 90 18.70 8.34 -50.29
C THR C 90 17.29 8.00 -50.71
N PHE C 91 16.36 8.93 -50.58
CA PHE C 91 15.02 8.73 -51.13
C PHE C 91 14.99 8.55 -52.66
N ASP C 92 15.89 9.24 -53.36
CA ASP C 92 15.97 9.02 -54.82
C ASP C 92 16.29 7.58 -55.13
N GLU C 93 17.35 7.08 -54.51
CA GLU C 93 17.83 5.71 -54.79
C GLU C 93 16.80 4.66 -54.41
N HIS C 94 16.00 4.92 -53.40
CA HIS C 94 15.17 3.85 -53.02
C HIS C 94 14.07 3.82 -54.02
N PHE C 95 13.37 4.95 -54.15
CA PHE C 95 12.17 4.97 -54.96
C PHE C 95 12.39 5.19 -56.47
N GLY C 96 13.62 5.53 -56.85
CA GLY C 96 13.92 5.89 -58.23
C GLY C 96 13.35 7.21 -58.81
N LYS C 97 12.70 8.05 -57.98
CA LYS C 97 11.98 9.26 -58.45
C LYS C 97 11.51 10.20 -57.30
N PRO C 98 11.55 11.56 -57.49
CA PRO C 98 11.05 12.39 -56.35
C PRO C 98 9.69 11.93 -55.88
N ILE C 99 9.34 12.18 -54.60
CA ILE C 99 7.98 11.94 -54.01
C ILE C 99 7.74 13.06 -53.00
N ALA C 100 6.52 13.21 -52.48
CA ALA C 100 6.25 14.35 -51.57
C ALA C 100 6.97 14.24 -50.20
N SER C 101 6.58 15.09 -49.22
CA SER C 101 7.40 15.30 -48.05
C SER C 101 6.95 14.57 -46.78
N TYR C 102 5.69 14.13 -46.79
CA TYR C 102 5.11 13.52 -45.62
C TYR C 102 4.49 12.19 -45.94
N PRO C 103 5.31 11.21 -46.27
CA PRO C 103 4.77 9.88 -46.64
C PRO C 103 3.95 9.14 -45.56
N PRO C 104 2.93 8.39 -45.99
CA PRO C 104 2.25 7.38 -45.15
C PRO C 104 3.21 6.28 -44.70
N ARG C 105 2.93 5.78 -43.50
CA ARG C 105 3.60 4.62 -42.85
C ARG C 105 4.16 3.57 -43.79
N GLU C 106 3.28 2.96 -44.59
CA GLU C 106 3.70 1.89 -45.49
C GLU C 106 4.82 2.37 -46.39
N VAL C 107 4.83 3.68 -46.65
CA VAL C 107 5.81 4.23 -47.58
C VAL C 107 7.18 4.36 -46.92
N LEU C 108 7.21 4.91 -45.70
CA LEU C 108 8.47 4.91 -44.92
C LEU C 108 8.96 3.51 -44.46
N TRP C 109 8.02 2.60 -44.15
CA TRP C 109 8.34 1.23 -43.92
C TRP C 109 9.15 0.65 -45.13
N ASP C 110 8.60 0.76 -46.34
CA ASP C 110 9.27 0.25 -47.53
C ASP C 110 10.67 0.83 -47.63
N TYR C 111 10.80 2.10 -47.29
CA TYR C 111 12.10 2.78 -47.40
C TYR C 111 13.08 2.29 -46.39
N ILE C 112 12.74 2.21 -45.11
CA ILE C 112 13.75 1.65 -44.20
C ILE C 112 14.09 0.20 -44.50
N LYS C 113 13.13 -0.68 -44.84
CA LYS C 113 13.51 -2.08 -45.22
C LYS C 113 14.49 -2.13 -46.37
N GLY C 114 14.31 -1.20 -47.31
CA GLY C 114 15.06 -1.25 -48.54
C GLY C 114 16.52 -1.11 -48.29
N ARG C 115 16.90 -0.30 -47.30
CA ARG C 115 18.35 -0.19 -47.02
C ARG C 115 18.87 -1.54 -46.53
N VAL C 116 18.05 -2.24 -45.78
CA VAL C 116 18.61 -3.40 -45.12
C VAL C 116 18.45 -4.62 -46.02
N GLU C 117 17.53 -4.54 -46.98
CA GLU C 117 17.38 -5.59 -47.99
C GLU C 117 18.63 -5.52 -48.84
N LYS C 118 18.99 -4.30 -49.23
CA LYS C 118 20.19 -4.05 -50.02
C LYS C 118 21.42 -4.56 -49.32
N ALA C 119 21.55 -4.21 -48.05
CA ALA C 119 22.70 -4.63 -47.20
C ALA C 119 22.88 -6.14 -46.96
N GLY C 120 21.81 -6.93 -47.17
CA GLY C 120 21.83 -8.38 -46.93
C GLY C 120 21.86 -8.83 -45.45
N VAL C 121 21.45 -7.96 -44.51
CA VAL C 121 21.60 -8.26 -43.10
C VAL C 121 20.45 -9.01 -42.50
N ARG C 122 19.40 -9.30 -43.24
CA ARG C 122 18.33 -10.16 -42.71
C ARG C 122 18.84 -11.43 -42.08
N LYS C 123 19.88 -12.00 -42.65
CA LYS C 123 20.34 -13.31 -42.23
C LYS C 123 20.84 -13.33 -40.77
N TYR C 124 21.05 -12.16 -40.20
CA TYR C 124 21.49 -12.09 -38.80
C TYR C 124 20.33 -12.10 -37.78
N ILE C 125 19.08 -11.97 -38.23
CA ILE C 125 17.94 -11.83 -37.34
C ILE C 125 17.19 -13.13 -37.02
N ARG C 126 16.94 -13.38 -35.74
CA ARG C 126 16.02 -14.44 -35.31
C ARG C 126 14.66 -13.81 -34.98
N PHE C 127 13.72 -13.93 -35.92
CA PHE C 127 12.33 -13.40 -35.76
C PHE C 127 11.50 -14.28 -34.87
N ASN C 128 10.41 -13.72 -34.35
CA ASN C 128 9.45 -14.44 -33.56
C ASN C 128 10.10 -14.95 -32.28
N THR C 129 11.01 -14.14 -31.76
CA THR C 129 11.81 -14.52 -30.64
C THR C 129 11.80 -13.41 -29.62
N ALA C 130 11.24 -13.66 -28.43
CA ALA C 130 11.21 -12.59 -27.43
C ALA C 130 12.42 -12.73 -26.51
N VAL C 131 13.12 -11.63 -26.29
CA VAL C 131 14.10 -11.52 -25.24
C VAL C 131 13.44 -11.50 -23.83
N ARG C 132 13.77 -12.50 -23.00
CA ARG C 132 13.32 -12.57 -21.57
C ARG C 132 14.27 -11.96 -20.60
N HIS C 133 15.57 -12.20 -20.75
CA HIS C 133 16.54 -11.90 -19.69
C HIS C 133 17.96 -11.67 -20.24
N VAL C 134 18.63 -10.66 -19.69
CA VAL C 134 20.06 -10.39 -20.03
C VAL C 134 20.80 -10.28 -18.72
N GLU C 135 21.77 -11.18 -18.50
CA GLU C 135 22.59 -11.14 -17.28
C GLU C 135 24.07 -10.94 -17.62
N PHE C 136 24.76 -10.13 -16.86
CA PHE C 136 26.20 -10.08 -17.00
C PHE C 136 26.93 -11.00 -15.97
N ASN C 137 27.79 -11.92 -16.43
CA ASN C 137 28.60 -12.80 -15.56
C ASN C 137 29.96 -12.18 -15.29
N GLU C 138 30.21 -11.87 -14.01
CA GLU C 138 31.47 -11.28 -13.60
C GLU C 138 32.68 -12.17 -13.94
N ASP C 139 32.50 -13.50 -13.88
CA ASP C 139 33.61 -14.46 -14.04
C ASP C 139 34.11 -14.53 -15.47
N SER C 140 33.20 -14.76 -16.41
CA SER C 140 33.55 -14.71 -17.82
C SER C 140 33.62 -13.31 -18.46
N GLN C 141 33.13 -12.26 -17.79
CA GLN C 141 32.95 -10.97 -18.47
C GLN C 141 32.08 -11.09 -19.80
N THR C 142 31.05 -11.92 -19.75
CA THR C 142 30.14 -12.10 -20.85
C THR C 142 28.64 -11.90 -20.42
N PHE C 143 27.75 -11.67 -21.40
CA PHE C 143 26.33 -11.52 -21.08
C PHE C 143 25.65 -12.83 -21.43
N THR C 144 24.71 -13.32 -20.63
CA THR C 144 23.86 -14.40 -21.05
C THR C 144 22.51 -13.80 -21.44
N VAL C 145 22.10 -14.12 -22.66
CA VAL C 145 20.84 -13.70 -23.18
C VAL C 145 19.92 -14.91 -23.24
N THR C 146 18.82 -14.84 -22.49
CA THR C 146 17.76 -15.83 -22.57
C THR C 146 16.55 -15.35 -23.44
N VAL C 147 16.08 -16.21 -24.33
CA VAL C 147 15.04 -15.81 -25.23
C VAL C 147 14.03 -16.93 -25.36
N GLN C 148 12.85 -16.58 -25.89
CA GLN C 148 11.83 -17.53 -26.23
C GLN C 148 11.56 -17.53 -27.74
N ASP C 149 11.82 -18.66 -28.38
CA ASP C 149 11.58 -18.81 -29.79
C ASP C 149 10.19 -19.34 -29.95
N HIS C 150 9.30 -18.51 -30.46
CA HIS C 150 7.86 -18.88 -30.53
C HIS C 150 7.54 -19.70 -31.76
N THR C 151 8.47 -19.78 -32.67
CA THR C 151 8.34 -20.73 -33.75
C THR C 151 8.49 -22.17 -33.24
N THR C 152 9.52 -22.44 -32.44
CA THR C 152 9.76 -23.76 -31.92
C THR C 152 9.14 -23.92 -30.56
N ASP C 153 8.68 -22.84 -29.96
CA ASP C 153 8.26 -22.87 -28.57
C ASP C 153 9.36 -23.43 -27.61
N THR C 154 10.52 -22.82 -27.64
CA THR C 154 11.66 -23.29 -26.89
C THR C 154 12.31 -22.10 -26.21
N ILE C 155 12.81 -22.27 -25.00
CA ILE C 155 13.54 -21.22 -24.34
C ILE C 155 14.98 -21.68 -24.24
N TYR C 156 15.90 -20.81 -24.64
CA TYR C 156 17.30 -21.19 -24.74
C TYR C 156 18.15 -19.98 -24.49
N SER C 157 19.41 -20.21 -24.08
CA SER C 157 20.27 -19.08 -23.95
C SER C 157 21.59 -19.15 -24.70
N ALA C 158 22.26 -18.01 -24.74
CA ALA C 158 23.46 -17.84 -25.53
C ALA C 158 24.30 -16.72 -25.00
N ALA C 159 25.60 -16.80 -25.20
CA ALA C 159 26.55 -15.95 -24.51
C ALA C 159 27.08 -14.92 -25.47
N PHE C 160 27.21 -13.69 -25.03
CA PHE C 160 27.66 -12.62 -25.90
C PHE C 160 28.65 -11.74 -25.24
N ASP C 161 29.53 -11.15 -26.04
CA ASP C 161 30.53 -10.24 -25.49
C ASP C 161 30.05 -8.85 -25.30
N TYR C 162 29.14 -8.38 -26.14
CA TYR C 162 28.56 -7.05 -26.01
C TYR C 162 27.05 -7.14 -26.27
N VAL C 163 26.29 -6.15 -25.81
CA VAL C 163 24.86 -6.15 -26.11
C VAL C 163 24.42 -4.74 -26.52
N VAL C 164 23.65 -4.66 -27.61
CA VAL C 164 23.14 -3.38 -28.05
C VAL C 164 21.62 -3.42 -27.98
N CYS C 165 21.05 -2.69 -27.03
CA CYS C 165 19.58 -2.67 -26.81
C CYS C 165 18.87 -1.69 -27.73
N CYS C 166 17.93 -2.16 -28.50
CA CYS C 166 17.22 -1.33 -29.43
C CYS C 166 15.72 -1.56 -29.35
N THR C 167 15.21 -1.72 -28.14
CA THR C 167 13.82 -2.15 -28.02
C THR C 167 12.82 -1.01 -27.94
N GLY C 168 13.31 0.23 -28.09
CA GLY C 168 12.44 1.41 -28.10
C GLY C 168 11.84 1.82 -26.77
N HIS C 169 11.13 2.96 -26.78
CA HIS C 169 10.51 3.54 -25.61
C HIS C 169 9.18 4.24 -25.86
N PHE C 170 8.50 3.88 -26.94
CA PHE C 170 7.18 4.39 -27.18
C PHE C 170 6.29 3.16 -27.39
N SER C 171 6.35 2.18 -26.48
CA SER C 171 5.55 0.97 -26.67
C SER C 171 4.85 0.51 -25.45
N THR C 172 5.29 1.00 -24.30
CA THR C 172 4.69 0.65 -23.05
C THR C 172 4.00 1.90 -22.57
N PRO C 173 2.69 1.86 -22.50
CA PRO C 173 1.95 3.11 -22.35
C PRO C 173 1.96 3.66 -20.95
N TYR C 174 2.08 4.97 -20.82
CA TYR C 174 1.76 5.59 -19.55
C TYR C 174 0.24 5.77 -19.47
N VAL C 175 -0.40 5.23 -18.46
CA VAL C 175 -1.88 5.20 -18.43
C VAL C 175 -2.49 5.68 -17.09
N PRO C 176 -2.61 7.02 -16.92
CA PRO C 176 -3.21 7.53 -15.67
C PRO C 176 -4.71 7.18 -15.55
N GLU C 177 -5.18 7.11 -14.30
CA GLU C 177 -6.56 6.81 -13.95
C GLU C 177 -7.28 8.08 -13.57
N PHE C 178 -8.50 8.18 -14.07
CA PHE C 178 -9.40 9.25 -13.59
C PHE C 178 -10.59 8.75 -12.81
N GLU C 179 -11.05 9.53 -11.85
CA GLU C 179 -12.19 9.11 -11.02
C GLU C 179 -13.42 8.81 -11.87
N GLY C 180 -13.99 7.60 -11.71
CA GLY C 180 -15.14 7.19 -12.51
C GLY C 180 -14.94 6.23 -13.67
N PHE C 181 -13.69 5.99 -14.06
CA PHE C 181 -13.43 5.12 -15.20
C PHE C 181 -14.13 3.74 -15.17
N GLU C 182 -14.25 3.13 -13.97
CA GLU C 182 -14.90 1.81 -13.79
C GLU C 182 -16.41 1.84 -13.95
N LYS C 183 -16.93 3.06 -14.17
CA LYS C 183 -18.39 3.35 -14.30
C LYS C 183 -18.83 3.89 -15.69
N PHE C 184 -17.89 4.45 -16.45
CA PHE C 184 -18.12 4.99 -17.78
C PHE C 184 -18.46 3.87 -18.74
N GLY C 185 -19.42 4.06 -19.65
CA GLY C 185 -19.89 2.96 -20.55
C GLY C 185 -19.33 2.96 -21.98
N GLY C 186 -18.54 3.97 -22.28
CA GLY C 186 -17.85 3.94 -23.56
C GLY C 186 -16.47 3.26 -23.47
N ARG C 187 -15.80 3.22 -24.62
CA ARG C 187 -14.50 2.63 -24.70
C ARG C 187 -13.49 3.61 -24.10
N ILE C 188 -12.66 3.08 -23.20
CA ILE C 188 -11.43 3.74 -22.78
C ILE C 188 -10.23 2.95 -23.31
N LEU C 189 -9.30 3.71 -23.86
CA LEU C 189 -8.17 3.12 -24.53
C LEU C 189 -7.02 4.12 -24.46
N HIS C 190 -5.82 3.62 -24.79
CA HIS C 190 -4.67 4.45 -24.81
C HIS C 190 -4.28 4.70 -26.29
N ALA C 191 -3.64 5.83 -26.58
CA ALA C 191 -3.16 6.07 -27.92
C ALA C 191 -2.48 4.84 -28.51
N HIS C 192 -1.86 4.03 -27.65
CA HIS C 192 -1.12 2.82 -28.11
C HIS C 192 -2.10 1.81 -28.72
N ASP C 193 -3.35 1.84 -28.29
CA ASP C 193 -4.35 0.84 -28.73
C ASP C 193 -5.25 1.36 -29.87
N PHE C 194 -4.99 2.60 -30.32
CA PHE C 194 -5.74 3.23 -31.39
C PHE C 194 -5.46 2.55 -32.75
N ARG C 195 -6.49 2.02 -33.40
CA ARG C 195 -6.22 1.43 -34.70
C ARG C 195 -6.83 2.13 -35.91
N ASP C 196 -8.13 2.02 -36.11
CA ASP C 196 -8.79 2.59 -37.32
C ASP C 196 -9.76 3.73 -36.90
N ALA C 197 -9.43 4.98 -37.30
CA ALA C 197 -10.28 6.15 -37.00
C ALA C 197 -11.78 5.94 -37.30
N LEU C 198 -12.09 5.17 -38.35
CA LEU C 198 -13.50 4.83 -38.63
C LEU C 198 -14.25 4.16 -37.48
N GLU C 199 -13.57 3.62 -36.48
CA GLU C 199 -14.35 3.02 -35.41
C GLU C 199 -15.12 4.13 -34.65
N PHE C 200 -14.67 5.37 -34.87
CA PHE C 200 -15.17 6.57 -34.16
C PHE C 200 -15.99 7.55 -35.02
N LYS C 201 -16.22 7.21 -36.30
CA LYS C 201 -17.18 7.93 -37.17
C LYS C 201 -18.55 8.22 -36.51
N ASP C 202 -18.89 9.52 -36.41
CA ASP C 202 -20.18 9.98 -35.86
C ASP C 202 -20.22 9.93 -34.34
N LYS C 203 -19.06 9.93 -33.70
CA LYS C 203 -19.01 9.83 -32.25
C LYS C 203 -18.35 11.04 -31.67
N THR C 204 -18.48 11.20 -30.37
CA THR C 204 -17.75 12.25 -29.70
C THR C 204 -16.67 11.56 -28.91
N VAL C 205 -15.47 12.13 -29.00
CA VAL C 205 -14.26 11.50 -28.55
C VAL C 205 -13.50 12.45 -27.67
N LEU C 206 -13.24 12.02 -26.43
CA LEU C 206 -12.34 12.74 -25.55
C LEU C 206 -10.93 12.25 -25.81
N LEU C 207 -10.00 13.18 -26.06
CA LEU C 207 -8.61 12.90 -26.24
C LEU C 207 -7.92 13.59 -25.08
N VAL C 208 -7.37 12.78 -24.15
CA VAL C 208 -6.65 13.30 -22.98
C VAL C 208 -5.14 13.40 -23.26
N GLY C 209 -4.61 14.61 -23.18
CA GLY C 209 -3.21 14.90 -23.44
C GLY C 209 -3.06 16.12 -24.34
N SER C 210 -1.85 16.68 -24.41
CA SER C 210 -1.58 17.77 -25.39
C SER C 210 -0.25 17.68 -26.26
N SER C 211 0.09 16.51 -26.79
CA SER C 211 1.32 16.39 -27.52
C SER C 211 1.11 15.72 -28.87
N TYR C 212 2.17 15.15 -29.46
CA TYR C 212 2.07 14.62 -30.83
C TYR C 212 0.95 13.60 -31.00
N SER C 213 0.70 12.78 -29.99
CA SER C 213 -0.40 11.86 -30.08
C SER C 213 -1.77 12.52 -30.15
N ALA C 214 -2.01 13.49 -29.26
CA ALA C 214 -3.31 14.18 -29.23
C ALA C 214 -3.54 14.87 -30.57
N GLU C 215 -2.58 15.69 -30.99
CA GLU C 215 -2.63 16.33 -32.30
C GLU C 215 -3.02 15.39 -33.39
N ASP C 216 -2.21 14.38 -33.62
CA ASP C 216 -2.44 13.54 -34.79
C ASP C 216 -3.57 12.49 -34.57
N ILE C 217 -3.93 12.10 -33.35
CA ILE C 217 -5.01 11.14 -33.32
C ILE C 217 -6.32 11.87 -33.51
N GLY C 218 -6.45 13.08 -32.94
CA GLY C 218 -7.64 13.95 -33.20
C GLY C 218 -7.81 14.19 -34.72
N SER C 219 -6.71 14.51 -35.39
CA SER C 219 -6.79 14.88 -36.76
C SER C 219 -7.28 13.74 -37.60
N GLN C 220 -6.95 12.52 -37.21
CA GLN C 220 -7.46 11.38 -37.96
C GLN C 220 -8.94 11.15 -37.61
N CYS C 221 -9.31 11.19 -36.35
CA CYS C 221 -10.71 11.09 -36.02
C CYS C 221 -11.56 12.17 -36.76
N TYR C 222 -11.08 13.42 -36.73
CA TYR C 222 -11.65 14.52 -37.55
C TYR C 222 -11.72 14.13 -39.05
N LYS C 223 -10.58 13.95 -39.68
CA LYS C 223 -10.55 13.54 -41.08
C LYS C 223 -11.41 12.30 -41.43
N TYR C 224 -11.73 11.38 -40.52
CA TYR C 224 -12.58 10.24 -40.97
C TYR C 224 -14.04 10.28 -40.50
N GLY C 225 -14.44 11.43 -39.95
CA GLY C 225 -15.87 11.74 -39.79
C GLY C 225 -16.40 11.60 -38.39
N ALA C 226 -15.61 12.05 -37.41
CA ALA C 226 -16.04 11.90 -36.03
C ALA C 226 -17.05 12.99 -35.84
N LYS C 227 -18.08 12.80 -35.03
CA LYS C 227 -19.00 13.93 -34.81
C LYS C 227 -18.31 15.15 -34.15
N LYS C 228 -17.74 14.99 -32.97
CA LYS C 228 -17.15 16.09 -32.25
C LYS C 228 -15.87 15.60 -31.55
N LEU C 229 -14.91 16.52 -31.38
CA LEU C 229 -13.66 16.22 -30.68
C LEU C 229 -13.51 17.07 -29.49
N ILE C 230 -12.93 16.51 -28.42
CA ILE C 230 -12.48 17.26 -27.23
C ILE C 230 -11.11 16.85 -26.67
N SER C 231 -10.17 17.78 -26.73
CA SER C 231 -8.87 17.72 -26.09
C SER C 231 -8.91 18.40 -24.75
N CYS C 232 -8.39 17.76 -23.71
CA CYS C 232 -8.07 18.45 -22.46
C CYS C 232 -6.57 18.44 -22.12
N TYR C 233 -6.08 19.52 -21.52
CA TYR C 233 -4.65 19.62 -21.32
C TYR C 233 -4.40 19.67 -19.83
N ARG C 234 -3.24 19.14 -19.43
CA ARG C 234 -2.84 19.23 -18.04
C ARG C 234 -2.04 20.50 -17.70
N THR C 235 -1.18 21.00 -18.59
CA THR C 235 -0.33 22.13 -18.21
C THR C 235 -0.74 23.37 -18.96
N ALA C 236 -0.75 23.26 -20.29
CA ALA C 236 -1.01 24.36 -21.26
C ALA C 236 -1.69 23.82 -22.52
N PRO C 237 -2.57 24.62 -23.17
CA PRO C 237 -3.20 24.20 -24.42
C PRO C 237 -2.21 24.01 -25.57
N MET C 238 -2.53 23.10 -26.48
CA MET C 238 -1.72 22.90 -27.66
C MET C 238 -1.66 24.24 -28.41
N GLY C 239 -2.79 24.97 -28.45
CA GLY C 239 -2.86 26.34 -28.98
C GLY C 239 -2.98 26.51 -30.50
N TYR C 240 -3.19 25.42 -31.22
CA TYR C 240 -3.50 25.50 -32.64
C TYR C 240 -4.99 25.85 -32.88
N LYS C 241 -5.26 26.41 -34.08
CA LYS C 241 -6.61 26.69 -34.52
C LYS C 241 -7.25 25.41 -35.05
N TRP C 242 -8.15 24.84 -34.24
CA TRP C 242 -8.85 23.59 -34.59
C TRP C 242 -10.15 23.82 -35.38
N PRO C 243 -10.59 22.82 -36.19
CA PRO C 243 -11.87 22.96 -36.86
C PRO C 243 -13.01 23.11 -35.85
N GLU C 244 -14.20 23.36 -36.39
CA GLU C 244 -15.42 23.75 -35.63
C GLU C 244 -15.80 22.77 -34.52
N ASN C 245 -15.99 21.50 -34.90
CA ASN C 245 -16.35 20.44 -33.94
C ASN C 245 -15.19 19.90 -33.04
N TRP C 246 -14.07 20.64 -33.00
CA TRP C 246 -12.96 20.31 -32.16
C TRP C 246 -12.70 21.46 -31.21
N ASP C 247 -12.71 21.20 -29.90
CA ASP C 247 -12.30 22.25 -28.93
C ASP C 247 -11.44 21.75 -27.74
N GLU C 248 -10.60 22.65 -27.25
CA GLU C 248 -9.60 22.37 -26.24
C GLU C 248 -10.03 22.94 -24.94
N ARG C 249 -9.77 22.24 -23.83
CA ARG C 249 -10.17 22.81 -22.53
C ARG C 249 -9.38 22.24 -21.37
N PRO C 250 -9.43 22.88 -20.19
CA PRO C 250 -8.61 22.35 -19.11
C PRO C 250 -8.97 20.90 -18.75
N ASN C 251 -8.12 20.28 -17.91
CA ASN C 251 -8.07 18.81 -17.73
C ASN C 251 -9.36 18.15 -17.33
N LEU C 252 -9.56 16.93 -17.80
CA LEU C 252 -10.53 16.00 -17.20
C LEU C 252 -10.35 15.86 -15.68
N VAL C 253 -11.44 15.64 -14.96
CA VAL C 253 -11.36 15.57 -13.49
C VAL C 253 -12.24 14.43 -12.93
N ARG C 254 -13.24 14.02 -13.72
CA ARG C 254 -13.94 12.79 -13.47
C ARG C 254 -14.94 12.61 -14.56
N VAL C 255 -15.53 11.43 -14.50
CA VAL C 255 -16.36 10.88 -15.53
C VAL C 255 -17.45 10.08 -14.78
N ASP C 256 -18.61 9.87 -15.44
CA ASP C 256 -19.69 9.00 -14.90
C ASP C 256 -20.14 8.05 -16.00
N THR C 257 -21.36 7.57 -15.87
CA THR C 257 -21.93 6.64 -16.84
C THR C 257 -21.74 7.13 -18.26
N GLU C 258 -21.88 8.42 -18.51
CA GLU C 258 -21.89 8.86 -19.90
C GLU C 258 -21.10 10.09 -20.13
N ASN C 259 -20.66 10.78 -19.07
CA ASN C 259 -20.18 12.15 -19.22
C ASN C 259 -18.81 12.44 -18.67
N ALA C 260 -18.18 13.46 -19.24
CA ALA C 260 -16.87 13.93 -18.82
C ALA C 260 -16.96 15.26 -18.10
N TYR C 261 -16.11 15.49 -17.12
CA TYR C 261 -16.17 16.68 -16.32
C TYR C 261 -14.79 17.26 -16.18
N PHE C 262 -14.71 18.56 -16.47
CA PHE C 262 -13.43 19.26 -16.50
C PHE C 262 -13.27 20.29 -15.41
N ALA C 263 -12.13 20.96 -15.43
CA ALA C 263 -11.75 21.90 -14.38
C ALA C 263 -12.30 23.29 -14.64
N ASP C 264 -12.61 23.53 -15.92
CA ASP C 264 -13.69 24.38 -16.43
C ASP C 264 -14.88 24.56 -15.49
N GLY C 265 -15.29 23.45 -14.89
CA GLY C 265 -16.61 23.35 -14.36
C GLY C 265 -17.52 22.88 -15.48
N SER C 266 -17.05 22.81 -16.73
CA SER C 266 -17.93 22.28 -17.81
C SER C 266 -18.10 20.76 -17.79
N SER C 267 -18.67 20.25 -18.88
CA SER C 267 -19.16 18.89 -18.89
C SER C 267 -19.95 18.54 -20.15
N GLU C 268 -19.71 17.37 -20.74
CA GLU C 268 -20.67 16.86 -21.73
C GLU C 268 -20.60 15.35 -22.04
N LYS C 269 -21.39 14.92 -23.02
CA LYS C 269 -21.62 13.51 -23.29
C LYS C 269 -20.46 13.08 -24.15
N VAL C 270 -19.82 11.95 -23.78
CA VAL C 270 -18.64 11.42 -24.48
C VAL C 270 -18.85 9.92 -24.79
N ASP C 271 -18.43 9.47 -25.99
CA ASP C 271 -18.62 8.06 -26.41
C ASP C 271 -17.37 7.16 -26.19
N ALA C 272 -16.20 7.78 -26.31
CA ALA C 272 -14.92 7.11 -26.16
C ALA C 272 -13.88 8.06 -25.56
N ILE C 273 -12.96 7.49 -24.77
CA ILE C 273 -11.89 8.27 -24.23
C ILE C 273 -10.58 7.70 -24.70
N ILE C 274 -9.67 8.54 -25.18
CA ILE C 274 -8.39 8.05 -25.65
C ILE C 274 -7.26 8.71 -24.88
N LEU C 275 -6.57 7.92 -24.06
CA LEU C 275 -5.51 8.49 -23.26
C LEU C 275 -4.25 8.70 -24.08
N CYS C 276 -3.98 9.98 -24.40
CA CYS C 276 -2.78 10.35 -25.19
C CYS C 276 -1.72 10.84 -24.22
N THR C 277 -1.40 9.99 -23.25
CA THR C 277 -0.58 10.47 -22.19
C THR C 277 0.84 9.99 -22.28
N GLY C 278 1.28 9.53 -23.45
CA GLY C 278 2.67 9.01 -23.59
C GLY C 278 3.05 7.63 -23.05
N TYR C 279 4.33 7.44 -22.82
CA TYR C 279 4.93 6.11 -22.63
C TYR C 279 6.05 6.10 -21.62
N ILE C 280 6.39 4.90 -21.12
CA ILE C 280 7.43 4.71 -20.11
C ILE C 280 8.56 3.83 -20.64
N HIS C 281 9.78 4.12 -20.21
CA HIS C 281 10.90 3.30 -20.56
C HIS C 281 10.71 2.07 -19.73
N HIS C 282 10.50 0.94 -20.37
CA HIS C 282 10.29 -0.31 -19.64
C HIS C 282 11.19 -1.43 -20.24
N PHE C 283 12.02 -2.07 -19.43
CA PHE C 283 12.79 -3.20 -19.92
C PHE C 283 12.63 -4.42 -19.03
N PRO C 284 11.55 -5.20 -19.24
CA PRO C 284 11.36 -6.38 -18.41
C PRO C 284 12.50 -7.42 -18.44
N PHE C 285 13.37 -7.39 -19.44
CA PHE C 285 14.45 -8.36 -19.57
C PHE C 285 15.75 -7.86 -18.91
N LEU C 286 15.71 -6.79 -18.12
CA LEU C 286 16.96 -6.28 -17.46
C LEU C 286 16.84 -6.16 -15.92
N ASN C 287 17.89 -6.55 -15.17
CA ASN C 287 18.04 -6.20 -13.74
C ASN C 287 18.64 -4.83 -13.53
N ASP C 288 18.69 -4.38 -12.28
CA ASP C 288 18.99 -2.96 -12.01
C ASP C 288 20.42 -2.56 -12.40
N ASP C 289 21.31 -3.55 -12.56
CA ASP C 289 22.71 -3.33 -12.90
C ASP C 289 22.81 -2.82 -14.35
N LEU C 290 21.79 -3.13 -15.17
CA LEU C 290 21.79 -2.82 -16.63
C LEU C 290 20.68 -1.88 -17.08
N ARG C 291 19.70 -1.66 -16.22
CA ARG C 291 18.40 -1.15 -16.64
C ARG C 291 18.26 0.38 -16.60
N LEU C 292 18.19 1.03 -17.77
CA LEU C 292 17.99 2.50 -17.86
C LEU C 292 16.67 2.94 -17.24
N VAL C 293 16.73 3.98 -16.41
CA VAL C 293 15.53 4.50 -15.80
C VAL C 293 15.51 6.02 -16.06
N THR C 294 14.50 6.48 -16.80
CA THR C 294 14.44 7.89 -17.15
C THR C 294 13.05 8.26 -17.54
N ASN C 295 12.72 9.53 -17.42
CA ASN C 295 11.51 10.05 -18.09
C ASN C 295 11.92 10.37 -19.56
N ASN C 296 10.93 10.51 -20.45
CA ASN C 296 11.22 10.85 -21.85
C ASN C 296 11.85 12.28 -22.01
N ARG C 297 13.07 12.36 -22.57
CA ARG C 297 13.77 13.62 -22.61
C ARG C 297 14.95 13.60 -23.59
N LEU C 298 15.50 14.80 -23.88
CA LEU C 298 16.61 14.92 -24.81
C LEU C 298 17.89 14.35 -24.28
N TRP C 299 18.08 14.35 -22.96
CA TRP C 299 19.35 13.82 -22.39
C TRP C 299 19.20 12.87 -21.19
N PRO C 300 18.87 11.57 -21.44
CA PRO C 300 18.89 10.67 -20.28
C PRO C 300 20.28 10.64 -19.66
N LEU C 301 20.33 10.51 -18.35
CA LEU C 301 21.58 10.37 -17.65
C LEU C 301 22.05 8.91 -17.76
N ASN C 302 23.36 8.70 -17.55
CA ASN C 302 23.91 7.36 -17.38
C ASN C 302 24.27 6.68 -18.69
N LEU C 303 24.39 7.51 -19.72
CA LEU C 303 24.68 7.06 -21.07
C LEU C 303 25.75 7.99 -21.61
N TYR C 304 26.97 7.45 -21.72
CA TYR C 304 28.06 8.17 -22.31
C TYR C 304 27.77 8.42 -23.80
N LYS C 305 27.86 9.67 -24.23
CA LYS C 305 27.49 10.05 -25.61
C LYS C 305 26.05 9.62 -25.95
N GLY C 306 25.23 9.50 -24.92
CA GLY C 306 23.86 9.07 -25.15
C GLY C 306 23.72 7.60 -25.48
N VAL C 307 24.80 6.84 -25.37
CA VAL C 307 24.80 5.51 -25.92
C VAL C 307 25.46 4.41 -25.11
N VAL C 308 26.57 4.70 -24.48
CA VAL C 308 27.25 3.69 -23.65
C VAL C 308 26.79 3.64 -22.17
N TRP C 309 26.30 2.48 -21.68
CA TRP C 309 25.73 2.37 -20.36
C TRP C 309 26.88 2.55 -19.38
N GLU C 310 26.91 3.64 -18.63
CA GLU C 310 28.14 3.95 -17.87
C GLU C 310 28.54 2.96 -16.74
N ASP C 311 27.60 2.13 -16.28
CA ASP C 311 27.89 1.21 -15.15
C ASP C 311 28.47 -0.07 -15.68
N ASN C 312 28.18 -0.38 -16.94
CA ASN C 312 28.76 -1.53 -17.62
C ASN C 312 28.92 -1.16 -19.07
N PRO C 313 30.11 -0.69 -19.46
CA PRO C 313 30.21 -0.12 -20.79
C PRO C 313 30.44 -1.13 -21.92
N LYS C 314 30.06 -2.40 -21.71
CA LYS C 314 29.99 -3.36 -22.79
C LYS C 314 28.49 -3.60 -23.18
N PHE C 315 27.61 -2.72 -22.66
CA PHE C 315 26.18 -2.70 -22.93
C PHE C 315 25.81 -1.30 -23.46
N PHE C 316 25.10 -1.24 -24.60
CA PHE C 316 24.75 0.00 -25.30
C PHE C 316 23.26 0.23 -25.54
N TYR C 317 22.82 1.47 -25.55
CA TYR C 317 21.45 1.72 -25.89
C TYR C 317 21.36 2.55 -27.13
N ILE C 318 20.52 2.12 -28.06
CA ILE C 318 20.22 2.98 -29.24
C ILE C 318 18.85 3.68 -29.17
N GLY C 319 18.85 5.00 -29.37
CA GLY C 319 17.61 5.76 -29.55
C GLY C 319 16.65 5.90 -28.39
N MET C 320 17.21 6.00 -27.20
CA MET C 320 16.41 6.07 -26.03
C MET C 320 16.10 7.49 -25.72
N GLN C 321 16.72 8.43 -26.44
CA GLN C 321 16.39 9.85 -26.31
C GLN C 321 14.94 10.21 -26.84
N ASP C 322 14.40 11.37 -26.49
CA ASP C 322 13.20 11.80 -27.16
C ASP C 322 13.61 12.20 -28.57
N GLN C 323 12.70 12.21 -29.51
CA GLN C 323 13.09 12.21 -30.93
C GLN C 323 12.61 13.43 -31.71
N TRP C 324 13.49 14.39 -31.98
CA TRP C 324 13.21 15.42 -32.97
C TRP C 324 13.79 14.93 -34.27
N TYR C 325 15.13 14.76 -34.33
CA TYR C 325 15.69 13.88 -35.35
C TYR C 325 15.30 12.45 -35.02
N SER C 326 15.44 11.54 -35.96
CA SER C 326 15.18 10.17 -35.63
C SER C 326 16.14 9.20 -36.42
N PHE C 327 15.78 8.82 -37.66
CA PHE C 327 16.55 7.76 -38.35
C PHE C 327 18.00 8.15 -38.48
N ASN C 328 18.32 9.41 -38.85
CA ASN C 328 19.75 9.66 -38.92
C ASN C 328 20.45 9.84 -37.60
N MET C 329 19.68 10.12 -36.54
CA MET C 329 20.24 10.02 -35.19
C MET C 329 20.60 8.56 -34.86
N PHE C 330 19.70 7.61 -35.12
CA PHE C 330 20.01 6.19 -34.80
C PHE C 330 21.27 5.68 -35.53
N ASP C 331 21.40 5.98 -36.81
CA ASP C 331 22.61 5.72 -37.53
C ASP C 331 23.80 6.33 -36.81
N ALA C 332 23.79 7.62 -36.42
CA ALA C 332 25.02 8.20 -35.81
C ALA C 332 25.39 7.44 -34.54
N GLN C 333 24.36 7.08 -33.77
CA GLN C 333 24.53 6.26 -32.55
C GLN C 333 25.07 4.88 -32.88
N ALA C 334 24.44 4.17 -33.82
CA ALA C 334 24.86 2.80 -34.21
C ALA C 334 26.29 2.80 -34.71
N TRP C 335 26.64 3.81 -35.50
CA TRP C 335 28.02 3.93 -36.02
C TRP C 335 28.99 4.12 -34.87
N TYR C 336 28.53 4.81 -33.81
CA TYR C 336 29.42 5.14 -32.72
C TYR C 336 29.62 3.85 -31.94
N ALA C 337 28.51 3.18 -31.65
CA ALA C 337 28.51 1.89 -30.92
C ALA C 337 29.40 0.92 -31.62
N ARG C 338 29.22 0.81 -32.94
CA ARG C 338 30.05 -0.07 -33.74
C ARG C 338 31.53 0.19 -33.43
N ASP C 339 31.96 1.45 -33.55
CA ASP C 339 33.38 1.78 -33.42
C ASP C 339 33.96 1.52 -32.02
N VAL C 340 33.17 1.79 -30.98
CA VAL C 340 33.63 1.37 -29.71
C VAL C 340 33.73 -0.17 -29.63
N ILE C 341 32.76 -0.89 -30.16
CA ILE C 341 32.78 -2.36 -30.05
C ILE C 341 33.98 -2.90 -30.77
N MET C 342 34.26 -2.32 -31.93
CA MET C 342 35.37 -2.78 -32.74
C MET C 342 36.75 -2.33 -32.24
N GLY C 343 36.81 -1.48 -31.23
CA GLY C 343 38.09 -1.04 -30.73
C GLY C 343 38.61 0.22 -31.43
N ARG C 344 37.81 0.84 -32.29
CA ARG C 344 38.28 2.04 -33.02
C ARG C 344 38.28 3.30 -32.21
N LEU C 345 37.38 3.35 -31.23
CA LEU C 345 37.22 4.50 -30.37
C LEU C 345 37.24 4.06 -28.91
N PRO C 346 38.42 4.06 -28.25
CA PRO C 346 38.42 3.50 -26.89
C PRO C 346 37.75 4.48 -25.91
N LEU C 347 37.21 3.95 -24.82
CA LEU C 347 36.40 4.68 -23.85
C LEU C 347 37.26 5.47 -22.84
N PRO C 348 36.78 6.63 -22.38
CA PRO C 348 37.58 7.19 -21.32
C PRO C 348 37.27 6.55 -19.92
N SER C 349 37.83 7.04 -18.82
CA SER C 349 37.58 6.39 -17.53
C SER C 349 36.12 6.63 -17.12
N LYS C 350 35.69 5.96 -16.04
CA LYS C 350 34.32 6.16 -15.60
C LYS C 350 34.06 7.62 -15.16
N GLU C 351 35.01 8.20 -14.45
CA GLU C 351 34.94 9.60 -14.04
C GLU C 351 34.77 10.60 -15.19
N GLU C 352 35.54 10.43 -16.25
CA GLU C 352 35.43 11.31 -17.38
C GLU C 352 34.05 11.16 -18.16
N MET C 353 33.48 9.95 -18.17
CA MET C 353 32.14 9.73 -18.74
C MET C 353 31.13 10.53 -17.95
N LYS C 354 31.16 10.35 -16.64
CA LYS C 354 30.29 11.09 -15.77
C LYS C 354 30.37 12.59 -15.98
N ALA C 355 31.58 13.18 -15.95
CA ALA C 355 31.74 14.63 -16.16
C ALA C 355 31.21 15.11 -17.53
N ASP C 356 31.36 14.27 -18.53
CA ASP C 356 30.91 14.60 -19.86
C ASP C 356 29.37 14.52 -19.89
N SER C 357 28.77 13.52 -19.24
CA SER C 357 27.35 13.39 -19.30
C SER C 357 26.71 14.50 -18.49
N MET C 358 27.37 14.84 -17.39
CA MET C 358 26.85 15.93 -16.58
C MET C 358 26.84 17.24 -17.38
N ALA C 359 27.88 17.49 -18.19
CA ALA C 359 27.92 18.71 -18.97
C ALA C 359 26.77 18.73 -19.97
N TRP C 360 26.44 17.59 -20.55
CA TRP C 360 25.30 17.55 -21.50
C TRP C 360 23.93 17.76 -20.85
N ARG C 361 23.79 17.32 -19.60
CA ARG C 361 22.56 17.48 -18.86
C ARG C 361 22.38 18.92 -18.42
N GLU C 362 23.45 19.57 -17.93
CA GLU C 362 23.39 21.05 -17.64
C GLU C 362 22.88 21.85 -18.84
N LYS C 363 23.43 21.57 -20.03
CA LYS C 363 22.93 22.22 -21.24
C LYS C 363 21.50 21.83 -21.55
N GLU C 364 21.13 20.55 -21.43
CA GLU C 364 19.73 20.14 -21.61
C GLU C 364 18.74 20.96 -20.76
N LEU C 365 19.03 21.16 -19.49
CA LEU C 365 18.18 21.99 -18.62
C LEU C 365 18.01 23.47 -19.03
N THR C 366 18.93 23.97 -19.85
CA THR C 366 18.98 25.38 -20.32
C THR C 366 17.87 25.67 -21.36
N LEU C 367 17.31 24.61 -21.88
CA LEU C 367 16.54 24.65 -23.11
C LEU C 367 15.11 25.04 -22.91
N VAL C 368 14.68 26.04 -23.68
CA VAL C 368 13.35 26.62 -23.52
C VAL C 368 12.50 26.43 -24.78
N THR C 369 13.03 26.85 -25.94
CA THR C 369 12.22 26.90 -27.16
C THR C 369 12.37 25.67 -28.01
N ALA C 370 11.30 25.25 -28.66
CA ALA C 370 11.36 24.10 -29.56
C ALA C 370 12.59 24.16 -30.49
N GLU C 371 13.04 25.37 -30.84
CA GLU C 371 14.19 25.52 -31.71
C GLU C 371 15.49 25.17 -31.01
N GLU C 372 15.59 25.57 -29.74
CA GLU C 372 16.76 25.30 -28.92
C GLU C 372 16.88 23.78 -28.73
N MET C 373 15.74 23.09 -28.68
CA MET C 373 15.72 21.64 -28.49
C MET C 373 16.16 20.86 -29.72
N TYR C 374 15.53 21.07 -30.87
CA TYR C 374 16.07 20.36 -32.02
C TYR C 374 17.46 20.81 -32.39
N THR C 375 17.83 22.04 -32.07
CA THR C 375 19.24 22.43 -32.31
C THR C 375 20.25 21.65 -31.43
N TYR C 376 19.95 21.54 -30.15
CA TYR C 376 20.69 20.69 -29.22
C TYR C 376 20.78 19.25 -29.77
N GLN C 377 19.69 18.65 -30.23
CA GLN C 377 19.82 17.27 -30.68
C GLN C 377 20.78 17.24 -31.91
N GLY C 378 20.76 18.29 -32.72
CA GLY C 378 21.63 18.34 -33.90
C GLY C 378 23.08 18.57 -33.49
N ASP C 379 23.32 19.39 -32.46
CA ASP C 379 24.69 19.43 -31.88
C ASP C 379 25.14 18.05 -31.39
N TYR C 380 24.20 17.31 -30.79
CA TYR C 380 24.49 15.96 -30.34
C TYR C 380 24.88 15.04 -31.51
N ILE C 381 24.04 15.02 -32.52
CA ILE C 381 24.27 14.17 -33.67
C ILE C 381 25.59 14.56 -34.38
N GLN C 382 25.87 15.89 -34.44
CA GLN C 382 27.07 16.42 -35.05
C GLN C 382 28.29 15.89 -34.37
N ASN C 383 28.37 16.04 -33.06
CA ASN C 383 29.44 15.45 -32.31
C ASN C 383 29.54 13.95 -32.53
N LEU C 384 28.43 13.18 -32.55
CA LEU C 384 28.56 11.75 -32.93
C LEU C 384 29.14 11.45 -34.35
N ILE C 385 28.57 12.04 -35.39
CA ILE C 385 29.03 11.76 -36.74
C ILE C 385 30.48 12.22 -37.03
N ASP C 386 30.97 13.28 -36.36
CA ASP C 386 32.37 13.72 -36.51
C ASP C 386 33.38 12.63 -36.07
N MET C 387 32.96 11.78 -35.14
CA MET C 387 33.81 10.71 -34.62
C MET C 387 33.96 9.48 -35.59
N THR C 388 33.14 9.47 -36.61
CA THR C 388 32.95 8.26 -37.33
C THR C 388 32.93 8.53 -38.86
N ASP C 389 33.21 7.44 -39.58
CA ASP C 389 33.08 7.45 -41.03
C ASP C 389 31.63 7.61 -41.52
N TYR C 390 30.63 7.65 -40.63
CA TYR C 390 29.29 8.02 -41.09
C TYR C 390 29.44 9.38 -41.77
N PRO C 391 28.74 9.54 -42.91
CA PRO C 391 28.96 10.68 -43.81
C PRO C 391 28.34 11.90 -43.24
N SER C 392 29.10 12.98 -43.13
CA SER C 392 28.51 14.14 -42.52
C SER C 392 27.48 14.75 -43.45
N PHE C 393 26.50 15.43 -42.89
CA PHE C 393 25.42 15.95 -43.68
C PHE C 393 25.05 17.29 -43.08
N ASP C 394 24.14 18.04 -43.67
CA ASP C 394 24.12 19.45 -43.29
C ASP C 394 23.14 19.65 -42.15
N ILE C 395 23.66 19.65 -40.92
CA ILE C 395 22.78 19.78 -39.79
C ILE C 395 22.11 21.15 -39.69
N PRO C 396 22.90 22.28 -39.77
CA PRO C 396 22.28 23.63 -39.76
C PRO C 396 21.08 23.74 -40.69
N ALA C 397 21.25 23.27 -41.92
CA ALA C 397 20.17 23.19 -42.87
C ALA C 397 19.09 22.18 -42.46
N THR C 398 19.42 21.07 -41.79
CA THR C 398 18.33 20.21 -41.33
C THR C 398 17.53 21.04 -40.34
N ASN C 399 18.22 21.77 -39.46
CA ASN C 399 17.51 22.58 -38.45
C ASN C 399 16.50 23.59 -39.05
N LYS C 400 16.94 24.29 -40.10
CA LYS C 400 16.08 25.24 -40.85
C LYS C 400 14.84 24.52 -41.40
N THR C 401 15.02 23.33 -41.98
CA THR C 401 13.86 22.54 -42.37
C THR C 401 12.90 22.21 -41.23
N PHE C 402 13.41 21.96 -40.04
CA PHE C 402 12.49 21.89 -38.89
C PHE C 402 11.74 23.22 -38.63
N LEU C 403 12.47 24.33 -38.79
CA LEU C 403 11.94 25.64 -38.49
C LEU C 403 10.75 25.92 -39.43
N GLU C 404 10.98 25.77 -40.74
CA GLU C 404 9.92 25.78 -41.76
C GLU C 404 8.78 24.90 -41.32
N TRP C 405 9.00 23.61 -41.07
CA TRP C 405 7.96 22.75 -40.45
C TRP C 405 7.21 23.33 -39.24
N LYS C 406 7.91 23.81 -38.21
CA LYS C 406 7.22 24.53 -37.13
C LYS C 406 6.19 25.53 -37.69
N HIS C 407 6.64 26.49 -38.52
CA HIS C 407 5.77 27.58 -38.99
C HIS C 407 4.56 27.08 -39.74
N HIS C 408 4.73 26.10 -40.63
CA HIS C 408 3.59 25.52 -41.33
C HIS C 408 2.51 24.91 -40.43
N LYS C 409 2.92 24.26 -39.36
CA LYS C 409 1.97 23.72 -38.41
C LYS C 409 1.21 24.83 -37.69
N LYS C 410 1.92 25.94 -37.40
CA LYS C 410 1.33 27.10 -36.69
C LYS C 410 0.36 27.80 -37.63
N GLU C 411 0.83 28.06 -38.85
CA GLU C 411 0.01 28.56 -39.95
C GLU C 411 -1.30 27.79 -40.02
N ASN C 412 -1.24 26.45 -40.19
CA ASN C 412 -2.47 25.66 -40.28
C ASN C 412 -2.26 24.20 -39.92
N ILE C 413 -2.83 23.81 -38.79
CA ILE C 413 -2.54 22.47 -38.27
C ILE C 413 -3.04 21.34 -39.18
N MET C 414 -4.05 21.65 -39.98
CA MET C 414 -4.59 20.60 -40.82
C MET C 414 -3.97 20.49 -42.19
N THR C 415 -3.14 21.48 -42.57
CA THR C 415 -2.52 21.45 -43.93
C THR C 415 -0.98 21.47 -43.97
N PHE C 416 -0.33 21.31 -42.81
CA PHE C 416 1.15 21.32 -42.78
C PHE C 416 1.68 20.19 -43.66
N ARG C 417 0.94 19.08 -43.74
CA ARG C 417 1.42 17.96 -44.60
C ARG C 417 1.37 18.28 -46.12
N ASP C 418 0.80 19.42 -46.50
CA ASP C 418 0.60 19.76 -47.90
C ASP C 418 1.79 20.49 -48.52
N HIS C 419 2.80 20.81 -47.71
CA HIS C 419 4.01 21.49 -48.21
C HIS C 419 5.13 20.55 -48.64
N SER C 420 6.21 21.16 -49.11
CA SER C 420 7.31 20.42 -49.69
C SER C 420 8.63 21.03 -49.22
N TYR C 421 9.71 20.23 -49.13
CA TYR C 421 11.04 20.75 -48.69
C TYR C 421 12.17 20.12 -49.51
N ARG C 422 13.38 20.70 -49.50
CA ARG C 422 14.48 20.03 -50.20
C ARG C 422 15.35 19.07 -49.37
N SER C 423 15.78 17.99 -50.04
CA SER C 423 16.63 16.94 -49.47
C SER C 423 17.98 17.48 -49.18
N LEU C 424 18.46 17.25 -47.97
CA LEU C 424 19.76 17.75 -47.61
C LEU C 424 20.82 16.86 -48.22
N MET C 425 20.38 15.69 -48.70
CA MET C 425 21.32 14.68 -49.21
C MET C 425 21.58 14.91 -50.71
N THR C 426 20.50 15.27 -51.44
CA THR C 426 20.54 15.32 -52.90
C THR C 426 20.36 16.70 -53.47
N GLY C 427 19.56 17.56 -52.83
CA GLY C 427 19.46 18.96 -53.28
C GLY C 427 18.11 19.16 -53.91
N THR C 428 17.64 18.10 -54.56
CA THR C 428 16.31 18.01 -55.20
C THR C 428 15.13 18.50 -54.31
N MET C 429 14.26 19.38 -54.85
CA MET C 429 12.95 19.76 -54.21
C MET C 429 11.87 18.67 -54.36
N ALA C 430 11.17 18.36 -53.27
CA ALA C 430 10.12 17.37 -53.31
C ALA C 430 8.91 18.01 -53.96
N PRO C 431 8.33 17.27 -54.92
CA PRO C 431 7.15 17.73 -55.64
C PRO C 431 5.99 17.72 -54.69
N LYS C 432 4.93 18.49 -55.01
CA LYS C 432 3.71 18.49 -54.24
C LYS C 432 3.06 17.12 -54.39
N HIS C 433 2.40 16.64 -53.34
CA HIS C 433 1.69 15.39 -53.52
C HIS C 433 0.43 15.64 -54.41
N HIS C 434 0.00 14.56 -55.05
CA HIS C 434 -1.15 14.54 -55.91
C HIS C 434 -2.54 14.70 -55.27
N THR C 435 -2.67 14.67 -53.95
CA THR C 435 -3.97 14.85 -53.33
C THR C 435 -3.72 15.62 -52.05
N PRO C 436 -4.54 16.64 -51.75
CA PRO C 436 -4.23 17.29 -50.45
C PRO C 436 -4.51 16.31 -49.31
N TRP C 437 -3.79 16.51 -48.20
CA TRP C 437 -3.94 15.63 -47.06
C TRP C 437 -5.39 15.24 -46.82
N ILE C 438 -6.27 16.25 -46.64
CA ILE C 438 -7.61 16.03 -46.07
C ILE C 438 -8.45 15.11 -46.93
N ASP C 439 -8.05 15.05 -48.20
CA ASP C 439 -8.83 14.30 -49.17
C ASP C 439 -8.19 12.95 -49.47
N ALA C 440 -6.92 12.78 -49.13
CA ALA C 440 -6.22 11.52 -49.45
C ALA C 440 -6.57 10.50 -48.37
N LEU C 441 -7.54 9.66 -48.71
CA LEU C 441 -8.27 8.88 -47.72
C LEU C 441 -7.68 7.49 -47.67
N ASP C 442 -7.13 7.09 -48.82
CA ASP C 442 -6.39 5.83 -49.00
C ASP C 442 -4.95 6.01 -48.45
N ASP C 443 -4.55 5.19 -47.45
CA ASP C 443 -3.20 5.23 -46.85
C ASP C 443 -2.14 4.37 -47.57
N SER C 444 -2.54 3.69 -48.63
CA SER C 444 -1.71 2.64 -49.22
C SER C 444 -0.52 3.20 -50.00
N LEU C 445 0.60 2.48 -49.91
CA LEU C 445 1.82 2.72 -50.70
C LEU C 445 1.49 2.87 -52.17
N GLU C 446 0.68 1.96 -52.68
CA GLU C 446 0.37 1.93 -54.10
C GLU C 446 -0.43 3.18 -54.56
N ALA C 447 -1.35 3.61 -53.69
CA ALA C 447 -2.08 4.84 -53.95
C ALA C 447 -1.19 6.09 -53.77
N TYR C 448 -0.15 6.01 -52.96
CA TYR C 448 0.65 7.19 -52.73
C TYR C 448 1.67 7.27 -53.85
N LEU C 449 1.99 6.12 -54.42
CA LEU C 449 3.02 6.15 -55.43
C LEU C 449 2.60 6.25 -56.92
N SER C 450 1.28 6.33 -57.22
CA SER C 450 0.74 6.23 -58.63
C SER C 450 0.29 7.53 -59.36
N MET D 6 22.60 -17.09 44.31
CA MET D 6 22.77 -17.91 43.05
C MET D 6 23.50 -17.05 42.05
N ALA D 7 24.27 -17.72 41.17
CA ALA D 7 25.15 -17.08 40.19
C ALA D 7 24.40 -16.28 39.08
N THR D 8 23.16 -16.70 38.82
CA THR D 8 22.38 -16.02 37.80
C THR D 8 21.66 -14.66 38.18
N ARG D 9 21.19 -13.98 37.14
CA ARG D 9 20.57 -12.66 37.21
C ARG D 9 19.27 -12.66 36.37
N ILE D 10 18.12 -12.33 36.97
CA ILE D 10 16.83 -12.38 36.25
C ILE D 10 16.26 -10.98 36.09
N ALA D 11 15.73 -10.69 34.89
CA ALA D 11 14.93 -9.50 34.60
C ALA D 11 13.45 -9.82 34.49
N ILE D 12 12.63 -9.06 35.21
CA ILE D 12 11.19 -9.19 35.22
C ILE D 12 10.65 -7.89 34.55
N LEU D 13 9.91 -8.09 33.47
CA LEU D 13 9.39 -6.91 32.77
C LEU D 13 7.96 -6.56 33.23
N GLY D 14 7.82 -5.52 34.03
CA GLY D 14 6.52 -5.14 34.47
C GLY D 14 6.17 -5.52 35.91
N ALA D 15 5.46 -4.61 36.61
CA ALA D 15 5.12 -4.80 38.00
C ALA D 15 3.62 -4.67 38.25
N GLY D 16 2.80 -5.17 37.32
CA GLY D 16 1.42 -5.52 37.63
C GLY D 16 1.31 -6.87 38.32
N PRO D 17 0.08 -7.38 38.45
CA PRO D 17 -0.18 -8.66 39.13
C PRO D 17 0.79 -9.77 38.76
N SER D 18 1.21 -9.86 37.49
CA SER D 18 2.14 -10.94 37.06
C SER D 18 3.57 -10.73 37.53
N GLY D 19 4.15 -9.56 37.27
CA GLY D 19 5.46 -9.21 37.78
C GLY D 19 5.46 -9.26 39.28
N MET D 20 4.39 -8.77 39.91
CA MET D 20 4.21 -8.96 41.37
C MET D 20 4.24 -10.44 41.80
N ALA D 21 3.51 -11.30 41.08
CA ALA D 21 3.51 -12.77 41.29
C ALA D 21 4.93 -13.38 41.13
N GLN D 22 5.64 -12.99 40.06
CA GLN D 22 6.98 -13.45 39.86
C GLN D 22 7.92 -13.09 41.03
N LEU D 23 7.98 -11.82 41.44
CA LEU D 23 8.78 -11.48 42.60
C LEU D 23 8.37 -12.30 43.83
N ARG D 24 7.09 -12.29 44.19
CA ARG D 24 6.55 -13.15 45.27
C ARG D 24 7.00 -14.59 45.17
N ALA D 25 6.88 -15.21 44.03
CA ALA D 25 7.24 -16.60 43.97
C ALA D 25 8.72 -16.82 44.41
N PHE D 26 9.60 -15.85 44.11
CA PHE D 26 11.02 -16.00 44.43
C PHE D 26 11.21 -15.74 45.91
N GLN D 27 10.67 -14.65 46.40
CA GLN D 27 10.73 -14.34 47.77
C GLN D 27 10.30 -15.57 48.56
N SER D 28 9.22 -16.24 48.15
CA SER D 28 8.72 -17.42 48.85
C SER D 28 9.72 -18.58 48.92
N ALA D 29 10.42 -18.83 47.83
CA ALA D 29 11.43 -19.88 47.84
C ALA D 29 12.54 -19.53 48.84
N GLN D 30 12.98 -18.27 48.83
CA GLN D 30 13.99 -17.77 49.78
C GLN D 30 13.53 -17.83 51.25
N GLU D 31 12.27 -17.50 51.49
CA GLU D 31 11.74 -17.59 52.84
C GLU D 31 11.83 -19.05 53.32
N LYS D 32 11.55 -19.99 52.43
CA LYS D 32 11.66 -21.40 52.79
C LYS D 32 13.09 -21.94 52.86
N GLY D 33 14.08 -21.06 52.60
CA GLY D 33 15.49 -21.32 52.80
C GLY D 33 16.37 -21.58 51.57
N ALA D 34 15.86 -21.32 50.37
CA ALA D 34 16.64 -21.61 49.16
C ALA D 34 17.46 -20.41 48.77
N GLU D 35 18.50 -20.67 48.01
CA GLU D 35 19.29 -19.61 47.45
C GLU D 35 18.62 -19.23 46.11
N ILE D 36 18.27 -17.96 45.94
CA ILE D 36 17.57 -17.52 44.70
C ILE D 36 18.51 -16.67 43.84
N PRO D 37 18.14 -16.40 42.58
CA PRO D 37 18.95 -15.58 41.67
C PRO D 37 18.88 -14.11 42.05
N GLU D 38 19.74 -13.26 41.50
CA GLU D 38 19.56 -11.81 41.66
C GLU D 38 18.29 -11.49 40.88
N LEU D 39 17.56 -10.49 41.33
CA LEU D 39 16.40 -10.05 40.61
C LEU D 39 16.41 -8.54 40.34
N VAL D 40 16.08 -8.17 39.09
CA VAL D 40 15.76 -6.78 38.76
C VAL D 40 14.45 -6.74 37.98
N CYS D 41 13.48 -5.98 38.48
CA CYS D 41 12.21 -5.83 37.81
C CYS D 41 12.04 -4.36 37.43
N PHE D 42 11.73 -4.15 36.16
CA PHE D 42 11.49 -2.83 35.58
C PHE D 42 10.02 -2.48 35.39
N GLU D 43 9.59 -1.29 35.79
CA GLU D 43 8.21 -0.82 35.65
C GLU D 43 8.25 0.65 35.17
N LYS D 44 7.51 0.89 34.07
CA LYS D 44 7.40 2.22 33.49
C LYS D 44 6.54 3.20 34.31
N GLN D 45 5.61 2.69 35.11
CA GLN D 45 4.75 3.55 35.94
C GLN D 45 5.47 3.96 37.20
N ALA D 46 4.86 4.83 38.00
CA ALA D 46 5.48 5.26 39.26
C ALA D 46 5.16 4.37 40.44
N ASP D 47 4.31 3.35 40.25
CA ASP D 47 3.86 2.48 41.33
C ASP D 47 3.34 1.19 40.83
N TRP D 48 3.21 0.19 41.68
CA TRP D 48 2.89 -1.14 41.16
C TRP D 48 1.40 -1.38 41.07
N GLY D 49 1.01 -2.49 40.44
CA GLY D 49 -0.39 -2.84 40.28
C GLY D 49 -0.94 -2.92 38.84
N GLY D 50 -0.16 -2.47 37.86
CA GLY D 50 -0.56 -2.69 36.47
C GLY D 50 -1.89 -2.07 36.15
N GLN D 51 -2.78 -2.85 35.58
CA GLN D 51 -4.09 -2.27 35.25
C GLN D 51 -4.73 -1.63 36.46
N TRP D 52 -4.54 -2.20 37.64
CA TRP D 52 -5.27 -1.76 38.82
C TRP D 52 -4.77 -0.44 39.39
N ASN D 53 -3.63 0.06 38.92
CA ASN D 53 -3.21 1.40 39.25
C ASN D 53 -3.89 2.38 38.34
N TYR D 54 -4.81 3.16 38.90
CA TYR D 54 -5.67 4.04 38.11
C TYR D 54 -4.93 5.30 37.71
N THR D 55 -5.14 5.73 36.48
CA THR D 55 -4.61 7.03 36.07
C THR D 55 -5.68 7.78 35.28
N TRP D 56 -5.67 9.12 35.41
CA TRP D 56 -6.64 9.95 34.70
C TRP D 56 -6.09 10.15 33.32
N ARG D 57 -4.82 9.81 33.17
CA ARG D 57 -4.11 10.11 31.95
C ARG D 57 -4.61 9.23 30.83
N THR D 58 -4.27 9.64 29.63
CA THR D 58 -4.89 9.10 28.45
C THR D 58 -3.92 9.18 27.24
N GLY D 59 -3.88 8.12 26.43
CA GLY D 59 -2.91 8.05 25.27
C GLY D 59 -1.45 7.82 25.67
N LEU D 60 -0.73 8.94 25.90
CA LEU D 60 0.67 9.00 26.30
C LEU D 60 0.89 9.56 27.73
N ASP D 61 1.76 8.94 28.54
CA ASP D 61 1.90 9.34 29.97
C ASP D 61 2.84 10.52 30.13
N GLU D 62 3.16 10.95 31.36
CA GLU D 62 3.98 12.16 31.46
C GLU D 62 5.36 12.05 30.83
N ASN D 63 5.77 10.83 30.49
CA ASN D 63 7.13 10.67 29.93
C ASN D 63 7.12 10.44 28.43
N GLY D 64 5.96 10.46 27.81
CA GLY D 64 5.84 10.09 26.42
C GLY D 64 5.54 8.62 26.26
N GLU D 65 5.41 7.87 27.36
CA GLU D 65 5.19 6.41 27.22
C GLU D 65 3.71 6.12 26.97
N PRO D 66 3.41 5.06 26.19
CA PRO D 66 1.96 4.77 26.16
C PRO D 66 1.38 4.52 27.55
N VAL D 67 0.30 5.20 27.84
CA VAL D 67 -0.48 5.00 29.08
C VAL D 67 -0.92 3.55 29.17
N HIS D 68 -0.68 2.96 30.30
CA HIS D 68 -0.85 1.55 30.36
C HIS D 68 -2.28 1.08 30.67
N SER D 69 -2.88 1.68 31.70
CA SER D 69 -4.10 1.15 32.27
C SER D 69 -5.32 1.48 31.46
N SER D 70 -6.24 0.53 31.41
CA SER D 70 -7.46 0.67 30.68
C SER D 70 -8.61 0.82 31.68
N MET D 71 -8.28 1.04 32.95
CA MET D 71 -9.31 1.07 33.95
C MET D 71 -9.91 2.45 34.18
N TYR D 72 -11.20 2.41 34.55
CA TYR D 72 -11.97 3.62 34.66
C TYR D 72 -12.64 3.83 36.03
N ARG D 73 -13.19 5.02 36.30
CA ARG D 73 -13.83 5.27 37.61
C ARG D 73 -14.96 4.31 37.73
N TYR D 74 -15.19 3.85 38.95
CA TYR D 74 -16.39 3.07 39.29
C TYR D 74 -16.25 1.61 38.83
N LEU D 75 -15.08 1.24 38.37
CA LEU D 75 -14.87 -0.15 37.96
C LEU D 75 -14.94 -0.98 39.21
N TRP D 76 -15.56 -2.14 39.10
CA TRP D 76 -15.61 -3.08 40.20
C TRP D 76 -15.29 -4.39 39.55
N SER D 77 -14.75 -5.31 40.31
CA SER D 77 -14.52 -6.67 39.89
C SER D 77 -15.68 -7.17 39.04
N ASN D 78 -15.41 -7.94 37.96
CA ASN D 78 -16.55 -8.56 37.21
C ASN D 78 -16.75 -10.01 37.43
N GLY D 79 -15.82 -10.63 38.10
CA GLY D 79 -16.06 -11.97 38.55
C GLY D 79 -16.10 -12.04 40.07
N PRO D 80 -16.54 -13.17 40.58
CA PRO D 80 -16.47 -13.27 42.00
C PRO D 80 -14.99 -13.06 42.46
N LYS D 81 -14.74 -12.22 43.47
CA LYS D 81 -13.41 -12.19 44.09
C LYS D 81 -12.99 -13.59 44.51
N GLU D 82 -13.98 -14.44 44.80
CA GLU D 82 -13.67 -15.78 45.32
C GLU D 82 -12.86 -16.62 44.36
N CYS D 83 -13.03 -16.34 43.07
CA CYS D 83 -12.30 -16.96 41.98
C CYS D 83 -10.94 -16.35 41.68
N LEU D 84 -10.49 -15.36 42.45
CA LEU D 84 -9.21 -14.74 42.13
C LEU D 84 -8.36 -14.50 43.40
N GLU D 85 -8.78 -15.07 44.52
CA GLU D 85 -8.01 -15.05 45.78
C GLU D 85 -6.66 -15.78 45.62
N PHE D 86 -5.62 -15.23 46.23
CA PHE D 86 -4.34 -15.88 46.34
C PHE D 86 -4.49 -17.04 47.29
N ALA D 87 -3.92 -18.19 46.91
CA ALA D 87 -3.86 -19.36 47.81
C ALA D 87 -2.89 -19.13 49.00
N ASP D 88 -2.11 -18.06 48.96
CA ASP D 88 -1.10 -17.89 50.02
C ASP D 88 -1.25 -16.58 50.75
N TYR D 89 -2.32 -15.85 50.46
CA TYR D 89 -2.58 -14.54 51.07
C TYR D 89 -4.04 -14.25 50.95
N THR D 90 -4.82 -14.59 51.96
CA THR D 90 -6.27 -14.61 51.79
C THR D 90 -6.87 -13.23 51.94
N PHE D 91 -8.08 -13.08 51.40
CA PHE D 91 -8.94 -11.94 51.73
C PHE D 91 -9.20 -11.74 53.22
N ASP D 92 -9.34 -12.84 53.97
CA ASP D 92 -9.48 -12.68 55.43
C ASP D 92 -8.24 -12.02 56.02
N GLU D 93 -7.08 -12.57 55.66
CA GLU D 93 -5.83 -12.06 56.16
C GLU D 93 -5.63 -10.58 55.84
N HIS D 94 -5.90 -10.20 54.58
CA HIS D 94 -5.53 -8.85 54.18
C HIS D 94 -6.39 -7.82 54.84
N PHE D 95 -7.71 -8.05 54.82
CA PHE D 95 -8.70 -7.06 55.27
C PHE D 95 -9.11 -7.17 56.74
N GLY D 96 -8.92 -8.38 57.30
CA GLY D 96 -9.24 -8.64 58.70
C GLY D 96 -10.70 -9.00 58.97
N LYS D 97 -11.54 -8.92 57.95
CA LYS D 97 -12.98 -9.14 58.12
C LYS D 97 -13.61 -9.55 56.79
N PRO D 98 -14.78 -10.22 56.81
CA PRO D 98 -15.37 -10.52 55.49
C PRO D 98 -15.83 -9.24 54.72
N ILE D 99 -15.86 -9.31 53.39
CA ILE D 99 -16.37 -8.19 52.56
C ILE D 99 -17.14 -8.83 51.41
N ALA D 100 -17.86 -8.03 50.62
CA ALA D 100 -18.73 -8.60 49.58
C ALA D 100 -17.97 -9.15 48.38
N SER D 101 -18.68 -9.71 47.40
CA SER D 101 -18.02 -10.53 46.37
C SER D 101 -17.40 -9.81 45.16
N TYR D 102 -17.82 -8.56 44.94
CA TYR D 102 -17.40 -7.72 43.81
C TYR D 102 -16.87 -6.37 44.26
N PRO D 103 -15.62 -6.33 44.74
CA PRO D 103 -15.01 -5.09 45.23
C PRO D 103 -14.61 -4.13 44.11
N PRO D 104 -14.66 -2.82 44.38
CA PRO D 104 -14.10 -1.78 43.51
C PRO D 104 -12.61 -1.95 43.27
N ARG D 105 -12.16 -1.47 42.12
CA ARG D 105 -10.77 -1.27 41.80
C ARG D 105 -9.89 -0.93 43.00
N GLU D 106 -10.13 0.20 43.65
CA GLU D 106 -9.27 0.61 44.73
C GLU D 106 -9.10 -0.50 45.75
N VAL D 107 -10.15 -1.32 45.86
CA VAL D 107 -10.18 -2.34 46.89
C VAL D 107 -9.32 -3.55 46.52
N LEU D 108 -9.43 -4.01 45.28
CA LEU D 108 -8.53 -5.05 44.83
C LEU D 108 -7.07 -4.57 44.69
N TRP D 109 -6.89 -3.33 44.26
CA TRP D 109 -5.55 -2.77 44.25
C TRP D 109 -4.93 -2.93 45.62
N ASP D 110 -5.64 -2.58 46.68
CA ASP D 110 -5.04 -2.57 48.04
C ASP D 110 -4.61 -3.98 48.33
N TYR D 111 -5.48 -4.93 47.94
CA TYR D 111 -5.31 -6.35 48.23
C TYR D 111 -4.09 -6.89 47.51
N ILE D 112 -3.93 -6.64 46.22
CA ILE D 112 -2.74 -7.22 45.58
C ILE D 112 -1.44 -6.56 46.02
N LYS D 113 -1.48 -5.27 46.34
CA LYS D 113 -0.29 -4.61 46.91
C LYS D 113 0.10 -5.20 48.28
N GLY D 114 -0.91 -5.60 49.05
CA GLY D 114 -0.71 -6.01 50.42
C GLY D 114 0.22 -7.19 50.47
N ARG D 115 0.03 -8.17 49.57
CA ARG D 115 0.85 -9.37 49.54
C ARG D 115 2.29 -8.96 49.32
N VAL D 116 2.51 -7.99 48.43
CA VAL D 116 3.88 -7.67 48.08
C VAL D 116 4.53 -6.70 49.03
N GLU D 117 3.71 -5.97 49.79
CA GLU D 117 4.20 -5.17 50.92
C GLU D 117 4.68 -6.08 52.06
N LYS D 118 3.86 -7.10 52.39
CA LYS D 118 4.26 -8.13 53.34
C LYS D 118 5.53 -8.86 52.88
N ALA D 119 5.60 -9.19 51.59
CA ALA D 119 6.74 -9.91 51.05
C ALA D 119 8.11 -9.16 51.06
N GLY D 120 8.09 -7.83 51.13
CA GLY D 120 9.32 -7.05 51.03
C GLY D 120 9.91 -6.87 49.64
N VAL D 121 9.21 -7.24 48.59
CA VAL D 121 9.82 -7.30 47.24
C VAL D 121 9.92 -6.01 46.47
N ARG D 122 9.36 -4.94 47.01
CA ARG D 122 9.46 -3.59 46.38
C ARG D 122 10.90 -3.22 46.06
N LYS D 123 11.84 -3.56 46.94
CA LYS D 123 13.24 -3.21 46.73
C LYS D 123 13.85 -3.70 45.43
N TYR D 124 13.26 -4.70 44.77
CA TYR D 124 13.76 -5.25 43.49
C TYR D 124 13.36 -4.44 42.23
N ILE D 125 12.42 -3.50 42.40
CA ILE D 125 11.84 -2.76 41.30
C ILE D 125 12.48 -1.37 41.04
N ARG D 126 12.70 -1.09 39.76
CA ARG D 126 13.09 0.17 39.29
C ARG D 126 11.86 0.78 38.57
N PHE D 127 11.11 1.60 39.31
CA PHE D 127 9.96 2.33 38.77
C PHE D 127 10.39 3.43 37.78
N ASN D 128 9.44 3.93 37.01
CA ASN D 128 9.67 5.05 36.15
C ASN D 128 10.74 4.72 35.08
N THR D 129 10.76 3.46 34.66
CA THR D 129 11.81 2.97 33.78
C THR D 129 11.16 2.13 32.69
N ALA D 130 11.27 2.60 31.44
CA ALA D 130 10.63 1.90 30.31
C ALA D 130 11.63 0.98 29.62
N VAL D 131 11.21 -0.26 29.39
CA VAL D 131 12.00 -1.26 28.71
C VAL D 131 11.90 -0.92 27.21
N ARG D 132 13.05 -0.63 26.57
CA ARG D 132 13.12 -0.36 25.14
C ARG D 132 13.42 -1.54 24.26
N HIS D 133 14.35 -2.38 24.70
CA HIS D 133 14.86 -3.44 23.83
C HIS D 133 15.36 -4.62 24.63
N VAL D 134 15.05 -5.82 24.15
CA VAL D 134 15.63 -7.03 24.72
C VAL D 134 16.33 -7.80 23.61
N GLU D 135 17.62 -8.06 23.77
CA GLU D 135 18.38 -8.78 22.76
C GLU D 135 19.04 -10.00 23.37
N PHE D 136 19.03 -11.09 22.63
CA PHE D 136 19.73 -12.24 23.12
C PHE D 136 21.10 -12.35 22.39
N ASN D 137 22.19 -12.37 23.16
CA ASN D 137 23.51 -12.55 22.60
C ASN D 137 23.96 -14.01 22.50
N GLU D 138 24.17 -14.49 21.27
CA GLU D 138 24.45 -15.93 21.04
C GLU D 138 25.76 -16.42 21.69
N ASP D 139 26.74 -15.52 21.73
CA ASP D 139 28.10 -15.74 22.26
C ASP D 139 28.17 -15.94 23.74
N SER D 140 27.53 -15.09 24.54
CA SER D 140 27.53 -15.25 25.99
C SER D 140 26.29 -16.01 26.50
N GLN D 141 25.36 -16.30 25.61
CA GLN D 141 24.06 -16.86 26.01
C GLN D 141 23.32 -16.03 27.10
N THR D 142 23.37 -14.70 26.98
CA THR D 142 22.72 -13.84 27.92
C THR D 142 21.79 -12.88 27.15
N PHE D 143 20.95 -12.13 27.88
CA PHE D 143 20.07 -11.14 27.28
C PHE D 143 20.62 -9.79 27.66
N THR D 144 20.54 -8.83 26.74
CA THR D 144 20.85 -7.43 27.07
C THR D 144 19.52 -6.68 27.04
N VAL D 145 19.17 -6.10 28.20
CA VAL D 145 17.97 -5.33 28.36
C VAL D 145 18.38 -3.85 28.40
N THR D 146 17.85 -3.06 27.45
CA THR D 146 18.04 -1.62 27.40
C THR D 146 16.78 -0.90 27.88
N VAL D 147 16.92 0.07 28.78
CA VAL D 147 15.79 0.73 29.38
C VAL D 147 16.02 2.25 29.43
N GLN D 148 14.95 3.03 29.53
CA GLN D 148 15.03 4.44 29.79
C GLN D 148 14.54 4.78 31.20
N ASP D 149 15.46 5.19 32.05
CA ASP D 149 15.11 5.71 33.38
C ASP D 149 14.63 7.16 33.27
N HIS D 150 13.34 7.41 33.45
CA HIS D 150 12.82 8.77 33.25
C HIS D 150 13.02 9.61 34.49
N THR D 151 13.40 9.01 35.61
CA THR D 151 13.85 9.81 36.75
C THR D 151 15.15 10.57 36.46
N THR D 152 16.14 9.87 35.93
CA THR D 152 17.41 10.47 35.61
C THR D 152 17.47 10.87 34.14
N ASP D 153 16.46 10.48 33.36
CA ASP D 153 16.47 10.68 31.90
C ASP D 153 17.73 10.06 31.30
N THR D 154 17.94 8.77 31.44
CA THR D 154 19.19 8.16 31.04
C THR D 154 18.85 6.82 30.42
N ILE D 155 19.53 6.47 29.34
CA ILE D 155 19.29 5.20 28.75
C ILE D 155 20.50 4.32 29.00
N TYR D 156 20.28 3.10 29.43
CA TYR D 156 21.40 2.23 29.84
C TYR D 156 21.01 0.77 29.61
N SER D 157 22.00 -0.10 29.73
CA SER D 157 21.64 -1.48 29.68
C SER D 157 22.36 -2.39 30.62
N ALA D 158 21.85 -3.61 30.75
CA ALA D 158 22.37 -4.52 31.73
C ALA D 158 22.09 -5.88 31.20
N ALA D 159 22.91 -6.82 31.63
CA ALA D 159 22.81 -8.19 31.11
C ALA D 159 22.12 -9.10 32.13
N PHE D 160 21.40 -10.10 31.61
CA PHE D 160 20.62 -11.00 32.42
C PHE D 160 20.67 -12.41 31.90
N ASP D 161 20.58 -13.41 32.75
CA ASP D 161 20.64 -14.82 32.27
C ASP D 161 19.32 -15.33 31.78
N TYR D 162 18.24 -14.73 32.30
CA TYR D 162 16.86 -15.12 31.99
C TYR D 162 16.00 -13.85 31.99
N VAL D 163 14.95 -13.84 31.15
CA VAL D 163 13.96 -12.76 31.17
C VAL D 163 12.49 -13.28 31.32
N VAL D 164 11.78 -12.75 32.33
CA VAL D 164 10.32 -13.03 32.49
C VAL D 164 9.48 -11.80 32.07
N CYS D 165 8.83 -11.92 30.91
CA CYS D 165 7.99 -10.84 30.38
C CYS D 165 6.58 -10.80 31.01
N CYS D 166 6.29 -9.69 31.68
CA CYS D 166 5.00 -9.51 32.34
C CYS D 166 4.28 -8.22 31.95
N THR D 167 4.26 -7.89 30.66
CA THR D 167 3.84 -6.53 30.34
C THR D 167 2.39 -6.38 29.92
N GLY D 168 1.61 -7.48 29.94
CA GLY D 168 0.19 -7.48 29.65
C GLY D 168 -0.23 -7.53 28.17
N HIS D 169 -1.48 -7.87 27.95
CA HIS D 169 -2.02 -7.80 26.61
C HIS D 169 -3.41 -7.13 26.52
N PHE D 170 -3.77 -6.28 27.48
CA PHE D 170 -4.97 -5.52 27.37
C PHE D 170 -4.61 -4.06 27.52
N SER D 171 -3.58 -3.59 26.80
CA SER D 171 -3.21 -2.17 26.87
C SER D 171 -3.05 -1.44 25.56
N THR D 172 -2.81 -2.17 24.48
CA THR D 172 -2.60 -1.58 23.16
C THR D 172 -3.86 -1.90 22.40
N PRO D 173 -4.66 -0.88 22.14
CA PRO D 173 -6.00 -1.16 21.65
C PRO D 173 -6.05 -1.62 20.17
N TYR D 174 -6.93 -2.56 19.89
CA TYR D 174 -7.35 -2.83 18.57
C TYR D 174 -8.42 -1.77 18.25
N VAL D 175 -8.32 -1.05 17.13
CA VAL D 175 -9.11 0.18 16.90
C VAL D 175 -9.55 0.27 15.43
N PRO D 176 -10.63 -0.43 15.06
CA PRO D 176 -11.05 -0.46 13.66
C PRO D 176 -11.63 0.87 13.20
N GLU D 177 -11.55 1.15 11.90
CA GLU D 177 -12.07 2.39 11.35
C GLU D 177 -13.38 2.05 10.69
N PHE D 178 -14.28 3.03 10.72
CA PHE D 178 -15.51 2.93 10.00
C PHE D 178 -15.64 4.17 9.16
N GLU D 179 -16.40 4.02 8.09
CA GLU D 179 -16.57 5.04 7.09
C GLU D 179 -17.14 6.24 7.77
N GLY D 180 -16.48 7.38 7.59
CA GLY D 180 -17.04 8.62 8.03
C GLY D 180 -16.48 9.16 9.29
N PHE D 181 -15.68 8.36 10.00
CA PHE D 181 -15.08 8.84 11.23
C PHE D 181 -14.41 10.23 11.16
N GLU D 182 -13.78 10.58 10.06
CA GLU D 182 -13.13 11.90 9.91
C GLU D 182 -14.13 13.06 9.74
N LYS D 183 -15.42 12.73 9.68
CA LYS D 183 -16.50 13.73 9.57
C LYS D 183 -17.45 13.86 10.78
N PHE D 184 -17.61 12.77 11.52
CA PHE D 184 -18.36 12.79 12.77
C PHE D 184 -17.81 13.87 13.71
N GLY D 185 -18.71 14.64 14.32
CA GLY D 185 -18.29 15.72 15.22
C GLY D 185 -18.38 15.51 16.72
N GLY D 186 -18.80 14.34 17.17
CA GLY D 186 -18.70 14.01 18.60
C GLY D 186 -17.38 13.28 18.87
N ARG D 187 -17.18 12.85 20.12
CA ARG D 187 -15.95 12.18 20.47
C ARG D 187 -16.01 10.74 19.98
N ILE D 188 -14.83 10.29 19.49
CA ILE D 188 -14.50 8.90 19.20
C ILE D 188 -13.31 8.50 20.03
N LEU D 189 -13.46 7.43 20.78
CA LEU D 189 -12.44 6.96 21.68
C LEU D 189 -12.55 5.44 21.73
N HIS D 190 -11.46 4.82 22.19
CA HIS D 190 -11.47 3.42 22.47
C HIS D 190 -11.77 3.22 23.95
N ALA D 191 -12.31 2.02 24.29
CA ALA D 191 -12.55 1.58 25.71
C ALA D 191 -11.39 1.98 26.61
N HIS D 192 -10.19 1.82 26.04
CA HIS D 192 -8.92 2.04 26.73
C HIS D 192 -8.82 3.47 27.22
N ASP D 193 -9.40 4.38 26.46
CA ASP D 193 -9.28 5.80 26.75
C ASP D 193 -10.42 6.22 27.64
N PHE D 194 -11.37 5.31 27.92
CA PHE D 194 -12.54 5.62 28.76
C PHE D 194 -12.19 6.04 30.24
N ARG D 195 -12.58 7.23 30.69
CA ARG D 195 -12.27 7.55 32.09
C ARG D 195 -13.46 7.73 33.05
N ASP D 196 -14.11 8.91 33.06
CA ASP D 196 -15.23 9.11 33.99
C ASP D 196 -16.57 8.98 33.24
N ALA D 197 -17.45 8.04 33.60
CA ALA D 197 -18.79 8.01 32.95
C ALA D 197 -19.64 9.34 33.04
N LEU D 198 -19.43 10.16 34.07
CA LEU D 198 -20.08 11.47 34.12
C LEU D 198 -19.86 12.36 32.90
N GLU D 199 -18.77 12.13 32.17
CA GLU D 199 -18.50 12.88 30.92
C GLU D 199 -19.64 12.72 29.93
N PHE D 200 -20.39 11.63 30.06
CA PHE D 200 -21.44 11.27 29.13
C PHE D 200 -22.88 11.33 29.73
N LYS D 201 -23.03 11.92 30.91
CA LYS D 201 -24.35 12.25 31.46
C LYS D 201 -25.16 13.07 30.47
N ASP D 202 -26.38 12.59 30.21
CA ASP D 202 -27.38 13.21 29.31
C ASP D 202 -27.08 13.08 27.82
N LYS D 203 -26.25 12.12 27.46
CA LYS D 203 -25.89 12.00 26.09
C LYS D 203 -26.25 10.66 25.51
N THR D 204 -26.19 10.57 24.19
CA THR D 204 -26.39 9.28 23.54
C THR D 204 -25.03 8.74 23.15
N VAL D 205 -24.83 7.46 23.49
CA VAL D 205 -23.56 6.81 23.35
C VAL D 205 -23.65 5.51 22.57
N LEU D 206 -22.83 5.43 21.55
CA LEU D 206 -22.72 4.24 20.81
C LEU D 206 -21.54 3.48 21.37
N LEU D 207 -21.77 2.24 21.73
CA LEU D 207 -20.72 1.35 22.11
C LEU D 207 -20.63 0.33 21.02
N VAL D 208 -19.46 0.22 20.37
CA VAL D 208 -19.17 -0.75 19.30
C VAL D 208 -18.43 -1.99 19.85
N GLY D 209 -19.07 -3.15 19.80
CA GLY D 209 -18.48 -4.42 20.26
C GLY D 209 -19.47 -5.15 21.14
N SER D 210 -19.19 -6.40 21.48
CA SER D 210 -20.12 -7.19 22.31
C SER D 210 -19.43 -8.09 23.33
N SER D 211 -18.41 -7.61 24.01
CA SER D 211 -17.77 -8.41 25.05
C SER D 211 -17.81 -7.70 26.40
N TYR D 212 -16.84 -8.01 27.28
CA TYR D 212 -16.82 -7.50 28.66
C TYR D 212 -16.76 -6.00 28.71
N SER D 213 -15.99 -5.42 27.80
CA SER D 213 -15.94 -3.99 27.65
C SER D 213 -17.28 -3.30 27.33
N ALA D 214 -17.98 -3.81 26.32
CA ALA D 214 -19.24 -3.17 25.95
C ALA D 214 -20.23 -3.32 27.09
N GLU D 215 -20.39 -4.53 27.63
CA GLU D 215 -21.17 -4.73 28.85
C GLU D 215 -20.91 -3.70 29.91
N ASP D 216 -19.67 -3.57 30.32
CA ASP D 216 -19.45 -2.79 31.52
C ASP D 216 -19.39 -1.25 31.32
N ILE D 217 -18.92 -0.80 30.17
CA ILE D 217 -18.78 0.61 30.02
C ILE D 217 -20.19 1.12 29.78
N GLY D 218 -21.01 0.29 29.16
CA GLY D 218 -22.43 0.62 29.01
C GLY D 218 -23.12 0.75 30.35
N SER D 219 -22.94 -0.27 31.21
CA SER D 219 -23.42 -0.22 32.56
C SER D 219 -22.95 1.04 33.25
N GLN D 220 -21.72 1.45 33.08
CA GLN D 220 -21.30 2.66 33.79
C GLN D 220 -21.98 3.86 33.22
N CYS D 221 -22.19 3.87 31.92
CA CYS D 221 -22.78 5.03 31.32
C CYS D 221 -24.25 5.15 31.76
N TYR D 222 -24.93 3.99 31.75
CA TYR D 222 -26.28 3.84 32.27
C TYR D 222 -26.41 4.29 33.73
N LYS D 223 -25.63 3.66 34.60
CA LYS D 223 -25.63 3.97 36.01
C LYS D 223 -25.36 5.44 36.33
N TYR D 224 -24.65 6.19 35.49
CA TYR D 224 -24.30 7.58 35.86
C TYR D 224 -25.04 8.61 35.03
N GLY D 225 -26.08 8.13 34.34
CA GLY D 225 -27.12 9.00 33.81
C GLY D 225 -27.01 9.42 32.38
N ALA D 226 -26.52 8.54 31.53
CA ALA D 226 -26.46 8.87 30.11
C ALA D 226 -27.89 8.87 29.56
N LYS D 227 -28.22 9.75 28.62
CA LYS D 227 -29.59 9.72 28.10
C LYS D 227 -29.91 8.33 27.48
N LYS D 228 -29.12 7.90 26.50
CA LYS D 228 -29.45 6.70 25.75
C LYS D 228 -28.18 5.90 25.44
N LEU D 229 -28.32 4.58 25.36
CA LEU D 229 -27.22 3.71 24.95
C LEU D 229 -27.53 2.90 23.70
N ILE D 230 -26.55 2.76 22.82
CA ILE D 230 -26.67 1.79 21.75
C ILE D 230 -25.40 0.99 21.68
N SER D 231 -25.60 -0.32 21.66
CA SER D 231 -24.62 -1.38 21.44
C SER D 231 -24.79 -1.91 20.04
N CYS D 232 -23.71 -2.07 19.29
CA CYS D 232 -23.79 -2.82 18.03
C CYS D 232 -22.81 -3.95 17.95
N TYR D 233 -23.24 -5.09 17.43
CA TYR D 233 -22.46 -6.31 17.47
C TYR D 233 -22.03 -6.70 16.08
N ARG D 234 -20.81 -7.22 16.00
CA ARG D 234 -20.36 -7.78 14.74
C ARG D 234 -20.97 -9.19 14.46
N THR D 235 -20.93 -10.10 15.44
CA THR D 235 -21.24 -11.51 15.14
C THR D 235 -22.59 -11.96 15.73
N ALA D 236 -22.73 -11.82 17.05
CA ALA D 236 -23.94 -12.24 17.75
C ALA D 236 -24.23 -11.22 18.81
N PRO D 237 -25.53 -10.95 19.09
CA PRO D 237 -25.86 -10.05 20.22
C PRO D 237 -25.41 -10.61 21.59
N MET D 238 -24.97 -9.72 22.49
CA MET D 238 -24.75 -10.09 23.89
C MET D 238 -26.00 -10.81 24.45
N GLY D 239 -27.20 -10.34 24.05
CA GLY D 239 -28.49 -10.97 24.33
C GLY D 239 -29.03 -10.86 25.76
N TYR D 240 -28.38 -10.06 26.63
CA TYR D 240 -28.89 -9.76 27.96
C TYR D 240 -30.07 -8.80 27.84
N LYS D 241 -30.92 -8.75 28.89
CA LYS D 241 -32.08 -7.87 28.93
C LYS D 241 -31.60 -6.54 29.50
N TRP D 242 -31.54 -5.53 28.64
CA TRP D 242 -31.00 -4.22 29.00
C TRP D 242 -32.14 -3.33 29.47
N PRO D 243 -31.81 -2.28 30.27
CA PRO D 243 -32.70 -1.19 30.62
C PRO D 243 -33.41 -0.61 29.41
N GLU D 244 -34.47 0.10 29.71
CA GLU D 244 -35.26 0.76 28.72
C GLU D 244 -34.48 1.60 27.71
N ASN D 245 -33.55 2.44 28.18
CA ASN D 245 -32.84 3.41 27.29
C ASN D 245 -31.51 2.86 26.71
N TRP D 246 -31.40 1.54 26.67
CA TRP D 246 -30.25 0.91 26.09
C TRP D 246 -30.80 -0.09 25.07
N ASP D 247 -30.39 -0.01 23.81
CA ASP D 247 -30.78 -1.11 22.93
C ASP D 247 -29.64 -1.70 22.07
N GLU D 248 -29.80 -2.95 21.62
CA GLU D 248 -28.77 -3.66 20.82
C GLU D 248 -29.19 -3.86 19.38
N ARG D 249 -28.29 -3.49 18.46
CA ARG D 249 -28.56 -3.67 17.03
C ARG D 249 -27.34 -4.17 16.20
N PRO D 250 -27.55 -4.68 14.98
CA PRO D 250 -26.40 -5.18 14.20
C PRO D 250 -25.40 -4.10 13.84
N ASN D 251 -24.30 -4.48 13.17
CA ASN D 251 -23.09 -3.64 13.18
C ASN D 251 -23.25 -2.24 12.67
N LEU D 252 -22.55 -1.28 13.29
CA LEU D 252 -22.30 0.02 12.65
C LEU D 252 -21.76 -0.13 11.20
N VAL D 253 -22.21 0.69 10.27
CA VAL D 253 -21.62 0.62 8.92
C VAL D 253 -21.15 1.96 8.42
N ARG D 254 -21.54 3.04 9.09
CA ARG D 254 -21.00 4.32 8.73
C ARG D 254 -21.60 5.37 9.58
N VAL D 255 -21.03 6.56 9.50
CA VAL D 255 -21.37 7.59 10.40
C VAL D 255 -21.28 8.88 9.59
N ASP D 256 -22.10 9.91 9.85
CA ASP D 256 -21.84 11.23 9.22
C ASP D 256 -21.54 12.36 10.24
N THR D 257 -21.72 13.59 9.83
CA THR D 257 -21.68 14.69 10.76
C THR D 257 -22.24 14.37 12.16
N GLU D 258 -23.36 13.65 12.26
CA GLU D 258 -24.06 13.54 13.55
C GLU D 258 -24.69 12.21 13.81
N ASN D 259 -24.74 11.34 12.81
CA ASN D 259 -25.58 10.15 12.89
C ASN D 259 -24.81 8.85 12.65
N ALA D 260 -25.35 7.73 13.17
CA ALA D 260 -24.76 6.43 12.89
C ALA D 260 -25.77 5.61 12.15
N TYR D 261 -25.31 4.80 11.18
CA TYR D 261 -26.12 3.97 10.29
C TYR D 261 -25.67 2.55 10.45
N PHE D 262 -26.63 1.64 10.54
CA PHE D 262 -26.37 0.25 10.98
C PHE D 262 -26.85 -0.67 9.93
N ALA D 263 -26.48 -1.94 10.06
CA ALA D 263 -26.82 -2.95 9.08
C ALA D 263 -28.28 -3.34 9.08
N ASP D 264 -29.05 -2.98 10.10
CA ASP D 264 -30.48 -3.23 10.02
C ASP D 264 -31.24 -2.19 9.18
N GLY D 265 -30.51 -1.20 8.64
CA GLY D 265 -31.10 -0.12 7.89
C GLY D 265 -31.39 1.08 8.77
N SER D 266 -31.38 0.91 10.10
CA SER D 266 -31.74 2.03 10.99
C SER D 266 -30.67 3.11 11.09
N SER D 267 -30.95 4.13 11.88
CA SER D 267 -29.99 5.21 12.06
C SER D 267 -30.46 6.21 13.11
N GLU D 268 -29.55 6.70 13.94
CA GLU D 268 -29.89 7.85 14.79
C GLU D 268 -28.77 8.79 15.23
N LYS D 269 -29.17 9.85 15.93
CA LYS D 269 -28.23 10.84 16.44
C LYS D 269 -27.38 10.22 17.54
N VAL D 270 -26.09 10.56 17.55
CA VAL D 270 -25.11 9.98 18.51
C VAL D 270 -24.07 11.03 18.93
N ASP D 271 -23.76 11.08 20.22
CA ASP D 271 -22.93 12.18 20.75
C ASP D 271 -21.45 11.83 20.82
N ALA D 272 -21.20 10.53 20.96
CA ALA D 272 -19.91 9.96 21.27
C ALA D 272 -19.89 8.50 20.91
N ILE D 273 -18.77 8.06 20.36
CA ILE D 273 -18.63 6.65 20.01
C ILE D 273 -17.43 6.05 20.78
N ILE D 274 -17.69 4.93 21.46
CA ILE D 274 -16.67 4.20 22.22
C ILE D 274 -16.40 2.83 21.58
N LEU D 275 -15.16 2.64 21.11
CA LEU D 275 -14.79 1.38 20.50
C LEU D 275 -14.37 0.42 21.59
N CYS D 276 -15.19 -0.61 21.75
CA CYS D 276 -14.95 -1.60 22.76
C CYS D 276 -14.60 -2.85 21.97
N THR D 277 -13.58 -2.70 21.14
CA THR D 277 -13.19 -3.71 20.21
C THR D 277 -11.94 -4.48 20.58
N GLY D 278 -11.45 -4.32 21.82
CA GLY D 278 -10.36 -5.20 22.30
C GLY D 278 -8.92 -4.70 22.11
N TYR D 279 -7.99 -5.63 22.25
CA TYR D 279 -6.58 -5.28 22.31
C TYR D 279 -5.74 -6.22 21.43
N ILE D 280 -4.49 -5.80 21.18
CA ILE D 280 -3.49 -6.62 20.53
C ILE D 280 -2.33 -6.88 21.45
N HIS D 281 -1.67 -8.01 21.20
CA HIS D 281 -0.42 -8.34 21.85
C HIS D 281 0.66 -7.55 21.17
N HIS D 282 1.23 -6.60 21.86
CA HIS D 282 2.22 -5.73 21.24
C HIS D 282 3.48 -5.61 22.14
N PHE D 283 4.64 -6.00 21.61
CA PHE D 283 5.86 -5.89 22.36
C PHE D 283 6.89 -5.06 21.64
N PRO D 284 6.81 -3.73 21.75
CA PRO D 284 7.74 -2.91 20.98
C PRO D 284 9.23 -3.09 21.35
N PHE D 285 9.55 -3.66 22.51
CA PHE D 285 10.95 -3.94 22.92
C PHE D 285 11.55 -5.30 22.48
N LEU D 286 10.86 -6.08 21.66
CA LEU D 286 11.34 -7.44 21.24
C LEU D 286 11.44 -7.60 19.72
N ASN D 287 12.49 -8.23 19.22
CA ASN D 287 12.55 -8.64 17.78
C ASN D 287 11.86 -9.97 17.54
N ASP D 288 11.83 -10.45 16.30
CA ASP D 288 10.99 -11.62 16.00
C ASP D 288 11.47 -12.94 16.60
N ASP D 289 12.70 -12.99 17.10
CA ASP D 289 13.29 -14.20 17.70
C ASP D 289 12.63 -14.54 19.06
N LEU D 290 12.15 -13.48 19.73
CA LEU D 290 11.61 -13.45 21.11
C LEU D 290 10.13 -13.08 21.20
N ARG D 291 9.54 -12.58 20.09
CA ARG D 291 8.24 -11.87 20.15
C ARG D 291 6.94 -12.68 19.94
N LEU D 292 6.16 -12.83 21.00
CA LEU D 292 4.91 -13.58 20.92
C LEU D 292 3.86 -12.93 19.96
N VAL D 293 3.32 -13.73 19.05
CA VAL D 293 2.34 -13.23 18.11
C VAL D 293 1.09 -14.11 18.15
N THR D 294 -0.02 -13.49 18.53
CA THR D 294 -1.22 -14.27 18.75
C THR D 294 -2.42 -13.34 18.80
N ASN D 295 -3.59 -13.86 18.41
CA ASN D 295 -4.87 -13.29 18.87
C ASN D 295 -5.11 -13.64 20.37
N ASN D 296 -6.04 -12.93 20.99
CA ASN D 296 -6.42 -13.21 22.37
C ASN D 296 -7.14 -14.58 22.52
N ARG D 297 -6.56 -15.54 23.22
CA ARG D 297 -7.21 -16.84 23.31
C ARG D 297 -6.79 -17.64 24.53
N LEU D 298 -7.42 -18.80 24.71
CA LEU D 298 -7.15 -19.57 25.88
C LEU D 298 -5.85 -20.29 25.75
N TRP D 299 -5.35 -20.46 24.51
CA TRP D 299 -4.07 -21.15 24.33
C TRP D 299 -3.15 -20.58 23.19
N PRO D 300 -2.41 -19.50 23.48
CA PRO D 300 -1.45 -19.09 22.48
C PRO D 300 -0.48 -20.21 22.22
N LEU D 301 -0.03 -20.28 20.97
CA LEU D 301 1.01 -21.24 20.55
C LEU D 301 2.40 -20.71 20.89
N ASN D 302 3.34 -21.64 20.99
CA ASN D 302 4.76 -21.32 21.11
C ASN D 302 5.19 -21.07 22.51
N LEU D 303 4.41 -21.59 23.45
CA LEU D 303 4.62 -21.39 24.87
C LEU D 303 4.45 -22.74 25.56
N TYR D 304 5.54 -23.34 25.98
CA TYR D 304 5.45 -24.60 26.66
C TYR D 304 4.79 -24.34 28.01
N LYS D 305 3.81 -25.18 28.37
CA LYS D 305 3.00 -24.97 29.60
C LYS D 305 2.43 -23.53 29.65
N GLY D 306 2.18 -22.97 28.49
CA GLY D 306 1.64 -21.63 28.42
C GLY D 306 2.61 -20.53 28.83
N VAL D 307 3.86 -20.86 29.10
CA VAL D 307 4.77 -19.93 29.75
C VAL D 307 6.20 -19.84 29.16
N VAL D 308 6.80 -20.99 28.80
CA VAL D 308 8.19 -20.99 28.29
C VAL D 308 8.20 -20.74 26.80
N TRP D 309 8.92 -19.72 26.35
CA TRP D 309 8.99 -19.40 24.92
C TRP D 309 9.75 -20.51 24.18
N GLU D 310 9.12 -21.22 23.26
CA GLU D 310 9.79 -22.39 22.67
C GLU D 310 11.02 -22.19 21.74
N ASP D 311 11.09 -21.09 21.03
CA ASP D 311 12.36 -20.73 20.37
C ASP D 311 13.53 -20.35 21.25
N ASN D 312 13.31 -19.91 22.50
CA ASN D 312 14.44 -19.58 23.37
C ASN D 312 14.04 -19.71 24.83
N PRO D 313 14.16 -20.93 25.35
CA PRO D 313 13.48 -21.23 26.60
C PRO D 313 14.15 -20.68 27.83
N LYS D 314 14.94 -19.61 27.69
CA LYS D 314 15.42 -18.82 28.86
C LYS D 314 14.61 -17.53 28.98
N PHE D 315 13.57 -17.45 28.13
CA PHE D 315 12.63 -16.32 28.08
C PHE D 315 11.24 -16.87 28.36
N PHE D 316 10.49 -16.18 29.21
CA PHE D 316 9.18 -16.65 29.65
C PHE D 316 8.14 -15.57 29.56
N TYR D 317 6.89 -16.01 29.42
CA TYR D 317 5.77 -15.10 29.43
C TYR D 317 4.77 -15.47 30.48
N ILE D 318 4.41 -14.51 31.31
CA ILE D 318 3.33 -14.67 32.28
C ILE D 318 2.05 -13.96 31.83
N GLY D 319 0.93 -14.67 31.92
CA GLY D 319 -0.34 -14.00 31.86
C GLY D 319 -0.72 -13.58 30.45
N MET D 320 -0.23 -14.28 29.44
CA MET D 320 -0.52 -13.86 28.08
C MET D 320 -1.73 -14.56 27.49
N GLN D 321 -2.31 -15.52 28.22
CA GLN D 321 -3.60 -16.14 27.82
C GLN D 321 -4.76 -15.18 28.08
N ASP D 322 -5.89 -15.45 27.46
CA ASP D 322 -7.13 -14.79 27.80
C ASP D 322 -7.55 -15.22 29.24
N GLN D 323 -8.36 -14.40 29.92
CA GLN D 323 -8.46 -14.47 31.40
C GLN D 323 -9.86 -14.79 31.93
N TRP D 324 -10.10 -16.05 32.28
CA TRP D 324 -11.24 -16.40 33.10
C TRP D 324 -10.75 -16.36 34.55
N TYR D 325 -9.93 -17.34 34.93
CA TYR D 325 -9.08 -17.17 36.12
C TYR D 325 -8.12 -16.02 35.84
N SER D 326 -7.54 -15.44 36.88
CA SER D 326 -6.59 -14.39 36.63
C SER D 326 -5.46 -14.46 37.65
N PHE D 327 -5.61 -13.84 38.82
CA PHE D 327 -4.54 -13.76 39.80
C PHE D 327 -3.94 -15.14 40.20
N ASN D 328 -4.76 -16.16 40.52
CA ASN D 328 -4.12 -17.47 40.85
C ASN D 328 -3.62 -18.24 39.65
N MET D 329 -4.10 -17.89 38.48
CA MET D 329 -3.40 -18.34 37.32
C MET D 329 -2.02 -17.68 37.20
N PHE D 330 -1.83 -16.38 37.52
CA PHE D 330 -0.51 -15.79 37.33
C PHE D 330 0.42 -16.38 38.35
N ASP D 331 -0.07 -16.61 39.56
CA ASP D 331 0.73 -17.35 40.51
C ASP D 331 1.11 -18.71 39.94
N ALA D 332 0.15 -19.50 39.47
CA ALA D 332 0.56 -20.85 39.03
C ALA D 332 1.73 -20.77 38.02
N GLN D 333 1.64 -19.80 37.12
CA GLN D 333 2.65 -19.55 36.11
C GLN D 333 3.96 -19.02 36.73
N ALA D 334 3.92 -18.06 37.63
CA ALA D 334 5.19 -17.53 38.16
C ALA D 334 5.95 -18.61 38.95
N TRP D 335 5.24 -19.42 39.76
CA TRP D 335 5.86 -20.52 40.47
C TRP D 335 6.49 -21.46 39.46
N TYR D 336 5.84 -21.71 38.34
CA TYR D 336 6.40 -22.69 37.41
C TYR D 336 7.64 -22.10 36.73
N ALA D 337 7.54 -20.87 36.29
CA ALA D 337 8.71 -20.14 35.77
C ALA D 337 9.82 -20.07 36.78
N ARG D 338 9.52 -19.88 38.05
CA ARG D 338 10.57 -19.84 39.06
C ARG D 338 11.34 -21.18 39.04
N ASP D 339 10.63 -22.31 39.09
CA ASP D 339 11.24 -23.61 39.30
C ASP D 339 12.08 -24.07 38.13
N VAL D 340 11.59 -23.80 36.90
CA VAL D 340 12.46 -23.95 35.76
C VAL D 340 13.66 -23.07 35.81
N ILE D 341 13.53 -21.78 36.10
CA ILE D 341 14.72 -20.95 36.24
C ILE D 341 15.68 -21.51 37.32
N MET D 342 15.14 -22.05 38.41
CA MET D 342 16.00 -22.44 39.52
C MET D 342 16.54 -23.87 39.33
N GLY D 343 16.19 -24.52 38.23
CA GLY D 343 16.70 -25.88 37.99
C GLY D 343 15.88 -27.00 38.61
N ARG D 344 14.74 -26.71 39.22
CA ARG D 344 13.99 -27.73 39.92
C ARG D 344 13.16 -28.56 38.96
N LEU D 345 12.87 -27.99 37.81
CA LEU D 345 12.03 -28.63 36.80
C LEU D 345 12.73 -28.56 35.43
N PRO D 346 13.65 -29.48 35.13
CA PRO D 346 14.33 -29.26 33.84
C PRO D 346 13.35 -29.50 32.72
N LEU D 347 13.63 -28.86 31.60
CA LEU D 347 12.75 -28.76 30.44
C LEU D 347 12.91 -29.97 29.54
N PRO D 348 11.87 -30.40 28.85
CA PRO D 348 12.18 -31.43 27.87
C PRO D 348 12.71 -30.87 26.55
N SER D 349 13.02 -31.71 25.57
CA SER D 349 13.64 -31.27 24.32
C SER D 349 12.67 -30.39 23.54
N LYS D 350 13.12 -29.72 22.47
CA LYS D 350 12.18 -28.84 21.73
C LYS D 350 11.02 -29.65 21.10
N GLU D 351 11.37 -30.72 20.43
CA GLU D 351 10.36 -31.68 19.91
C GLU D 351 9.26 -32.08 20.92
N GLU D 352 9.61 -32.38 22.16
CA GLU D 352 8.61 -32.77 23.16
C GLU D 352 7.74 -31.57 23.63
N MET D 353 8.33 -30.38 23.71
CA MET D 353 7.59 -29.14 24.03
C MET D 353 6.52 -28.86 22.95
N LYS D 354 6.91 -29.02 21.70
CA LYS D 354 6.02 -28.86 20.58
C LYS D 354 4.84 -29.82 20.57
N ALA D 355 5.07 -31.12 20.72
CA ALA D 355 3.96 -32.07 20.72
C ALA D 355 3.01 -31.80 21.90
N ASP D 356 3.57 -31.33 23.04
CA ASP D 356 2.76 -31.01 24.19
C ASP D 356 1.90 -29.79 23.83
N SER D 357 2.52 -28.73 23.31
CA SER D 357 1.74 -27.55 22.99
C SER D 357 0.64 -27.84 21.97
N MET D 358 0.93 -28.75 21.08
CA MET D 358 -0.04 -29.09 20.06
C MET D 358 -1.26 -29.78 20.69
N ALA D 359 -1.03 -30.61 21.71
CA ALA D 359 -2.11 -31.32 22.37
C ALA D 359 -3.02 -30.33 23.12
N TRP D 360 -2.45 -29.25 23.66
CA TRP D 360 -3.25 -28.23 24.34
C TRP D 360 -4.08 -27.45 23.34
N ARG D 361 -3.52 -27.23 22.15
CA ARG D 361 -4.21 -26.44 21.17
C ARG D 361 -5.35 -27.22 20.54
N GLU D 362 -5.14 -28.50 20.29
CA GLU D 362 -6.20 -29.35 19.79
C GLU D 362 -7.39 -29.27 20.70
N LYS D 363 -7.14 -29.42 22.00
CA LYS D 363 -8.26 -29.35 22.95
C LYS D 363 -8.92 -27.97 22.97
N GLU D 364 -8.12 -26.89 22.94
CA GLU D 364 -8.72 -25.56 22.90
C GLU D 364 -9.71 -25.42 21.79
N LEU D 365 -9.38 -25.91 20.61
CA LEU D 365 -10.29 -25.85 19.46
C LEU D 365 -11.55 -26.72 19.62
N THR D 366 -11.53 -27.57 20.64
CA THR D 366 -12.70 -28.41 20.99
C THR D 366 -13.81 -27.59 21.66
N LEU D 367 -13.42 -26.47 22.25
CA LEU D 367 -14.25 -25.79 23.23
C LEU D 367 -15.39 -25.02 22.63
N VAL D 368 -16.61 -25.32 23.07
CA VAL D 368 -17.79 -24.60 22.61
C VAL D 368 -18.32 -23.63 23.61
N THR D 369 -18.63 -24.13 24.81
CA THR D 369 -19.40 -23.33 25.78
C THR D 369 -18.50 -22.55 26.74
N ALA D 370 -19.09 -21.53 27.35
CA ALA D 370 -18.42 -20.84 28.43
C ALA D 370 -17.93 -21.79 29.47
N GLU D 371 -18.75 -22.75 29.85
CA GLU D 371 -18.33 -23.68 30.90
C GLU D 371 -17.13 -24.59 30.50
N GLU D 372 -17.10 -25.02 29.25
CA GLU D 372 -15.95 -25.76 28.75
C GLU D 372 -14.71 -24.88 28.86
N MET D 373 -14.86 -23.59 28.52
CA MET D 373 -13.74 -22.64 28.55
C MET D 373 -13.05 -22.39 29.89
N TYR D 374 -13.76 -21.94 30.92
CA TYR D 374 -13.08 -21.81 32.23
C TYR D 374 -12.63 -23.16 32.82
N THR D 375 -13.35 -24.23 32.57
CA THR D 375 -12.89 -25.55 33.03
C THR D 375 -11.54 -25.94 32.41
N TYR D 376 -11.38 -25.75 31.10
CA TYR D 376 -10.09 -25.93 30.44
C TYR D 376 -9.05 -25.04 31.13
N GLN D 377 -9.36 -23.77 31.41
CA GLN D 377 -8.35 -22.98 32.01
C GLN D 377 -7.99 -23.56 33.38
N GLY D 378 -9.01 -24.09 34.06
CA GLY D 378 -8.83 -24.81 35.30
C GLY D 378 -7.98 -26.09 35.19
N ASP D 379 -8.13 -26.79 34.08
CA ASP D 379 -7.33 -28.00 33.91
C ASP D 379 -5.89 -27.62 33.70
N TYR D 380 -5.69 -26.49 33.03
CA TYR D 380 -4.37 -25.92 32.84
C TYR D 380 -3.77 -25.46 34.16
N ILE D 381 -4.53 -24.76 34.99
CA ILE D 381 -3.97 -24.32 36.27
C ILE D 381 -3.62 -25.50 37.18
N GLN D 382 -4.50 -26.51 37.17
CA GLN D 382 -4.33 -27.71 37.94
C GLN D 382 -3.03 -28.36 37.60
N ASN D 383 -2.83 -28.62 36.30
CA ASN D 383 -1.57 -29.15 35.78
C ASN D 383 -0.37 -28.33 36.25
N LEU D 384 -0.45 -26.99 36.26
CA LEU D 384 0.70 -26.15 36.72
C LEU D 384 0.98 -26.27 38.23
N ILE D 385 -0.03 -26.09 39.08
CA ILE D 385 0.22 -26.12 40.51
C ILE D 385 0.65 -27.52 40.97
N ASP D 386 0.20 -28.58 40.30
CA ASP D 386 0.65 -29.92 40.67
C ASP D 386 2.17 -30.11 40.54
N MET D 387 2.83 -29.28 39.72
CA MET D 387 4.30 -29.41 39.58
C MET D 387 5.06 -28.60 40.65
N THR D 388 4.33 -27.83 41.44
CA THR D 388 4.95 -26.88 42.30
C THR D 388 4.37 -26.89 43.76
N ASP D 389 5.15 -26.25 44.64
CA ASP D 389 4.87 -26.10 46.05
C ASP D 389 3.84 -25.01 46.19
N TYR D 390 3.35 -24.50 45.06
CA TYR D 390 2.18 -23.63 45.16
C TYR D 390 1.06 -24.52 45.73
N PRO D 391 0.34 -23.98 46.74
CA PRO D 391 -0.65 -24.70 47.52
C PRO D 391 -1.77 -25.08 46.60
N SER D 392 -2.18 -26.35 46.60
CA SER D 392 -3.32 -26.69 45.77
C SER D 392 -4.59 -26.15 46.41
N PHE D 393 -5.60 -25.80 45.61
CA PHE D 393 -6.83 -25.23 46.11
C PHE D 393 -7.89 -25.86 45.24
N ASP D 394 -9.16 -25.65 45.56
CA ASP D 394 -10.22 -26.43 44.96
C ASP D 394 -10.62 -25.85 43.59
N ILE D 395 -10.10 -26.45 42.53
CA ILE D 395 -10.42 -25.91 41.21
C ILE D 395 -11.85 -26.24 40.77
N PRO D 396 -12.26 -27.55 40.81
CA PRO D 396 -13.68 -27.87 40.55
C PRO D 396 -14.67 -26.97 41.27
N ALA D 397 -14.39 -26.60 42.51
CA ALA D 397 -15.30 -25.67 43.20
C ALA D 397 -15.11 -24.21 42.72
N THR D 398 -13.93 -23.86 42.19
CA THR D 398 -13.81 -22.52 41.58
C THR D 398 -14.67 -22.51 40.26
N ASN D 399 -14.59 -23.59 39.50
CA ASN D 399 -15.46 -23.75 38.35
C ASN D 399 -16.97 -23.62 38.66
N LYS D 400 -17.40 -24.23 39.77
CA LYS D 400 -18.79 -24.07 40.27
C LYS D 400 -19.10 -22.62 40.58
N THR D 401 -18.21 -21.95 41.31
CA THR D 401 -18.40 -20.51 41.46
C THR D 401 -18.52 -19.70 40.13
N PHE D 402 -17.72 -20.02 39.12
CA PHE D 402 -17.89 -19.38 37.82
C PHE D 402 -19.31 -19.55 37.29
N LEU D 403 -19.81 -20.81 37.34
CA LEU D 403 -21.17 -21.20 36.89
C LEU D 403 -22.30 -20.39 37.55
N GLU D 404 -22.26 -20.23 38.87
CA GLU D 404 -23.26 -19.44 39.58
C GLU D 404 -23.21 -18.04 39.01
N TRP D 405 -22.01 -17.47 38.97
CA TRP D 405 -21.75 -16.17 38.31
C TRP D 405 -22.43 -16.07 36.94
N LYS D 406 -22.17 -17.06 36.08
CA LYS D 406 -22.79 -17.11 34.74
C LYS D 406 -24.26 -16.91 34.89
N HIS D 407 -24.88 -17.69 35.80
CA HIS D 407 -26.33 -17.70 35.97
C HIS D 407 -26.84 -16.37 36.48
N HIS D 408 -26.16 -15.78 37.46
CA HIS D 408 -26.57 -14.45 37.94
C HIS D 408 -26.59 -13.35 36.85
N LYS D 409 -25.60 -13.36 35.96
CA LYS D 409 -25.52 -12.40 34.88
C LYS D 409 -26.69 -12.55 33.92
N LYS D 410 -26.92 -13.80 33.51
CA LYS D 410 -28.10 -14.19 32.73
C LYS D 410 -29.47 -13.81 33.34
N GLU D 411 -29.65 -14.00 34.65
CA GLU D 411 -30.92 -13.64 35.32
C GLU D 411 -31.11 -12.15 35.17
N ASN D 412 -30.06 -11.38 35.49
CA ASN D 412 -30.11 -9.93 35.39
C ASN D 412 -28.75 -9.26 35.39
N ILE D 413 -28.34 -8.89 34.18
CA ILE D 413 -27.06 -8.16 33.94
C ILE D 413 -26.74 -6.96 34.83
N MET D 414 -27.78 -6.29 35.32
CA MET D 414 -27.57 -5.10 36.08
C MET D 414 -27.41 -5.37 37.57
N THR D 415 -27.69 -6.61 38.01
CA THR D 415 -27.69 -6.94 39.44
C THR D 415 -26.79 -8.12 39.83
N PHE D 416 -26.07 -8.68 38.88
CA PHE D 416 -25.18 -9.81 39.21
C PHE D 416 -24.22 -9.44 40.33
N ARG D 417 -23.76 -8.18 40.38
CA ARG D 417 -22.83 -7.75 41.42
C ARG D 417 -23.43 -7.72 42.84
N ASP D 418 -24.75 -7.90 42.98
CA ASP D 418 -25.38 -7.89 44.31
C ASP D 418 -25.49 -9.32 44.94
N HIS D 419 -24.86 -10.32 44.33
CA HIS D 419 -24.73 -11.64 44.96
C HIS D 419 -23.48 -11.90 45.84
N SER D 420 -23.46 -13.11 46.45
CA SER D 420 -22.37 -13.53 47.31
C SER D 420 -21.99 -15.01 47.11
N TYR D 421 -20.69 -15.32 47.29
CA TYR D 421 -20.07 -16.65 47.11
C TYR D 421 -19.09 -16.96 48.24
N ARG D 422 -18.72 -18.23 48.39
CA ARG D 422 -17.80 -18.59 49.46
C ARG D 422 -16.35 -18.73 49.03
N SER D 423 -15.43 -18.22 49.87
CA SER D 423 -14.00 -18.42 49.61
C SER D 423 -13.68 -19.93 49.55
N LEU D 424 -12.98 -20.31 48.49
CA LEU D 424 -12.45 -21.63 48.37
C LEU D 424 -11.17 -21.77 49.23
N MET D 425 -10.66 -20.65 49.74
CA MET D 425 -9.42 -20.71 50.51
C MET D 425 -9.76 -20.95 51.98
N THR D 426 -10.83 -20.28 52.44
CA THR D 426 -11.17 -20.19 53.86
C THR D 426 -12.48 -20.89 54.25
N GLY D 427 -13.49 -20.89 53.37
CA GLY D 427 -14.78 -21.57 53.63
C GLY D 427 -15.85 -20.56 54.04
N THR D 428 -15.39 -19.38 54.47
CA THR D 428 -16.24 -18.26 54.88
C THR D 428 -17.11 -17.77 53.70
N MET D 429 -18.44 -17.65 53.90
CA MET D 429 -19.32 -16.98 52.94
C MET D 429 -19.08 -15.47 52.97
N ALA D 430 -19.22 -14.81 51.84
CA ALA D 430 -19.03 -13.39 51.85
C ALA D 430 -20.37 -12.78 52.20
N PRO D 431 -20.37 -11.72 52.99
CA PRO D 431 -21.62 -11.05 53.36
C PRO D 431 -22.17 -10.22 52.19
N LYS D 432 -23.48 -9.99 52.16
CA LYS D 432 -24.09 -9.07 51.21
C LYS D 432 -23.53 -7.65 51.41
N HIS D 433 -23.19 -6.95 50.32
CA HIS D 433 -22.62 -5.58 50.51
C HIS D 433 -23.62 -4.62 51.18
N HIS D 434 -23.16 -3.56 51.83
CA HIS D 434 -24.08 -2.61 52.41
C HIS D 434 -25.04 -1.84 51.46
N THR D 435 -24.83 -1.87 50.15
CA THR D 435 -25.57 -0.99 49.21
C THR D 435 -25.72 -1.70 47.87
N PRO D 436 -26.93 -1.76 47.29
CA PRO D 436 -27.01 -2.40 45.96
C PRO D 436 -26.20 -1.65 44.89
N TRP D 437 -25.82 -2.39 43.83
CA TRP D 437 -24.83 -1.88 42.92
C TRP D 437 -25.24 -0.55 42.35
N ILE D 438 -26.45 -0.50 41.83
CA ILE D 438 -26.91 0.63 41.07
C ILE D 438 -26.93 1.94 41.88
N ASP D 439 -26.98 1.80 43.21
CA ASP D 439 -27.06 2.94 44.11
C ASP D 439 -25.69 3.26 44.68
N ALA D 440 -24.75 2.32 44.56
CA ALA D 440 -23.42 2.53 45.13
C ALA D 440 -22.58 3.45 44.24
N LEU D 441 -22.82 4.74 44.40
CA LEU D 441 -22.26 5.70 43.49
C LEU D 441 -20.79 6.00 43.76
N ASP D 442 -20.39 5.93 45.03
CA ASP D 442 -19.02 6.20 45.52
C ASP D 442 -18.10 4.96 45.22
N ASP D 443 -17.00 5.12 44.47
CA ASP D 443 -16.17 3.96 44.10
C ASP D 443 -14.99 3.73 45.06
N SER D 444 -14.95 4.48 46.14
CA SER D 444 -13.77 4.47 46.98
C SER D 444 -13.71 3.27 47.95
N LEU D 445 -12.48 2.82 48.21
CA LEU D 445 -12.09 1.96 49.33
C LEU D 445 -12.72 2.35 50.67
N GLU D 446 -12.70 3.63 51.01
CA GLU D 446 -13.15 4.03 52.33
C GLU D 446 -14.66 3.77 52.55
N ALA D 447 -15.44 4.19 51.57
CA ALA D 447 -16.86 3.98 51.53
C ALA D 447 -17.23 2.52 51.31
N TYR D 448 -16.34 1.73 50.72
CA TYR D 448 -16.69 0.35 50.50
C TYR D 448 -16.46 -0.43 51.78
N LEU D 449 -15.52 0.03 52.59
CA LEU D 449 -15.17 -0.73 53.77
C LEU D 449 -15.89 -0.36 55.11
N SER D 450 -16.71 0.72 55.12
CA SER D 450 -17.39 1.17 56.37
C SER D 450 -18.83 0.65 56.45
N ASP D 451 -19.79 1.41 57.04
CA ASP D 451 -21.26 1.06 56.99
C ASP D 451 -22.27 2.26 56.89
#